data_3ZIH
# 
_entry.id   3ZIH 
# 
_audit_conform.dict_name       mmcif_pdbx.dic 
_audit_conform.dict_version    5.391 
_audit_conform.dict_location   http://mmcif.pdb.org/dictionaries/ascii/mmcif_pdbx.dic 
# 
loop_
_database_2.database_id 
_database_2.database_code 
_database_2.pdbx_database_accession 
_database_2.pdbx_DOI 
PDB   3ZIH         pdb_00003zih 10.2210/pdb3zih/pdb 
PDBE  EBI-55359    ?            ?                   
WWPDB D_1290055359 ?            ?                   
# 
loop_
_pdbx_audit_revision_history.ordinal 
_pdbx_audit_revision_history.data_content_type 
_pdbx_audit_revision_history.major_revision 
_pdbx_audit_revision_history.minor_revision 
_pdbx_audit_revision_history.revision_date 
1 'Structure model' 1 0 2013-11-27 
2 'Structure model' 1 1 2013-12-11 
3 'Structure model' 1 2 2018-01-24 
4 'Structure model' 1 3 2024-05-08 
# 
_pdbx_audit_revision_details.ordinal             1 
_pdbx_audit_revision_details.revision_ordinal    1 
_pdbx_audit_revision_details.data_content_type   'Structure model' 
_pdbx_audit_revision_details.provider            repository 
_pdbx_audit_revision_details.type                'Initial release' 
_pdbx_audit_revision_details.description         ? 
_pdbx_audit_revision_details.details             ? 
# 
loop_
_pdbx_audit_revision_group.ordinal 
_pdbx_audit_revision_group.revision_ordinal 
_pdbx_audit_revision_group.data_content_type 
_pdbx_audit_revision_group.group 
1 2 'Structure model' 'Database references' 
2 3 'Structure model' 'Source and taxonomy' 
3 4 'Structure model' 'Data collection'     
4 4 'Structure model' 'Database references' 
5 4 'Structure model' Other                 
# 
loop_
_pdbx_audit_revision_category.ordinal 
_pdbx_audit_revision_category.revision_ordinal 
_pdbx_audit_revision_category.data_content_type 
_pdbx_audit_revision_category.category 
1 3 'Structure model' entity_src_gen       
2 4 'Structure model' chem_comp_atom       
3 4 'Structure model' chem_comp_bond       
4 4 'Structure model' database_2           
5 4 'Structure model' pdbx_database_status 
# 
loop_
_pdbx_audit_revision_item.ordinal 
_pdbx_audit_revision_item.revision_ordinal 
_pdbx_audit_revision_item.data_content_type 
_pdbx_audit_revision_item.item 
1 3 'Structure model' '_entity_src_gen.pdbx_host_org_ncbi_taxonomy_id' 
2 3 'Structure model' '_entity_src_gen.pdbx_host_org_scientific_name'  
3 3 'Structure model' '_entity_src_gen.pdbx_host_org_strain'           
4 4 'Structure model' '_database_2.pdbx_DOI'                           
5 4 'Structure model' '_database_2.pdbx_database_accession'            
6 4 'Structure model' '_pdbx_database_status.status_code_sf'           
# 
_pdbx_database_status.status_code                     REL 
_pdbx_database_status.entry_id                        3ZIH 
_pdbx_database_status.deposit_site                    PDBE 
_pdbx_database_status.process_site                    PDBE 
_pdbx_database_status.SG_entry                        . 
_pdbx_database_status.recvd_initial_deposition_date   2013-01-09 
_pdbx_database_status.pdb_format_compatible           Y 
_pdbx_database_status.status_code_sf                  REL 
_pdbx_database_status.status_code_mr                  ? 
_pdbx_database_status.status_code_cs                  ? 
_pdbx_database_status.methods_development_category    ? 
_pdbx_database_status.status_code_nmr_data            ? 
# 
loop_
_pdbx_database_related.db_name 
_pdbx_database_related.db_id 
_pdbx_database_related.content_type 
_pdbx_database_related.details 
PDB 3ZIE unspecified 'SEPF-LIKE PROTEIN FROM ARCHAEOGLOBUS FULGIDUS'   
PDB 3ZIG unspecified 'SEPF-LIKE PROTEIN FROM PYROCOCCUS FURIOSUS'      
PDB 3ZII unspecified 'BACILLUS SUBTILIS SEPF G109K, C-TERMINAL DOMAIN' 
# 
loop_
_audit_author.name 
_audit_author.pdbx_ordinal 
'Duman, R.E.'   1 
'Ishikawa, S.'  2 
'Celik, I.'     3 
'Ogasawara, N.' 4 
'Lowe, J.'      5 
'Hamoen, L.W.'  6 
# 
_citation.id                        primary 
_citation.title                     
'Structural and Genetic Analyses Reveal the Protein Sepf as a New Membrane Anchor for the Z Ring.' 
_citation.journal_abbrev            Proc.Natl.Acad.Sci.USA 
_citation.journal_volume            110 
_citation.page_first                E4601 
_citation.page_last                 ? 
_citation.year                      2013 
_citation.journal_id_ASTM           PNASA6 
_citation.country                   US 
_citation.journal_id_ISSN           0027-8424 
_citation.journal_id_CSD            0040 
_citation.book_publisher            ? 
_citation.pdbx_database_id_PubMed   24218584 
_citation.pdbx_database_id_DOI      10.1073/PNAS.1313978110 
# 
loop_
_citation_author.citation_id 
_citation_author.name 
_citation_author.ordinal 
_citation_author.identifier_ORCID 
primary 'Duman, R.'     1 ? 
primary 'Ishikawa, S.'  2 ? 
primary 'Celik, I.'     3 ? 
primary 'Strahl, H.'    4 ? 
primary 'Ogasawara, N.' 5 ? 
primary 'Troc, P.'      6 ? 
primary 'Lowe, J.'      7 ? 
primary 'Hamoen, L.W.'  8 ? 
# 
loop_
_entity.id 
_entity.type 
_entity.src_method 
_entity.pdbx_description 
_entity.formula_weight 
_entity.pdbx_number_of_molecules 
_entity.pdbx_ec 
_entity.pdbx_mutation 
_entity.pdbx_fragment 
_entity.details 
1 polymer man 'CELL DIVISION PROTEIN SEPF' 10674.944 2  ? ? 'C-TERMINAL DOMAIN, RESIDUES 57-151' ? 
2 water   nat water                        18.015    59 ? ? ?                                    ? 
# 
_entity_name_com.entity_id   1 
_entity_name_com.name        'SEPF FROM BACILLUS SUBTILIS' 
# 
_entity_poly.entity_id                      1 
_entity_poly.type                           'polypeptide(L)' 
_entity_poly.nstd_linkage                   no 
_entity_poly.nstd_monomer                   no 
_entity_poly.pdbx_seq_one_letter_code       
;SVQKSSKVVLSEPRVYAEAQEIADHLKNRRAVVVNLQRIQHDQAKRIVDFLSGTVYAIGGDIQRIGSDIFLCTPDNVDVS
GTISELISEDEHQRW
;
_entity_poly.pdbx_seq_one_letter_code_can   
;SVQKSSKVVLSEPRVYAEAQEIADHLKNRRAVVVNLQRIQHDQAKRIVDFLSGTVYAIGGDIQRIGSDIFLCTPDNVDVS
GTISELISEDEHQRW
;
_entity_poly.pdbx_strand_id                 A,B 
_entity_poly.pdbx_target_identifier         ? 
# 
_pdbx_entity_nonpoly.entity_id   2 
_pdbx_entity_nonpoly.name        water 
_pdbx_entity_nonpoly.comp_id     HOH 
# 
loop_
_entity_poly_seq.entity_id 
_entity_poly_seq.num 
_entity_poly_seq.mon_id 
_entity_poly_seq.hetero 
1 1  SER n 
1 2  VAL n 
1 3  GLN n 
1 4  LYS n 
1 5  SER n 
1 6  SER n 
1 7  LYS n 
1 8  VAL n 
1 9  VAL n 
1 10 LEU n 
1 11 SER n 
1 12 GLU n 
1 13 PRO n 
1 14 ARG n 
1 15 VAL n 
1 16 TYR n 
1 17 ALA n 
1 18 GLU n 
1 19 ALA n 
1 20 GLN n 
1 21 GLU n 
1 22 ILE n 
1 23 ALA n 
1 24 ASP n 
1 25 HIS n 
1 26 LEU n 
1 27 LYS n 
1 28 ASN n 
1 29 ARG n 
1 30 ARG n 
1 31 ALA n 
1 32 VAL n 
1 33 VAL n 
1 34 VAL n 
1 35 ASN n 
1 36 LEU n 
1 37 GLN n 
1 38 ARG n 
1 39 ILE n 
1 40 GLN n 
1 41 HIS n 
1 42 ASP n 
1 43 GLN n 
1 44 ALA n 
1 45 LYS n 
1 46 ARG n 
1 47 ILE n 
1 48 VAL n 
1 49 ASP n 
1 50 PHE n 
1 51 LEU n 
1 52 SER n 
1 53 GLY n 
1 54 THR n 
1 55 VAL n 
1 56 TYR n 
1 57 ALA n 
1 58 ILE n 
1 59 GLY n 
1 60 GLY n 
1 61 ASP n 
1 62 ILE n 
1 63 GLN n 
1 64 ARG n 
1 65 ILE n 
1 66 GLY n 
1 67 SER n 
1 68 ASP n 
1 69 ILE n 
1 70 PHE n 
1 71 LEU n 
1 72 CYS n 
1 73 THR n 
1 74 PRO n 
1 75 ASP n 
1 76 ASN n 
1 77 VAL n 
1 78 ASP n 
1 79 VAL n 
1 80 SER n 
1 81 GLY n 
1 82 THR n 
1 83 ILE n 
1 84 SER n 
1 85 GLU n 
1 86 LEU n 
1 87 ILE n 
1 88 SER n 
1 89 GLU n 
1 90 ASP n 
1 91 GLU n 
1 92 HIS n 
1 93 GLN n 
1 94 ARG n 
1 95 TRP n 
# 
_entity_src_gen.entity_id                          1 
_entity_src_gen.pdbx_src_id                        1 
_entity_src_gen.pdbx_alt_source_flag               sample 
_entity_src_gen.pdbx_seq_type                      ? 
_entity_src_gen.pdbx_beg_seq_num                   ? 
_entity_src_gen.pdbx_end_seq_num                   ? 
_entity_src_gen.gene_src_common_name               ? 
_entity_src_gen.gene_src_genus                     ? 
_entity_src_gen.pdbx_gene_src_gene                 ? 
_entity_src_gen.gene_src_species                   ? 
_entity_src_gen.gene_src_strain                    ? 
_entity_src_gen.gene_src_tissue                    ? 
_entity_src_gen.gene_src_tissue_fraction           ? 
_entity_src_gen.gene_src_details                   ? 
_entity_src_gen.pdbx_gene_src_fragment             ? 
_entity_src_gen.pdbx_gene_src_scientific_name      'BACILLUS SUBTILIS' 
_entity_src_gen.pdbx_gene_src_ncbi_taxonomy_id     1423 
_entity_src_gen.pdbx_gene_src_variant              ? 
_entity_src_gen.pdbx_gene_src_cell_line            ? 
_entity_src_gen.pdbx_gene_src_atcc                 ? 
_entity_src_gen.pdbx_gene_src_organ                ? 
_entity_src_gen.pdbx_gene_src_organelle            ? 
_entity_src_gen.pdbx_gene_src_cell                 ? 
_entity_src_gen.pdbx_gene_src_cellular_location    ? 
_entity_src_gen.host_org_common_name               ? 
_entity_src_gen.pdbx_host_org_scientific_name      'ESCHERICHIA COLI BL21(DE3)' 
_entity_src_gen.pdbx_host_org_ncbi_taxonomy_id     469008 
_entity_src_gen.host_org_genus                     ? 
_entity_src_gen.pdbx_host_org_gene                 ? 
_entity_src_gen.pdbx_host_org_organ                ? 
_entity_src_gen.host_org_species                   ? 
_entity_src_gen.pdbx_host_org_tissue               ? 
_entity_src_gen.pdbx_host_org_tissue_fraction      ? 
_entity_src_gen.pdbx_host_org_strain               ? 
_entity_src_gen.pdbx_host_org_variant              C41 
_entity_src_gen.pdbx_host_org_cell_line            ? 
_entity_src_gen.pdbx_host_org_atcc                 ? 
_entity_src_gen.pdbx_host_org_culture_collection   ? 
_entity_src_gen.pdbx_host_org_cell                 ? 
_entity_src_gen.pdbx_host_org_organelle            ? 
_entity_src_gen.pdbx_host_org_cellular_location    ? 
_entity_src_gen.pdbx_host_org_vector_type          PLASMID 
_entity_src_gen.pdbx_host_org_vector               PHIS17 
_entity_src_gen.host_org_details                   ? 
_entity_src_gen.expression_system_id               ? 
_entity_src_gen.plasmid_name                       ? 
_entity_src_gen.plasmid_details                    ? 
_entity_src_gen.pdbx_description                   ? 
# 
loop_
_chem_comp.id 
_chem_comp.type 
_chem_comp.mon_nstd_flag 
_chem_comp.name 
_chem_comp.pdbx_synonyms 
_chem_comp.formula 
_chem_comp.formula_weight 
ALA 'L-peptide linking' y ALANINE         ? 'C3 H7 N O2'     89.093  
ARG 'L-peptide linking' y ARGININE        ? 'C6 H15 N4 O2 1' 175.209 
ASN 'L-peptide linking' y ASPARAGINE      ? 'C4 H8 N2 O3'    132.118 
ASP 'L-peptide linking' y 'ASPARTIC ACID' ? 'C4 H7 N O4'     133.103 
CYS 'L-peptide linking' y CYSTEINE        ? 'C3 H7 N O2 S'   121.158 
GLN 'L-peptide linking' y GLUTAMINE       ? 'C5 H10 N2 O3'   146.144 
GLU 'L-peptide linking' y 'GLUTAMIC ACID' ? 'C5 H9 N O4'     147.129 
GLY 'peptide linking'   y GLYCINE         ? 'C2 H5 N O2'     75.067  
HIS 'L-peptide linking' y HISTIDINE       ? 'C6 H10 N3 O2 1' 156.162 
HOH non-polymer         . WATER           ? 'H2 O'           18.015  
ILE 'L-peptide linking' y ISOLEUCINE      ? 'C6 H13 N O2'    131.173 
LEU 'L-peptide linking' y LEUCINE         ? 'C6 H13 N O2'    131.173 
LYS 'L-peptide linking' y LYSINE          ? 'C6 H15 N2 O2 1' 147.195 
PHE 'L-peptide linking' y PHENYLALANINE   ? 'C9 H11 N O2'    165.189 
PRO 'L-peptide linking' y PROLINE         ? 'C5 H9 N O2'     115.130 
SER 'L-peptide linking' y SERINE          ? 'C3 H7 N O3'     105.093 
THR 'L-peptide linking' y THREONINE       ? 'C4 H9 N O3'     119.119 
TRP 'L-peptide linking' y TRYPTOPHAN      ? 'C11 H12 N2 O2'  204.225 
TYR 'L-peptide linking' y TYROSINE        ? 'C9 H11 N O3'    181.189 
VAL 'L-peptide linking' y VALINE          ? 'C5 H11 N O2'    117.146 
# 
loop_
_pdbx_poly_seq_scheme.asym_id 
_pdbx_poly_seq_scheme.entity_id 
_pdbx_poly_seq_scheme.seq_id 
_pdbx_poly_seq_scheme.mon_id 
_pdbx_poly_seq_scheme.ndb_seq_num 
_pdbx_poly_seq_scheme.pdb_seq_num 
_pdbx_poly_seq_scheme.auth_seq_num 
_pdbx_poly_seq_scheme.pdb_mon_id 
_pdbx_poly_seq_scheme.auth_mon_id 
_pdbx_poly_seq_scheme.pdb_strand_id 
_pdbx_poly_seq_scheme.pdb_ins_code 
_pdbx_poly_seq_scheme.hetero 
A 1 1  SER 1  57  ?   ?   ?   A . n 
A 1 2  VAL 2  58  ?   ?   ?   A . n 
A 1 3  GLN 3  59  ?   ?   ?   A . n 
A 1 4  LYS 4  60  ?   ?   ?   A . n 
A 1 5  SER 5  61  61  SER SER A . n 
A 1 6  SER 6  62  62  SER SER A . n 
A 1 7  LYS 7  63  63  LYS LYS A . n 
A 1 8  VAL 8  64  64  VAL VAL A . n 
A 1 9  VAL 9  65  65  VAL VAL A . n 
A 1 10 LEU 10 66  66  LEU LEU A . n 
A 1 11 SER 11 67  67  SER SER A . n 
A 1 12 GLU 12 68  68  GLU GLU A . n 
A 1 13 PRO 13 69  69  PRO PRO A . n 
A 1 14 ARG 14 70  70  ARG ARG A . n 
A 1 15 VAL 15 71  71  VAL VAL A . n 
A 1 16 TYR 16 72  72  TYR TYR A . n 
A 1 17 ALA 17 73  73  ALA ALA A . n 
A 1 18 GLU 18 74  74  GLU GLU A . n 
A 1 19 ALA 19 75  75  ALA ALA A . n 
A 1 20 GLN 20 76  76  GLN GLN A . n 
A 1 21 GLU 21 77  77  GLU GLU A . n 
A 1 22 ILE 22 78  78  ILE ILE A . n 
A 1 23 ALA 23 79  79  ALA ALA A . n 
A 1 24 ASP 24 80  80  ASP ASP A . n 
A 1 25 HIS 25 81  81  HIS HIS A . n 
A 1 26 LEU 26 82  82  LEU LEU A . n 
A 1 27 LYS 27 83  83  LYS LYS A . n 
A 1 28 ASN 28 84  84  ASN ASN A . n 
A 1 29 ARG 29 85  85  ARG ARG A . n 
A 1 30 ARG 30 86  86  ARG ARG A . n 
A 1 31 ALA 31 87  87  ALA ALA A . n 
A 1 32 VAL 32 88  88  VAL VAL A . n 
A 1 33 VAL 33 89  89  VAL VAL A . n 
A 1 34 VAL 34 90  90  VAL VAL A . n 
A 1 35 ASN 35 91  91  ASN ASN A . n 
A 1 36 LEU 36 92  92  LEU LEU A . n 
A 1 37 GLN 37 93  93  GLN GLN A . n 
A 1 38 ARG 38 94  94  ARG ARG A . n 
A 1 39 ILE 39 95  95  ILE ILE A . n 
A 1 40 GLN 40 96  96  GLN GLN A . n 
A 1 41 HIS 41 97  97  HIS HIS A . n 
A 1 42 ASP 42 98  98  ASP ASP A . n 
A 1 43 GLN 43 99  99  GLN GLN A . n 
A 1 44 ALA 44 100 100 ALA ALA A . n 
A 1 45 LYS 45 101 101 LYS LYS A . n 
A 1 46 ARG 46 102 102 ARG ARG A . n 
A 1 47 ILE 47 103 103 ILE ILE A . n 
A 1 48 VAL 48 104 104 VAL VAL A . n 
A 1 49 ASP 49 105 105 ASP ASP A . n 
A 1 50 PHE 50 106 106 PHE PHE A . n 
A 1 51 LEU 51 107 107 LEU LEU A . n 
A 1 52 SER 52 108 108 SER SER A . n 
A 1 53 GLY 53 109 109 GLY GLY A . n 
A 1 54 THR 54 110 110 THR THR A . n 
A 1 55 VAL 55 111 111 VAL VAL A . n 
A 1 56 TYR 56 112 112 TYR TYR A . n 
A 1 57 ALA 57 113 113 ALA ALA A . n 
A 1 58 ILE 58 114 114 ILE ILE A . n 
A 1 59 GLY 59 115 115 GLY GLY A . n 
A 1 60 GLY 60 116 116 GLY GLY A . n 
A 1 61 ASP 61 117 117 ASP ASP A . n 
A 1 62 ILE 62 118 118 ILE ILE A . n 
A 1 63 GLN 63 119 119 GLN GLN A . n 
A 1 64 ARG 64 120 120 ARG ARG A . n 
A 1 65 ILE 65 121 121 ILE ILE A . n 
A 1 66 GLY 66 122 122 GLY GLY A . n 
A 1 67 SER 67 123 123 SER SER A . n 
A 1 68 ASP 68 124 124 ASP ASP A . n 
A 1 69 ILE 69 125 125 ILE ILE A . n 
A 1 70 PHE 70 126 126 PHE PHE A . n 
A 1 71 LEU 71 127 127 LEU LEU A . n 
A 1 72 CYS 72 128 128 CYS CYS A . n 
A 1 73 THR 73 129 129 THR THR A . n 
A 1 74 PRO 74 130 130 PRO PRO A . n 
A 1 75 ASP 75 131 131 ASP ASP A . n 
A 1 76 ASN 76 132 132 ASN ASN A . n 
A 1 77 VAL 77 133 133 VAL VAL A . n 
A 1 78 ASP 78 134 134 ASP ASP A . n 
A 1 79 VAL 79 135 135 VAL VAL A . n 
A 1 80 SER 80 136 136 SER SER A . n 
A 1 81 GLY 81 137 137 GLY GLY A . n 
A 1 82 THR 82 138 138 THR THR A . n 
A 1 83 ILE 83 139 139 ILE ILE A . n 
A 1 84 SER 84 140 ?   ?   ?   A . n 
A 1 85 GLU 85 141 ?   ?   ?   A . n 
A 1 86 LEU 86 142 ?   ?   ?   A . n 
A 1 87 ILE 87 143 ?   ?   ?   A . n 
A 1 88 SER 88 144 ?   ?   ?   A . n 
A 1 89 GLU 89 145 ?   ?   ?   A . n 
A 1 90 ASP 90 146 ?   ?   ?   A . n 
A 1 91 GLU 91 147 ?   ?   ?   A . n 
A 1 92 HIS 92 148 ?   ?   ?   A . n 
A 1 93 GLN 93 149 ?   ?   ?   A . n 
A 1 94 ARG 94 150 ?   ?   ?   A . n 
A 1 95 TRP 95 151 ?   ?   ?   A . n 
B 1 1  SER 1  57  ?   ?   ?   B . n 
B 1 2  VAL 2  58  ?   ?   ?   B . n 
B 1 3  GLN 3  59  ?   ?   ?   B . n 
B 1 4  LYS 4  60  ?   ?   ?   B . n 
B 1 5  SER 5  61  61  SER SER B . n 
B 1 6  SER 6  62  62  SER SER B . n 
B 1 7  LYS 7  63  63  LYS LYS B . n 
B 1 8  VAL 8  64  64  VAL VAL B . n 
B 1 9  VAL 9  65  65  VAL VAL B . n 
B 1 10 LEU 10 66  66  LEU LEU B . n 
B 1 11 SER 11 67  67  SER SER B . n 
B 1 12 GLU 12 68  68  GLU GLU B . n 
B 1 13 PRO 13 69  69  PRO PRO B . n 
B 1 14 ARG 14 70  70  ARG ARG B . n 
B 1 15 VAL 15 71  71  VAL VAL B . n 
B 1 16 TYR 16 72  72  TYR TYR B . n 
B 1 17 ALA 17 73  73  ALA ALA B . n 
B 1 18 GLU 18 74  74  GLU GLU B . n 
B 1 19 ALA 19 75  75  ALA ALA B . n 
B 1 20 GLN 20 76  76  GLN GLN B . n 
B 1 21 GLU 21 77  77  GLU GLU B . n 
B 1 22 ILE 22 78  78  ILE ILE B . n 
B 1 23 ALA 23 79  79  ALA ALA B . n 
B 1 24 ASP 24 80  80  ASP ASP B . n 
B 1 25 HIS 25 81  81  HIS HIS B . n 
B 1 26 LEU 26 82  82  LEU LEU B . n 
B 1 27 LYS 27 83  83  LYS LYS B . n 
B 1 28 ASN 28 84  84  ASN ASN B . n 
B 1 29 ARG 29 85  85  ARG ARG B . n 
B 1 30 ARG 30 86  86  ARG ARG B . n 
B 1 31 ALA 31 87  87  ALA ALA B . n 
B 1 32 VAL 32 88  88  VAL VAL B . n 
B 1 33 VAL 33 89  89  VAL VAL B . n 
B 1 34 VAL 34 90  90  VAL VAL B . n 
B 1 35 ASN 35 91  91  ASN ASN B . n 
B 1 36 LEU 36 92  92  LEU LEU B . n 
B 1 37 GLN 37 93  93  GLN GLN B . n 
B 1 38 ARG 38 94  94  ARG ARG B . n 
B 1 39 ILE 39 95  95  ILE ILE B . n 
B 1 40 GLN 40 96  96  GLN GLN B . n 
B 1 41 HIS 41 97  97  HIS HIS B . n 
B 1 42 ASP 42 98  98  ASP ASP B . n 
B 1 43 GLN 43 99  99  GLN GLN B . n 
B 1 44 ALA 44 100 100 ALA ALA B . n 
B 1 45 LYS 45 101 101 LYS LYS B . n 
B 1 46 ARG 46 102 102 ARG ARG B . n 
B 1 47 ILE 47 103 103 ILE ILE B . n 
B 1 48 VAL 48 104 104 VAL VAL B . n 
B 1 49 ASP 49 105 105 ASP ASP B . n 
B 1 50 PHE 50 106 106 PHE PHE B . n 
B 1 51 LEU 51 107 107 LEU LEU B . n 
B 1 52 SER 52 108 108 SER SER B . n 
B 1 53 GLY 53 109 109 GLY GLY B . n 
B 1 54 THR 54 110 110 THR THR B . n 
B 1 55 VAL 55 111 111 VAL VAL B . n 
B 1 56 TYR 56 112 112 TYR TYR B . n 
B 1 57 ALA 57 113 113 ALA ALA B . n 
B 1 58 ILE 58 114 114 ILE ILE B . n 
B 1 59 GLY 59 115 115 GLY GLY B . n 
B 1 60 GLY 60 116 116 GLY GLY B . n 
B 1 61 ASP 61 117 117 ASP ASP B . n 
B 1 62 ILE 62 118 118 ILE ILE B . n 
B 1 63 GLN 63 119 119 GLN GLN B . n 
B 1 64 ARG 64 120 120 ARG ARG B . n 
B 1 65 ILE 65 121 121 ILE ILE B . n 
B 1 66 GLY 66 122 122 GLY GLY B . n 
B 1 67 SER 67 123 123 SER SER B . n 
B 1 68 ASP 68 124 124 ASP ASP B . n 
B 1 69 ILE 69 125 125 ILE ILE B . n 
B 1 70 PHE 70 126 126 PHE PHE B . n 
B 1 71 LEU 71 127 127 LEU LEU B . n 
B 1 72 CYS 72 128 128 CYS CYS B . n 
B 1 73 THR 73 129 129 THR THR B . n 
B 1 74 PRO 74 130 130 PRO PRO B . n 
B 1 75 ASP 75 131 131 ASP ASP B . n 
B 1 76 ASN 76 132 132 ASN ASN B . n 
B 1 77 VAL 77 133 133 VAL VAL B . n 
B 1 78 ASP 78 134 134 ASP ASP B . n 
B 1 79 VAL 79 135 135 VAL VAL B . n 
B 1 80 SER 80 136 136 SER SER B . n 
B 1 81 GLY 81 137 137 GLY GLY B . n 
B 1 82 THR 82 138 138 THR THR B . n 
B 1 83 ILE 83 139 139 ILE ILE B . n 
B 1 84 SER 84 140 140 SER SER B . n 
B 1 85 GLU 85 141 ?   ?   ?   B . n 
B 1 86 LEU 86 142 ?   ?   ?   B . n 
B 1 87 ILE 87 143 ?   ?   ?   B . n 
B 1 88 SER 88 144 ?   ?   ?   B . n 
B 1 89 GLU 89 145 ?   ?   ?   B . n 
B 1 90 ASP 90 146 ?   ?   ?   B . n 
B 1 91 GLU 91 147 ?   ?   ?   B . n 
B 1 92 HIS 92 148 ?   ?   ?   B . n 
B 1 93 GLN 93 149 ?   ?   ?   B . n 
B 1 94 ARG 94 150 ?   ?   ?   B . n 
B 1 95 TRP 95 151 ?   ?   ?   B . n 
# 
loop_
_pdbx_nonpoly_scheme.asym_id 
_pdbx_nonpoly_scheme.entity_id 
_pdbx_nonpoly_scheme.mon_id 
_pdbx_nonpoly_scheme.ndb_seq_num 
_pdbx_nonpoly_scheme.pdb_seq_num 
_pdbx_nonpoly_scheme.auth_seq_num 
_pdbx_nonpoly_scheme.pdb_mon_id 
_pdbx_nonpoly_scheme.auth_mon_id 
_pdbx_nonpoly_scheme.pdb_strand_id 
_pdbx_nonpoly_scheme.pdb_ins_code 
C 2 HOH 1  2001 2001 HOH HOH A . 
C 2 HOH 2  2002 2002 HOH HOH A . 
C 2 HOH 3  2003 2003 HOH HOH A . 
C 2 HOH 4  2004 2004 HOH HOH A . 
C 2 HOH 5  2005 2005 HOH HOH A . 
C 2 HOH 6  2006 2006 HOH HOH A . 
C 2 HOH 7  2007 2007 HOH HOH A . 
C 2 HOH 8  2008 2008 HOH HOH A . 
C 2 HOH 9  2009 2009 HOH HOH A . 
C 2 HOH 10 2010 2010 HOH HOH A . 
C 2 HOH 11 2011 2011 HOH HOH A . 
C 2 HOH 12 2012 2012 HOH HOH A . 
C 2 HOH 13 2013 2013 HOH HOH A . 
C 2 HOH 14 2014 2014 HOH HOH A . 
C 2 HOH 15 2015 2015 HOH HOH A . 
C 2 HOH 16 2016 2016 HOH HOH A . 
C 2 HOH 17 2017 2017 HOH HOH A . 
C 2 HOH 18 2018 2018 HOH HOH A . 
C 2 HOH 19 2019 2019 HOH HOH A . 
C 2 HOH 20 2020 2020 HOH HOH A . 
C 2 HOH 21 2021 2021 HOH HOH A . 
C 2 HOH 22 2022 2022 HOH HOH A . 
C 2 HOH 23 2023 2023 HOH HOH A . 
C 2 HOH 24 2024 2024 HOH HOH A . 
C 2 HOH 25 2025 2025 HOH HOH A . 
C 2 HOH 26 2026 2026 HOH HOH A . 
C 2 HOH 27 2027 2027 HOH HOH A . 
C 2 HOH 28 2028 2028 HOH HOH A . 
C 2 HOH 29 2029 2029 HOH HOH A . 
C 2 HOH 30 2030 2030 HOH HOH A . 
C 2 HOH 31 2031 2031 HOH HOH A . 
C 2 HOH 32 2032 2032 HOH HOH A . 
C 2 HOH 33 2033 2033 HOH HOH A . 
C 2 HOH 34 2034 2034 HOH HOH A . 
C 2 HOH 35 2035 2035 HOH HOH A . 
C 2 HOH 36 2036 2036 HOH HOH A . 
C 2 HOH 37 2037 2037 HOH HOH A . 
C 2 HOH 38 2038 2038 HOH HOH A . 
D 2 HOH 1  2001 2001 HOH HOH B . 
D 2 HOH 2  2002 2002 HOH HOH B . 
D 2 HOH 3  2003 2003 HOH HOH B . 
D 2 HOH 4  2004 2004 HOH HOH B . 
D 2 HOH 5  2005 2005 HOH HOH B . 
D 2 HOH 6  2006 2006 HOH HOH B . 
D 2 HOH 7  2007 2007 HOH HOH B . 
D 2 HOH 8  2008 2008 HOH HOH B . 
D 2 HOH 9  2009 2009 HOH HOH B . 
D 2 HOH 10 2010 2010 HOH HOH B . 
D 2 HOH 11 2011 2011 HOH HOH B . 
D 2 HOH 12 2012 2012 HOH HOH B . 
D 2 HOH 13 2013 2013 HOH HOH B . 
D 2 HOH 14 2014 2014 HOH HOH B . 
D 2 HOH 15 2015 2015 HOH HOH B . 
D 2 HOH 16 2016 2016 HOH HOH B . 
D 2 HOH 17 2017 2017 HOH HOH B . 
D 2 HOH 18 2018 2018 HOH HOH B . 
D 2 HOH 19 2019 2019 HOH HOH B . 
D 2 HOH 20 2020 2020 HOH HOH B . 
D 2 HOH 21 2021 2021 HOH HOH B . 
# 
loop_
_software.name 
_software.classification 
_software.version 
_software.citation_id 
_software.pdbx_ordinal 
REFMAC refinement       5.5.0109 ? 1 
MOSFLM 'data reduction' .        ? 2 
SCALA  'data scaling'   .        ? 3 
PHASER phasing          .        ? 4 
# 
_cell.entry_id           3ZIH 
_cell.length_a           40.456 
_cell.length_b           40.456 
_cell.length_c           170.331 
_cell.angle_alpha        90.00 
_cell.angle_beta         90.00 
_cell.angle_gamma        120.00 
_cell.Z_PDB              12 
_cell.pdbx_unique_axis   ? 
# 
_symmetry.entry_id                         3ZIH 
_symmetry.space_group_name_H-M             'P 32 2 1' 
_symmetry.pdbx_full_space_group_name_H-M   ? 
_symmetry.cell_setting                     ? 
_symmetry.Int_Tables_number                154 
# 
_exptl.entry_id          3ZIH 
_exptl.method            'X-RAY DIFFRACTION' 
_exptl.crystals_number   1 
# 
_exptl_crystal.id                    1 
_exptl_crystal.density_meas          ? 
_exptl_crystal.density_Matthews      1.97 
_exptl_crystal.density_percent_sol   37.68 
_exptl_crystal.description           NONE 
# 
_exptl_crystal_grow.crystal_id      1 
_exptl_crystal_grow.method          ? 
_exptl_crystal_grow.temp            ? 
_exptl_crystal_grow.temp_details    ? 
_exptl_crystal_grow.pH              ? 
_exptl_crystal_grow.pdbx_pH_range   ? 
_exptl_crystal_grow.pdbx_details    '30% PEG 8000, 0.2 M AMMONIUM SULPHATE' 
# 
_diffrn.id                     1 
_diffrn.ambient_temp           100 
_diffrn.ambient_temp_details   ? 
_diffrn.crystal_id             1 
# 
_diffrn_detector.diffrn_id              1 
_diffrn_detector.detector               CCD 
_diffrn_detector.type                   'ADSC QUANTUM 315r' 
_diffrn_detector.pdbx_collection_date   2009-04-15 
_diffrn_detector.details                ? 
# 
_diffrn_radiation.diffrn_id                        1 
_diffrn_radiation.wavelength_id                    1 
_diffrn_radiation.pdbx_monochromatic_or_laue_m_l   M 
_diffrn_radiation.monochromator                    ? 
_diffrn_radiation.pdbx_diffrn_protocol             'SINGLE WAVELENGTH' 
_diffrn_radiation.pdbx_scattering_type             x-ray 
# 
_diffrn_radiation_wavelength.id           1 
_diffrn_radiation_wavelength.wavelength   0.97620 
_diffrn_radiation_wavelength.wt           1.0 
# 
_diffrn_source.diffrn_id                   1 
_diffrn_source.source                      SYNCHROTRON 
_diffrn_source.type                        'ESRF BEAMLINE ID29' 
_diffrn_source.pdbx_synchrotron_site       ESRF 
_diffrn_source.pdbx_synchrotron_beamline   ID29 
_diffrn_source.pdbx_wavelength             0.97620 
_diffrn_source.pdbx_wavelength_list        ? 
# 
_reflns.pdbx_diffrn_id               1 
_reflns.pdbx_ordinal                 1 
_reflns.entry_id                     3ZIH 
_reflns.observed_criterion_sigma_I   2.0 
_reflns.observed_criterion_sigma_F   ? 
_reflns.d_resolution_low             42.58 
_reflns.d_resolution_high            1.90 
_reflns.number_obs                   13575 
_reflns.number_all                   ? 
_reflns.percent_possible_obs         99.9 
_reflns.pdbx_Rmerge_I_obs            0.09 
_reflns.pdbx_Rsym_value              ? 
_reflns.pdbx_netI_over_sigmaI        14.50 
_reflns.B_iso_Wilson_estimate        ? 
_reflns.pdbx_redundancy              9.6 
# 
_reflns_shell.pdbx_diffrn_id         1 
_reflns_shell.pdbx_ordinal           1 
_reflns_shell.d_res_high             1.90 
_reflns_shell.d_res_low              2.00 
_reflns_shell.percent_possible_all   99.9 
_reflns_shell.Rmerge_I_obs           0.42 
_reflns_shell.pdbx_Rsym_value        ? 
_reflns_shell.meanI_over_sigI_obs    4.50 
_reflns_shell.pdbx_redundancy        8.6 
# 
_refine.pdbx_refine_id                           'X-RAY DIFFRACTION' 
_refine.entry_id                                 3ZIH 
_refine.pdbx_diffrn_id                           1 
_refine.pdbx_TLS_residual_ADP_flag               ? 
_refine.ls_number_reflns_obs                     11067 
_refine.ls_number_reflns_all                     ? 
_refine.pdbx_ls_sigma_I                          ? 
_refine.pdbx_ls_sigma_F                          . 
_refine.pdbx_data_cutoff_high_absF               ? 
_refine.pdbx_data_cutoff_low_absF                ? 
_refine.pdbx_data_cutoff_high_rms_absF           ? 
_refine.ls_d_res_low                             50.00 
_refine.ls_d_res_high                            2.00 
_refine.ls_percent_reflns_obs                    99.76 
_refine.ls_R_factor_obs                          0.18761 
_refine.ls_R_factor_all                          ? 
_refine.ls_R_factor_R_work                       0.18447 
_refine.ls_R_factor_R_free                       0.24596 
_refine.ls_R_factor_R_free_error                 ? 
_refine.ls_R_factor_R_free_error_details         ? 
_refine.ls_percent_reflns_R_free                 5.0 
_refine.ls_number_reflns_R_free                  587 
_refine.ls_number_parameters                     ? 
_refine.ls_number_restraints                     ? 
_refine.occupancy_min                            ? 
_refine.occupancy_max                            ? 
_refine.correlation_coeff_Fo_to_Fc               0.953 
_refine.correlation_coeff_Fo_to_Fc_free          0.923 
_refine.B_iso_mean                               23.937 
_refine.aniso_B[1][1]                            0.71 
_refine.aniso_B[2][2]                            0.71 
_refine.aniso_B[3][3]                            -1.07 
_refine.aniso_B[1][2]                            0.36 
_refine.aniso_B[1][3]                            0.00 
_refine.aniso_B[2][3]                            0.00 
_refine.solvent_model_details                    'BABINET MODEL WITH MASK' 
_refine.solvent_model_param_ksol                 ? 
_refine.solvent_model_param_bsol                 ? 
_refine.pdbx_solvent_vdw_probe_radii             1.40 
_refine.pdbx_solvent_ion_probe_radii             0.80 
_refine.pdbx_solvent_shrinkage_radii             0.80 
_refine.pdbx_ls_cross_valid_method               THROUGHOUT 
_refine.details                                  'HYDROGENS HAVE BEEN ADDED IN THE RIDING POSITIONS.' 
_refine.pdbx_starting_model                      ? 
_refine.pdbx_method_to_determine_struct          'MOLECULAR REPLACEMENT' 
_refine.pdbx_isotropic_thermal_model             ? 
_refine.pdbx_stereochemistry_target_values       'MAXIMUM LIKELIHOOD' 
_refine.pdbx_stereochem_target_val_spec_case     ? 
_refine.pdbx_R_Free_selection_details            RANDOM 
_refine.pdbx_overall_ESU_R                       0.175 
_refine.pdbx_overall_ESU_R_Free                  0.171 
_refine.overall_SU_ML                            0.113 
_refine.pdbx_overall_phase_error                 ? 
_refine.overall_SU_B                             4.042 
_refine.overall_SU_R_Cruickshank_DPI             ? 
_refine.pdbx_overall_SU_R_free_Cruickshank_DPI   ? 
_refine.pdbx_overall_SU_R_Blow_DPI               ? 
_refine.pdbx_overall_SU_R_free_Blow_DPI          ? 
# 
_refine_hist.pdbx_refine_id                   'X-RAY DIFFRACTION' 
_refine_hist.cycle_id                         LAST 
_refine_hist.pdbx_number_atoms_protein        1230 
_refine_hist.pdbx_number_atoms_nucleic_acid   0 
_refine_hist.pdbx_number_atoms_ligand         0 
_refine_hist.number_atoms_solvent             59 
_refine_hist.number_atoms_total               1289 
_refine_hist.d_res_high                       2.00 
_refine_hist.d_res_low                        50.00 
# 
loop_
_refine_ls_restr.type 
_refine_ls_restr.dev_ideal 
_refine_ls_restr.dev_ideal_target 
_refine_ls_restr.weight 
_refine_ls_restr.number 
_refine_ls_restr.pdbx_refine_id 
_refine_ls_restr.pdbx_restraint_function 
r_bond_refined_d             0.024  0.022  ? 1244 'X-RAY DIFFRACTION' ? 
r_bond_other_d               0.001  0.020  ? 832  'X-RAY DIFFRACTION' ? 
r_angle_refined_deg          1.815  1.949  ? 1684 'X-RAY DIFFRACTION' ? 
r_angle_other_deg            1.106  3.000  ? 2028 'X-RAY DIFFRACTION' ? 
r_dihedral_angle_1_deg       5.612  5.000  ? 157  'X-RAY DIFFRACTION' ? 
r_dihedral_angle_2_deg       37.039 24.000 ? 60   'X-RAY DIFFRACTION' ? 
r_dihedral_angle_3_deg       14.229 15.000 ? 217  'X-RAY DIFFRACTION' ? 
r_dihedral_angle_4_deg       18.606 15.000 ? 12   'X-RAY DIFFRACTION' ? 
r_chiral_restr               0.132  0.200  ? 201  'X-RAY DIFFRACTION' ? 
r_gen_planes_refined         0.008  0.020  ? 1391 'X-RAY DIFFRACTION' ? 
r_gen_planes_other           0.001  0.020  ? 245  'X-RAY DIFFRACTION' ? 
r_nbd_refined                ?      ?      ? ?    'X-RAY DIFFRACTION' ? 
r_nbd_other                  ?      ?      ? ?    'X-RAY DIFFRACTION' ? 
r_nbtor_refined              ?      ?      ? ?    'X-RAY DIFFRACTION' ? 
r_nbtor_other                ?      ?      ? ?    'X-RAY DIFFRACTION' ? 
r_xyhbond_nbd_refined        ?      ?      ? ?    'X-RAY DIFFRACTION' ? 
r_xyhbond_nbd_other          ?      ?      ? ?    'X-RAY DIFFRACTION' ? 
r_metal_ion_refined          ?      ?      ? ?    'X-RAY DIFFRACTION' ? 
r_metal_ion_other            ?      ?      ? ?    'X-RAY DIFFRACTION' ? 
r_symmetry_vdw_refined       ?      ?      ? ?    'X-RAY DIFFRACTION' ? 
r_symmetry_vdw_other         ?      ?      ? ?    'X-RAY DIFFRACTION' ? 
r_symmetry_hbond_refined     ?      ?      ? ?    'X-RAY DIFFRACTION' ? 
r_symmetry_hbond_other       ?      ?      ? ?    'X-RAY DIFFRACTION' ? 
r_symmetry_metal_ion_refined ?      ?      ? ?    'X-RAY DIFFRACTION' ? 
r_symmetry_metal_ion_other   ?      ?      ? ?    'X-RAY DIFFRACTION' ? 
r_mcbond_it                  1.467  3.500  ? 787  'X-RAY DIFFRACTION' ? 
r_mcbond_other               0.462  3.500  ? 322  'X-RAY DIFFRACTION' ? 
r_mcangle_it                 2.566  4.000  ? 1278 'X-RAY DIFFRACTION' ? 
r_mcangle_other              ?      ?      ? ?    'X-RAY DIFFRACTION' ? 
r_scbond_it                  3.091  5.000  ? 457  'X-RAY DIFFRACTION' ? 
r_scbond_other               ?      ?      ? ?    'X-RAY DIFFRACTION' ? 
r_scangle_it                 5.295  6.500  ? 406  'X-RAY DIFFRACTION' ? 
r_scangle_other              ?      ?      ? ?    'X-RAY DIFFRACTION' ? 
r_long_range_B_refined       ?      ?      ? ?    'X-RAY DIFFRACTION' ? 
r_long_range_B_other         ?      ?      ? ?    'X-RAY DIFFRACTION' ? 
r_rigid_bond_restr           ?      ?      ? ?    'X-RAY DIFFRACTION' ? 
r_sphericity_free            ?      ?      ? ?    'X-RAY DIFFRACTION' ? 
r_sphericity_bonded          ?      ?      ? ?    'X-RAY DIFFRACTION' ? 
# 
loop_
_refine_ls_restr_ncs.dom_id 
_refine_ls_restr_ncs.pdbx_auth_asym_id 
_refine_ls_restr_ncs.pdbx_number 
_refine_ls_restr_ncs.rms_dev_position 
_refine_ls_restr_ncs.weight_position 
_refine_ls_restr_ncs.pdbx_type 
_refine_ls_restr_ncs.pdbx_ens_id 
_refine_ls_restr_ncs.pdbx_ordinal 
_refine_ls_restr_ncs.pdbx_refine_id 
_refine_ls_restr_ncs.ncs_model_details 
_refine_ls_restr_ncs.rms_dev_B_iso 
_refine_ls_restr_ncs.weight_B_iso 
_refine_ls_restr_ncs.pdbx_asym_id 
_refine_ls_restr_ncs.pdbx_rms 
_refine_ls_restr_ncs.pdbx_weight 
1 A 896 0.55 0.50 'medium positional' 1 1 'X-RAY DIFFRACTION' ? ? ? ? ? ? 
2 B 896 0.55 0.50 'medium positional' 1 2 'X-RAY DIFFRACTION' ? ? ? ? ? ? 
1 A 896 1.36 2.00 'medium thermal'    1 3 'X-RAY DIFFRACTION' ? ? ? ? ? ? 
2 B 896 1.36 2.00 'medium thermal'    1 4 'X-RAY DIFFRACTION' ? ? ? ? ? ? 
# 
_refine_ls_shell.pdbx_refine_id                   'X-RAY DIFFRACTION' 
_refine_ls_shell.pdbx_total_number_of_bins_used   20 
_refine_ls_shell.d_res_high                       2.000 
_refine_ls_shell.d_res_low                        2.052 
_refine_ls_shell.number_reflns_R_work             810 
_refine_ls_shell.R_factor_R_work                  0.212 
_refine_ls_shell.percent_reflns_obs               100.00 
_refine_ls_shell.R_factor_R_free                  0.330 
_refine_ls_shell.R_factor_R_free_error            ? 
_refine_ls_shell.percent_reflns_R_free            ? 
_refine_ls_shell.number_reflns_R_free             37 
_refine_ls_shell.number_reflns_all                ? 
_refine_ls_shell.R_factor_all                     ? 
# 
_struct_ncs_oper.id             1 
_struct_ncs_oper.code           given 
_struct_ncs_oper.details        ? 
_struct_ncs_oper.matrix[1][1]   -0.80297388 
_struct_ncs_oper.matrix[1][2]   -0.59327057 
_struct_ncs_oper.matrix[1][3]   0.05716392 
_struct_ncs_oper.matrix[2][1]   -0.59570728 
_struct_ncs_oper.matrix[2][2]   0.79590904 
_struct_ncs_oper.matrix[2][3]   -0.10791778 
_struct_ncs_oper.matrix[3][1]   0.01843930 
_struct_ncs_oper.matrix[3][2]   -0.12065537 
_struct_ncs_oper.matrix[3][3]   -0.99253517 
_struct_ncs_oper.vector[1]      0.02702 
_struct_ncs_oper.vector[2]      0.02718 
_struct_ncs_oper.vector[3]      -0.09296 
# 
loop_
_struct_ncs_dom.id 
_struct_ncs_dom.details 
_struct_ncs_dom.pdbx_ens_id 
1 A 1 
2 B 1 
# 
loop_
_struct_ncs_dom_lim.dom_id 
_struct_ncs_dom_lim.beg_auth_asym_id 
_struct_ncs_dom_lim.beg_auth_seq_id 
_struct_ncs_dom_lim.end_auth_asym_id 
_struct_ncs_dom_lim.end_auth_seq_id 
_struct_ncs_dom_lim.pdbx_component_id 
_struct_ncs_dom_lim.pdbx_refine_code 
_struct_ncs_dom_lim.beg_label_asym_id 
_struct_ncs_dom_lim.beg_label_comp_id 
_struct_ncs_dom_lim.beg_label_seq_id 
_struct_ncs_dom_lim.beg_label_alt_id 
_struct_ncs_dom_lim.end_label_asym_id 
_struct_ncs_dom_lim.end_label_comp_id 
_struct_ncs_dom_lim.end_label_seq_id 
_struct_ncs_dom_lim.end_label_alt_id 
_struct_ncs_dom_lim.pdbx_ens_id 
_struct_ncs_dom_lim.selection_details 
_struct_ncs_dom_lim.beg_auth_comp_id 
_struct_ncs_dom_lim.end_auth_comp_id 
1 A 52 A 125 1 4 ? ? ? ? ? ? ? ? 1 ? ? ? 
2 B 52 B 125 1 4 ? ? ? ? ? ? ? ? 1 ? ? ? 
# 
_struct_ncs_ens.id        1 
_struct_ncs_ens.details   ? 
# 
_struct.entry_id                  3ZIH 
_struct.title                     'Bacillus subtilis SepF, C-terminal domain' 
_struct.pdbx_model_details        ? 
_struct.pdbx_CASP_flag            ? 
_struct.pdbx_model_type_details   ? 
# 
_struct_keywords.entry_id        3ZIH 
_struct_keywords.pdbx_keywords   'CELL CYCLE' 
_struct_keywords.text            'CELL CYCLE' 
# 
loop_
_struct_asym.id 
_struct_asym.pdbx_blank_PDB_chainid_flag 
_struct_asym.pdbx_modified 
_struct_asym.entity_id 
_struct_asym.details 
A N N 1 ? 
B N N 1 ? 
C N N 2 ? 
D N N 2 ? 
# 
_struct_ref.id                         1 
_struct_ref.db_name                    UNP 
_struct_ref.db_code                    SEPF_BACSU 
_struct_ref.entity_id                  1 
_struct_ref.pdbx_seq_one_letter_code   ? 
_struct_ref.pdbx_align_begin           ? 
_struct_ref.pdbx_db_accession          O31728 
_struct_ref.pdbx_db_isoform            ? 
# 
loop_
_struct_ref_seq.align_id 
_struct_ref_seq.ref_id 
_struct_ref_seq.pdbx_PDB_id_code 
_struct_ref_seq.pdbx_strand_id 
_struct_ref_seq.seq_align_beg 
_struct_ref_seq.pdbx_seq_align_beg_ins_code 
_struct_ref_seq.seq_align_end 
_struct_ref_seq.pdbx_seq_align_end_ins_code 
_struct_ref_seq.pdbx_db_accession 
_struct_ref_seq.db_align_beg 
_struct_ref_seq.pdbx_db_align_beg_ins_code 
_struct_ref_seq.db_align_end 
_struct_ref_seq.pdbx_db_align_end_ins_code 
_struct_ref_seq.pdbx_auth_seq_align_beg 
_struct_ref_seq.pdbx_auth_seq_align_end 
1 1 3ZIH A 1 ? 95 ? O31728 57 ? 151 ? 57 151 
2 1 3ZIH B 1 ? 95 ? O31728 57 ? 151 ? 57 151 
# 
_pdbx_struct_assembly.id                   1 
_pdbx_struct_assembly.details              author_and_software_defined_assembly 
_pdbx_struct_assembly.method_details       PISA 
_pdbx_struct_assembly.oligomeric_details   dimeric 
_pdbx_struct_assembly.oligomeric_count     2 
# 
loop_
_pdbx_struct_assembly_prop.biol_id 
_pdbx_struct_assembly_prop.type 
_pdbx_struct_assembly_prop.value 
_pdbx_struct_assembly_prop.details 
1 'ABSA (A^2)' 2160 ? 
1 MORE         -9.5 ? 
1 'SSA (A^2)'  8230 ? 
# 
_pdbx_struct_assembly_gen.assembly_id       1 
_pdbx_struct_assembly_gen.oper_expression   1 
_pdbx_struct_assembly_gen.asym_id_list      A,B,C,D 
# 
_pdbx_struct_oper_list.id                   1 
_pdbx_struct_oper_list.type                 'identity operation' 
_pdbx_struct_oper_list.name                 1_555 
_pdbx_struct_oper_list.symmetry_operation   x,y,z 
_pdbx_struct_oper_list.matrix[1][1]         1.0000000000 
_pdbx_struct_oper_list.matrix[1][2]         0.0000000000 
_pdbx_struct_oper_list.matrix[1][3]         0.0000000000 
_pdbx_struct_oper_list.vector[1]            0.0000000000 
_pdbx_struct_oper_list.matrix[2][1]         0.0000000000 
_pdbx_struct_oper_list.matrix[2][2]         1.0000000000 
_pdbx_struct_oper_list.matrix[2][3]         0.0000000000 
_pdbx_struct_oper_list.vector[2]            0.0000000000 
_pdbx_struct_oper_list.matrix[3][1]         0.0000000000 
_pdbx_struct_oper_list.matrix[3][2]         0.0000000000 
_pdbx_struct_oper_list.matrix[3][3]         1.0000000000 
_pdbx_struct_oper_list.vector[3]            0.0000000000 
# 
_struct_biol.id   1 
# 
loop_
_struct_conf.conf_type_id 
_struct_conf.id 
_struct_conf.pdbx_PDB_helix_id 
_struct_conf.beg_label_comp_id 
_struct_conf.beg_label_asym_id 
_struct_conf.beg_label_seq_id 
_struct_conf.pdbx_beg_PDB_ins_code 
_struct_conf.end_label_comp_id 
_struct_conf.end_label_asym_id 
_struct_conf.end_label_seq_id 
_struct_conf.pdbx_end_PDB_ins_code 
_struct_conf.beg_auth_comp_id 
_struct_conf.beg_auth_asym_id 
_struct_conf.beg_auth_seq_id 
_struct_conf.end_auth_comp_id 
_struct_conf.end_auth_asym_id 
_struct_conf.end_auth_seq_id 
_struct_conf.pdbx_PDB_helix_class 
_struct_conf.details 
_struct_conf.pdbx_PDB_helix_length 
HELX_P HELX_P1 1 VAL A 15 ? ALA A 17 ? VAL A 71 ALA A 73  5 ? 3  
HELX_P HELX_P2 2 GLU A 18 ? ASN A 28 ? GLU A 74 ASN A 84  1 ? 11 
HELX_P HELX_P3 3 GLN A 40 ? GLY A 59 ? GLN A 96 GLY A 115 1 ? 20 
HELX_P HELX_P4 4 VAL B 15 ? ALA B 17 ? VAL B 71 ALA B 73  5 ? 3  
HELX_P HELX_P5 5 GLU B 18 ? ASN B 28 ? GLU B 74 ASN B 84  1 ? 11 
HELX_P HELX_P6 6 GLN B 40 ? GLY B 59 ? GLN B 96 GLY B 115 1 ? 20 
# 
_struct_conf_type.id          HELX_P 
_struct_conf_type.criteria    ? 
_struct_conf_type.reference   ? 
# 
loop_
_struct_sheet.id 
_struct_sheet.type 
_struct_sheet.number_strands 
_struct_sheet.details 
AA ? 5 ? 
AB ? 5 ? 
# 
loop_
_struct_sheet_order.sheet_id 
_struct_sheet_order.range_id_1 
_struct_sheet_order.range_id_2 
_struct_sheet_order.offset 
_struct_sheet_order.sense 
AA 1 2 ? anti-parallel 
AA 2 3 ? anti-parallel 
AA 3 4 ? parallel      
AA 4 5 ? parallel      
AB 1 2 ? parallel      
AB 2 3 ? parallel      
AB 3 4 ? anti-parallel 
AB 4 5 ? anti-parallel 
# 
loop_
_struct_sheet_range.sheet_id 
_struct_sheet_range.id 
_struct_sheet_range.beg_label_comp_id 
_struct_sheet_range.beg_label_asym_id 
_struct_sheet_range.beg_label_seq_id 
_struct_sheet_range.pdbx_beg_PDB_ins_code 
_struct_sheet_range.end_label_comp_id 
_struct_sheet_range.end_label_asym_id 
_struct_sheet_range.end_label_seq_id 
_struct_sheet_range.pdbx_end_PDB_ins_code 
_struct_sheet_range.beg_auth_comp_id 
_struct_sheet_range.beg_auth_asym_id 
_struct_sheet_range.beg_auth_seq_id 
_struct_sheet_range.end_auth_comp_id 
_struct_sheet_range.end_auth_asym_id 
_struct_sheet_range.end_auth_seq_id 
AA 1 ASP A 61 ? GLY A 66 ? ASP A 117 GLY A 122 
AA 2 ILE A 69 ? THR A 73 ? ILE A 125 THR A 129 
AA 3 ALA A 31 ? ASN A 35 ? ALA A 87  ASN A 91  
AA 4 SER A 6  ? SER A 11 ? SER A 62  SER A 67  
AA 5 VAL B 77 ? SER B 80 ? VAL B 133 SER B 136 
AB 1 VAL A 77 ? SER A 80 ? VAL A 133 SER A 136 
AB 2 SER B 6  ? SER B 11 ? SER B 62  SER B 67  
AB 3 ALA B 31 ? ASN B 35 ? ALA B 87  ASN B 91  
AB 4 ILE B 69 ? THR B 73 ? ILE B 125 THR B 129 
AB 5 ASP B 61 ? GLY B 66 ? ASP B 117 GLY B 122 
# 
loop_
_pdbx_struct_sheet_hbond.sheet_id 
_pdbx_struct_sheet_hbond.range_id_1 
_pdbx_struct_sheet_hbond.range_id_2 
_pdbx_struct_sheet_hbond.range_1_label_atom_id 
_pdbx_struct_sheet_hbond.range_1_label_comp_id 
_pdbx_struct_sheet_hbond.range_1_label_asym_id 
_pdbx_struct_sheet_hbond.range_1_label_seq_id 
_pdbx_struct_sheet_hbond.range_1_PDB_ins_code 
_pdbx_struct_sheet_hbond.range_1_auth_atom_id 
_pdbx_struct_sheet_hbond.range_1_auth_comp_id 
_pdbx_struct_sheet_hbond.range_1_auth_asym_id 
_pdbx_struct_sheet_hbond.range_1_auth_seq_id 
_pdbx_struct_sheet_hbond.range_2_label_atom_id 
_pdbx_struct_sheet_hbond.range_2_label_comp_id 
_pdbx_struct_sheet_hbond.range_2_label_asym_id 
_pdbx_struct_sheet_hbond.range_2_label_seq_id 
_pdbx_struct_sheet_hbond.range_2_PDB_ins_code 
_pdbx_struct_sheet_hbond.range_2_auth_atom_id 
_pdbx_struct_sheet_hbond.range_2_auth_comp_id 
_pdbx_struct_sheet_hbond.range_2_auth_asym_id 
_pdbx_struct_sheet_hbond.range_2_auth_seq_id 
AA 1 2 N ILE A 65 ? N ILE A 121 O ILE A 69 ? O ILE A 125 
AA 2 3 N CYS A 72 ? N CYS A 128 O VAL A 32 ? O VAL A 88  
AA 3 4 N ALA A 31 ? N ALA A 87  O LYS A 7  ? O LYS A 63  
AA 4 5 N VAL A 8  ? N VAL A 64  O ASP B 78 ? O ASP B 134 
AB 1 2 N ASP A 78 ? N ASP A 134 O SER B 6  ? O SER B 62  
AB 2 3 N VAL B 9  ? N VAL B 65  O ALA B 31 ? O ALA B 87  
AB 3 4 N VAL B 34 ? N VAL B 90  O PHE B 70 ? O PHE B 126 
AB 4 5 N THR B 73 ? N THR B 129 O ASP B 61 ? O ASP B 117 
# 
_pdbx_validate_rmsd_angle.id                         1 
_pdbx_validate_rmsd_angle.PDB_model_num              1 
_pdbx_validate_rmsd_angle.auth_atom_id_1             NE 
_pdbx_validate_rmsd_angle.auth_asym_id_1             B 
_pdbx_validate_rmsd_angle.auth_comp_id_1             ARG 
_pdbx_validate_rmsd_angle.auth_seq_id_1              102 
_pdbx_validate_rmsd_angle.PDB_ins_code_1             ? 
_pdbx_validate_rmsd_angle.label_alt_id_1             ? 
_pdbx_validate_rmsd_angle.auth_atom_id_2             CZ 
_pdbx_validate_rmsd_angle.auth_asym_id_2             B 
_pdbx_validate_rmsd_angle.auth_comp_id_2             ARG 
_pdbx_validate_rmsd_angle.auth_seq_id_2              102 
_pdbx_validate_rmsd_angle.PDB_ins_code_2             ? 
_pdbx_validate_rmsd_angle.label_alt_id_2             ? 
_pdbx_validate_rmsd_angle.auth_atom_id_3             NH2 
_pdbx_validate_rmsd_angle.auth_asym_id_3             B 
_pdbx_validate_rmsd_angle.auth_comp_id_3             ARG 
_pdbx_validate_rmsd_angle.auth_seq_id_3              102 
_pdbx_validate_rmsd_angle.PDB_ins_code_3             ? 
_pdbx_validate_rmsd_angle.label_alt_id_3             ? 
_pdbx_validate_rmsd_angle.angle_value                116.54 
_pdbx_validate_rmsd_angle.angle_target_value         120.30 
_pdbx_validate_rmsd_angle.angle_deviation            -3.76 
_pdbx_validate_rmsd_angle.angle_standard_deviation   0.50 
_pdbx_validate_rmsd_angle.linker_flag                N 
# 
loop_
_pdbx_unobs_or_zero_occ_residues.id 
_pdbx_unobs_or_zero_occ_residues.PDB_model_num 
_pdbx_unobs_or_zero_occ_residues.polymer_flag 
_pdbx_unobs_or_zero_occ_residues.occupancy_flag 
_pdbx_unobs_or_zero_occ_residues.auth_asym_id 
_pdbx_unobs_or_zero_occ_residues.auth_comp_id 
_pdbx_unobs_or_zero_occ_residues.auth_seq_id 
_pdbx_unobs_or_zero_occ_residues.PDB_ins_code 
_pdbx_unobs_or_zero_occ_residues.label_asym_id 
_pdbx_unobs_or_zero_occ_residues.label_comp_id 
_pdbx_unobs_or_zero_occ_residues.label_seq_id 
1  1 Y 1 A SER 57  ? A SER 1  
2  1 Y 1 A VAL 58  ? A VAL 2  
3  1 Y 1 A GLN 59  ? A GLN 3  
4  1 Y 1 A LYS 60  ? A LYS 4  
5  1 Y 1 A SER 140 ? A SER 84 
6  1 Y 1 A GLU 141 ? A GLU 85 
7  1 Y 1 A LEU 142 ? A LEU 86 
8  1 Y 1 A ILE 143 ? A ILE 87 
9  1 Y 1 A SER 144 ? A SER 88 
10 1 Y 1 A GLU 145 ? A GLU 89 
11 1 Y 1 A ASP 146 ? A ASP 90 
12 1 Y 1 A GLU 147 ? A GLU 91 
13 1 Y 1 A HIS 148 ? A HIS 92 
14 1 Y 1 A GLN 149 ? A GLN 93 
15 1 Y 1 A ARG 150 ? A ARG 94 
16 1 Y 1 A TRP 151 ? A TRP 95 
17 1 Y 1 B SER 57  ? B SER 1  
18 1 Y 1 B VAL 58  ? B VAL 2  
19 1 Y 1 B GLN 59  ? B GLN 3  
20 1 Y 1 B LYS 60  ? B LYS 4  
21 1 Y 1 B GLU 141 ? B GLU 85 
22 1 Y 1 B LEU 142 ? B LEU 86 
23 1 Y 1 B ILE 143 ? B ILE 87 
24 1 Y 1 B SER 144 ? B SER 88 
25 1 Y 1 B GLU 145 ? B GLU 89 
26 1 Y 1 B ASP 146 ? B ASP 90 
27 1 Y 1 B GLU 147 ? B GLU 91 
28 1 Y 1 B HIS 148 ? B HIS 92 
29 1 Y 1 B GLN 149 ? B GLN 93 
30 1 Y 1 B ARG 150 ? B ARG 94 
31 1 Y 1 B TRP 151 ? B TRP 95 
# 
loop_
_chem_comp_atom.comp_id 
_chem_comp_atom.atom_id 
_chem_comp_atom.type_symbol 
_chem_comp_atom.pdbx_aromatic_flag 
_chem_comp_atom.pdbx_stereo_config 
_chem_comp_atom.pdbx_ordinal 
ALA N    N N N 1   
ALA CA   C N S 2   
ALA C    C N N 3   
ALA O    O N N 4   
ALA CB   C N N 5   
ALA OXT  O N N 6   
ALA H    H N N 7   
ALA H2   H N N 8   
ALA HA   H N N 9   
ALA HB1  H N N 10  
ALA HB2  H N N 11  
ALA HB3  H N N 12  
ALA HXT  H N N 13  
ARG N    N N N 14  
ARG CA   C N S 15  
ARG C    C N N 16  
ARG O    O N N 17  
ARG CB   C N N 18  
ARG CG   C N N 19  
ARG CD   C N N 20  
ARG NE   N N N 21  
ARG CZ   C N N 22  
ARG NH1  N N N 23  
ARG NH2  N N N 24  
ARG OXT  O N N 25  
ARG H    H N N 26  
ARG H2   H N N 27  
ARG HA   H N N 28  
ARG HB2  H N N 29  
ARG HB3  H N N 30  
ARG HG2  H N N 31  
ARG HG3  H N N 32  
ARG HD2  H N N 33  
ARG HD3  H N N 34  
ARG HE   H N N 35  
ARG HH11 H N N 36  
ARG HH12 H N N 37  
ARG HH21 H N N 38  
ARG HH22 H N N 39  
ARG HXT  H N N 40  
ASN N    N N N 41  
ASN CA   C N S 42  
ASN C    C N N 43  
ASN O    O N N 44  
ASN CB   C N N 45  
ASN CG   C N N 46  
ASN OD1  O N N 47  
ASN ND2  N N N 48  
ASN OXT  O N N 49  
ASN H    H N N 50  
ASN H2   H N N 51  
ASN HA   H N N 52  
ASN HB2  H N N 53  
ASN HB3  H N N 54  
ASN HD21 H N N 55  
ASN HD22 H N N 56  
ASN HXT  H N N 57  
ASP N    N N N 58  
ASP CA   C N S 59  
ASP C    C N N 60  
ASP O    O N N 61  
ASP CB   C N N 62  
ASP CG   C N N 63  
ASP OD1  O N N 64  
ASP OD2  O N N 65  
ASP OXT  O N N 66  
ASP H    H N N 67  
ASP H2   H N N 68  
ASP HA   H N N 69  
ASP HB2  H N N 70  
ASP HB3  H N N 71  
ASP HD2  H N N 72  
ASP HXT  H N N 73  
CYS N    N N N 74  
CYS CA   C N R 75  
CYS C    C N N 76  
CYS O    O N N 77  
CYS CB   C N N 78  
CYS SG   S N N 79  
CYS OXT  O N N 80  
CYS H    H N N 81  
CYS H2   H N N 82  
CYS HA   H N N 83  
CYS HB2  H N N 84  
CYS HB3  H N N 85  
CYS HG   H N N 86  
CYS HXT  H N N 87  
GLN N    N N N 88  
GLN CA   C N S 89  
GLN C    C N N 90  
GLN O    O N N 91  
GLN CB   C N N 92  
GLN CG   C N N 93  
GLN CD   C N N 94  
GLN OE1  O N N 95  
GLN NE2  N N N 96  
GLN OXT  O N N 97  
GLN H    H N N 98  
GLN H2   H N N 99  
GLN HA   H N N 100 
GLN HB2  H N N 101 
GLN HB3  H N N 102 
GLN HG2  H N N 103 
GLN HG3  H N N 104 
GLN HE21 H N N 105 
GLN HE22 H N N 106 
GLN HXT  H N N 107 
GLU N    N N N 108 
GLU CA   C N S 109 
GLU C    C N N 110 
GLU O    O N N 111 
GLU CB   C N N 112 
GLU CG   C N N 113 
GLU CD   C N N 114 
GLU OE1  O N N 115 
GLU OE2  O N N 116 
GLU OXT  O N N 117 
GLU H    H N N 118 
GLU H2   H N N 119 
GLU HA   H N N 120 
GLU HB2  H N N 121 
GLU HB3  H N N 122 
GLU HG2  H N N 123 
GLU HG3  H N N 124 
GLU HE2  H N N 125 
GLU HXT  H N N 126 
GLY N    N N N 127 
GLY CA   C N N 128 
GLY C    C N N 129 
GLY O    O N N 130 
GLY OXT  O N N 131 
GLY H    H N N 132 
GLY H2   H N N 133 
GLY HA2  H N N 134 
GLY HA3  H N N 135 
GLY HXT  H N N 136 
HIS N    N N N 137 
HIS CA   C N S 138 
HIS C    C N N 139 
HIS O    O N N 140 
HIS CB   C N N 141 
HIS CG   C Y N 142 
HIS ND1  N Y N 143 
HIS CD2  C Y N 144 
HIS CE1  C Y N 145 
HIS NE2  N Y N 146 
HIS OXT  O N N 147 
HIS H    H N N 148 
HIS H2   H N N 149 
HIS HA   H N N 150 
HIS HB2  H N N 151 
HIS HB3  H N N 152 
HIS HD1  H N N 153 
HIS HD2  H N N 154 
HIS HE1  H N N 155 
HIS HE2  H N N 156 
HIS HXT  H N N 157 
HOH O    O N N 158 
HOH H1   H N N 159 
HOH H2   H N N 160 
ILE N    N N N 161 
ILE CA   C N S 162 
ILE C    C N N 163 
ILE O    O N N 164 
ILE CB   C N S 165 
ILE CG1  C N N 166 
ILE CG2  C N N 167 
ILE CD1  C N N 168 
ILE OXT  O N N 169 
ILE H    H N N 170 
ILE H2   H N N 171 
ILE HA   H N N 172 
ILE HB   H N N 173 
ILE HG12 H N N 174 
ILE HG13 H N N 175 
ILE HG21 H N N 176 
ILE HG22 H N N 177 
ILE HG23 H N N 178 
ILE HD11 H N N 179 
ILE HD12 H N N 180 
ILE HD13 H N N 181 
ILE HXT  H N N 182 
LEU N    N N N 183 
LEU CA   C N S 184 
LEU C    C N N 185 
LEU O    O N N 186 
LEU CB   C N N 187 
LEU CG   C N N 188 
LEU CD1  C N N 189 
LEU CD2  C N N 190 
LEU OXT  O N N 191 
LEU H    H N N 192 
LEU H2   H N N 193 
LEU HA   H N N 194 
LEU HB2  H N N 195 
LEU HB3  H N N 196 
LEU HG   H N N 197 
LEU HD11 H N N 198 
LEU HD12 H N N 199 
LEU HD13 H N N 200 
LEU HD21 H N N 201 
LEU HD22 H N N 202 
LEU HD23 H N N 203 
LEU HXT  H N N 204 
LYS N    N N N 205 
LYS CA   C N S 206 
LYS C    C N N 207 
LYS O    O N N 208 
LYS CB   C N N 209 
LYS CG   C N N 210 
LYS CD   C N N 211 
LYS CE   C N N 212 
LYS NZ   N N N 213 
LYS OXT  O N N 214 
LYS H    H N N 215 
LYS H2   H N N 216 
LYS HA   H N N 217 
LYS HB2  H N N 218 
LYS HB3  H N N 219 
LYS HG2  H N N 220 
LYS HG3  H N N 221 
LYS HD2  H N N 222 
LYS HD3  H N N 223 
LYS HE2  H N N 224 
LYS HE3  H N N 225 
LYS HZ1  H N N 226 
LYS HZ2  H N N 227 
LYS HZ3  H N N 228 
LYS HXT  H N N 229 
PHE N    N N N 230 
PHE CA   C N S 231 
PHE C    C N N 232 
PHE O    O N N 233 
PHE CB   C N N 234 
PHE CG   C Y N 235 
PHE CD1  C Y N 236 
PHE CD2  C Y N 237 
PHE CE1  C Y N 238 
PHE CE2  C Y N 239 
PHE CZ   C Y N 240 
PHE OXT  O N N 241 
PHE H    H N N 242 
PHE H2   H N N 243 
PHE HA   H N N 244 
PHE HB2  H N N 245 
PHE HB3  H N N 246 
PHE HD1  H N N 247 
PHE HD2  H N N 248 
PHE HE1  H N N 249 
PHE HE2  H N N 250 
PHE HZ   H N N 251 
PHE HXT  H N N 252 
PRO N    N N N 253 
PRO CA   C N S 254 
PRO C    C N N 255 
PRO O    O N N 256 
PRO CB   C N N 257 
PRO CG   C N N 258 
PRO CD   C N N 259 
PRO OXT  O N N 260 
PRO H    H N N 261 
PRO HA   H N N 262 
PRO HB2  H N N 263 
PRO HB3  H N N 264 
PRO HG2  H N N 265 
PRO HG3  H N N 266 
PRO HD2  H N N 267 
PRO HD3  H N N 268 
PRO HXT  H N N 269 
SER N    N N N 270 
SER CA   C N S 271 
SER C    C N N 272 
SER O    O N N 273 
SER CB   C N N 274 
SER OG   O N N 275 
SER OXT  O N N 276 
SER H    H N N 277 
SER H2   H N N 278 
SER HA   H N N 279 
SER HB2  H N N 280 
SER HB3  H N N 281 
SER HG   H N N 282 
SER HXT  H N N 283 
THR N    N N N 284 
THR CA   C N S 285 
THR C    C N N 286 
THR O    O N N 287 
THR CB   C N R 288 
THR OG1  O N N 289 
THR CG2  C N N 290 
THR OXT  O N N 291 
THR H    H N N 292 
THR H2   H N N 293 
THR HA   H N N 294 
THR HB   H N N 295 
THR HG1  H N N 296 
THR HG21 H N N 297 
THR HG22 H N N 298 
THR HG23 H N N 299 
THR HXT  H N N 300 
TRP N    N N N 301 
TRP CA   C N S 302 
TRP C    C N N 303 
TRP O    O N N 304 
TRP CB   C N N 305 
TRP CG   C Y N 306 
TRP CD1  C Y N 307 
TRP CD2  C Y N 308 
TRP NE1  N Y N 309 
TRP CE2  C Y N 310 
TRP CE3  C Y N 311 
TRP CZ2  C Y N 312 
TRP CZ3  C Y N 313 
TRP CH2  C Y N 314 
TRP OXT  O N N 315 
TRP H    H N N 316 
TRP H2   H N N 317 
TRP HA   H N N 318 
TRP HB2  H N N 319 
TRP HB3  H N N 320 
TRP HD1  H N N 321 
TRP HE1  H N N 322 
TRP HE3  H N N 323 
TRP HZ2  H N N 324 
TRP HZ3  H N N 325 
TRP HH2  H N N 326 
TRP HXT  H N N 327 
TYR N    N N N 328 
TYR CA   C N S 329 
TYR C    C N N 330 
TYR O    O N N 331 
TYR CB   C N N 332 
TYR CG   C Y N 333 
TYR CD1  C Y N 334 
TYR CD2  C Y N 335 
TYR CE1  C Y N 336 
TYR CE2  C Y N 337 
TYR CZ   C Y N 338 
TYR OH   O N N 339 
TYR OXT  O N N 340 
TYR H    H N N 341 
TYR H2   H N N 342 
TYR HA   H N N 343 
TYR HB2  H N N 344 
TYR HB3  H N N 345 
TYR HD1  H N N 346 
TYR HD2  H N N 347 
TYR HE1  H N N 348 
TYR HE2  H N N 349 
TYR HH   H N N 350 
TYR HXT  H N N 351 
VAL N    N N N 352 
VAL CA   C N S 353 
VAL C    C N N 354 
VAL O    O N N 355 
VAL CB   C N N 356 
VAL CG1  C N N 357 
VAL CG2  C N N 358 
VAL OXT  O N N 359 
VAL H    H N N 360 
VAL H2   H N N 361 
VAL HA   H N N 362 
VAL HB   H N N 363 
VAL HG11 H N N 364 
VAL HG12 H N N 365 
VAL HG13 H N N 366 
VAL HG21 H N N 367 
VAL HG22 H N N 368 
VAL HG23 H N N 369 
VAL HXT  H N N 370 
# 
loop_
_chem_comp_bond.comp_id 
_chem_comp_bond.atom_id_1 
_chem_comp_bond.atom_id_2 
_chem_comp_bond.value_order 
_chem_comp_bond.pdbx_aromatic_flag 
_chem_comp_bond.pdbx_stereo_config 
_chem_comp_bond.pdbx_ordinal 
ALA N   CA   sing N N 1   
ALA N   H    sing N N 2   
ALA N   H2   sing N N 3   
ALA CA  C    sing N N 4   
ALA CA  CB   sing N N 5   
ALA CA  HA   sing N N 6   
ALA C   O    doub N N 7   
ALA C   OXT  sing N N 8   
ALA CB  HB1  sing N N 9   
ALA CB  HB2  sing N N 10  
ALA CB  HB3  sing N N 11  
ALA OXT HXT  sing N N 12  
ARG N   CA   sing N N 13  
ARG N   H    sing N N 14  
ARG N   H2   sing N N 15  
ARG CA  C    sing N N 16  
ARG CA  CB   sing N N 17  
ARG CA  HA   sing N N 18  
ARG C   O    doub N N 19  
ARG C   OXT  sing N N 20  
ARG CB  CG   sing N N 21  
ARG CB  HB2  sing N N 22  
ARG CB  HB3  sing N N 23  
ARG CG  CD   sing N N 24  
ARG CG  HG2  sing N N 25  
ARG CG  HG3  sing N N 26  
ARG CD  NE   sing N N 27  
ARG CD  HD2  sing N N 28  
ARG CD  HD3  sing N N 29  
ARG NE  CZ   sing N N 30  
ARG NE  HE   sing N N 31  
ARG CZ  NH1  sing N N 32  
ARG CZ  NH2  doub N N 33  
ARG NH1 HH11 sing N N 34  
ARG NH1 HH12 sing N N 35  
ARG NH2 HH21 sing N N 36  
ARG NH2 HH22 sing N N 37  
ARG OXT HXT  sing N N 38  
ASN N   CA   sing N N 39  
ASN N   H    sing N N 40  
ASN N   H2   sing N N 41  
ASN CA  C    sing N N 42  
ASN CA  CB   sing N N 43  
ASN CA  HA   sing N N 44  
ASN C   O    doub N N 45  
ASN C   OXT  sing N N 46  
ASN CB  CG   sing N N 47  
ASN CB  HB2  sing N N 48  
ASN CB  HB3  sing N N 49  
ASN CG  OD1  doub N N 50  
ASN CG  ND2  sing N N 51  
ASN ND2 HD21 sing N N 52  
ASN ND2 HD22 sing N N 53  
ASN OXT HXT  sing N N 54  
ASP N   CA   sing N N 55  
ASP N   H    sing N N 56  
ASP N   H2   sing N N 57  
ASP CA  C    sing N N 58  
ASP CA  CB   sing N N 59  
ASP CA  HA   sing N N 60  
ASP C   O    doub N N 61  
ASP C   OXT  sing N N 62  
ASP CB  CG   sing N N 63  
ASP CB  HB2  sing N N 64  
ASP CB  HB3  sing N N 65  
ASP CG  OD1  doub N N 66  
ASP CG  OD2  sing N N 67  
ASP OD2 HD2  sing N N 68  
ASP OXT HXT  sing N N 69  
CYS N   CA   sing N N 70  
CYS N   H    sing N N 71  
CYS N   H2   sing N N 72  
CYS CA  C    sing N N 73  
CYS CA  CB   sing N N 74  
CYS CA  HA   sing N N 75  
CYS C   O    doub N N 76  
CYS C   OXT  sing N N 77  
CYS CB  SG   sing N N 78  
CYS CB  HB2  sing N N 79  
CYS CB  HB3  sing N N 80  
CYS SG  HG   sing N N 81  
CYS OXT HXT  sing N N 82  
GLN N   CA   sing N N 83  
GLN N   H    sing N N 84  
GLN N   H2   sing N N 85  
GLN CA  C    sing N N 86  
GLN CA  CB   sing N N 87  
GLN CA  HA   sing N N 88  
GLN C   O    doub N N 89  
GLN C   OXT  sing N N 90  
GLN CB  CG   sing N N 91  
GLN CB  HB2  sing N N 92  
GLN CB  HB3  sing N N 93  
GLN CG  CD   sing N N 94  
GLN CG  HG2  sing N N 95  
GLN CG  HG3  sing N N 96  
GLN CD  OE1  doub N N 97  
GLN CD  NE2  sing N N 98  
GLN NE2 HE21 sing N N 99  
GLN NE2 HE22 sing N N 100 
GLN OXT HXT  sing N N 101 
GLU N   CA   sing N N 102 
GLU N   H    sing N N 103 
GLU N   H2   sing N N 104 
GLU CA  C    sing N N 105 
GLU CA  CB   sing N N 106 
GLU CA  HA   sing N N 107 
GLU C   O    doub N N 108 
GLU C   OXT  sing N N 109 
GLU CB  CG   sing N N 110 
GLU CB  HB2  sing N N 111 
GLU CB  HB3  sing N N 112 
GLU CG  CD   sing N N 113 
GLU CG  HG2  sing N N 114 
GLU CG  HG3  sing N N 115 
GLU CD  OE1  doub N N 116 
GLU CD  OE2  sing N N 117 
GLU OE2 HE2  sing N N 118 
GLU OXT HXT  sing N N 119 
GLY N   CA   sing N N 120 
GLY N   H    sing N N 121 
GLY N   H2   sing N N 122 
GLY CA  C    sing N N 123 
GLY CA  HA2  sing N N 124 
GLY CA  HA3  sing N N 125 
GLY C   O    doub N N 126 
GLY C   OXT  sing N N 127 
GLY OXT HXT  sing N N 128 
HIS N   CA   sing N N 129 
HIS N   H    sing N N 130 
HIS N   H2   sing N N 131 
HIS CA  C    sing N N 132 
HIS CA  CB   sing N N 133 
HIS CA  HA   sing N N 134 
HIS C   O    doub N N 135 
HIS C   OXT  sing N N 136 
HIS CB  CG   sing N N 137 
HIS CB  HB2  sing N N 138 
HIS CB  HB3  sing N N 139 
HIS CG  ND1  sing Y N 140 
HIS CG  CD2  doub Y N 141 
HIS ND1 CE1  doub Y N 142 
HIS ND1 HD1  sing N N 143 
HIS CD2 NE2  sing Y N 144 
HIS CD2 HD2  sing N N 145 
HIS CE1 NE2  sing Y N 146 
HIS CE1 HE1  sing N N 147 
HIS NE2 HE2  sing N N 148 
HIS OXT HXT  sing N N 149 
HOH O   H1   sing N N 150 
HOH O   H2   sing N N 151 
ILE N   CA   sing N N 152 
ILE N   H    sing N N 153 
ILE N   H2   sing N N 154 
ILE CA  C    sing N N 155 
ILE CA  CB   sing N N 156 
ILE CA  HA   sing N N 157 
ILE C   O    doub N N 158 
ILE C   OXT  sing N N 159 
ILE CB  CG1  sing N N 160 
ILE CB  CG2  sing N N 161 
ILE CB  HB   sing N N 162 
ILE CG1 CD1  sing N N 163 
ILE CG1 HG12 sing N N 164 
ILE CG1 HG13 sing N N 165 
ILE CG2 HG21 sing N N 166 
ILE CG2 HG22 sing N N 167 
ILE CG2 HG23 sing N N 168 
ILE CD1 HD11 sing N N 169 
ILE CD1 HD12 sing N N 170 
ILE CD1 HD13 sing N N 171 
ILE OXT HXT  sing N N 172 
LEU N   CA   sing N N 173 
LEU N   H    sing N N 174 
LEU N   H2   sing N N 175 
LEU CA  C    sing N N 176 
LEU CA  CB   sing N N 177 
LEU CA  HA   sing N N 178 
LEU C   O    doub N N 179 
LEU C   OXT  sing N N 180 
LEU CB  CG   sing N N 181 
LEU CB  HB2  sing N N 182 
LEU CB  HB3  sing N N 183 
LEU CG  CD1  sing N N 184 
LEU CG  CD2  sing N N 185 
LEU CG  HG   sing N N 186 
LEU CD1 HD11 sing N N 187 
LEU CD1 HD12 sing N N 188 
LEU CD1 HD13 sing N N 189 
LEU CD2 HD21 sing N N 190 
LEU CD2 HD22 sing N N 191 
LEU CD2 HD23 sing N N 192 
LEU OXT HXT  sing N N 193 
LYS N   CA   sing N N 194 
LYS N   H    sing N N 195 
LYS N   H2   sing N N 196 
LYS CA  C    sing N N 197 
LYS CA  CB   sing N N 198 
LYS CA  HA   sing N N 199 
LYS C   O    doub N N 200 
LYS C   OXT  sing N N 201 
LYS CB  CG   sing N N 202 
LYS CB  HB2  sing N N 203 
LYS CB  HB3  sing N N 204 
LYS CG  CD   sing N N 205 
LYS CG  HG2  sing N N 206 
LYS CG  HG3  sing N N 207 
LYS CD  CE   sing N N 208 
LYS CD  HD2  sing N N 209 
LYS CD  HD3  sing N N 210 
LYS CE  NZ   sing N N 211 
LYS CE  HE2  sing N N 212 
LYS CE  HE3  sing N N 213 
LYS NZ  HZ1  sing N N 214 
LYS NZ  HZ2  sing N N 215 
LYS NZ  HZ3  sing N N 216 
LYS OXT HXT  sing N N 217 
PHE N   CA   sing N N 218 
PHE N   H    sing N N 219 
PHE N   H2   sing N N 220 
PHE CA  C    sing N N 221 
PHE CA  CB   sing N N 222 
PHE CA  HA   sing N N 223 
PHE C   O    doub N N 224 
PHE C   OXT  sing N N 225 
PHE CB  CG   sing N N 226 
PHE CB  HB2  sing N N 227 
PHE CB  HB3  sing N N 228 
PHE CG  CD1  doub Y N 229 
PHE CG  CD2  sing Y N 230 
PHE CD1 CE1  sing Y N 231 
PHE CD1 HD1  sing N N 232 
PHE CD2 CE2  doub Y N 233 
PHE CD2 HD2  sing N N 234 
PHE CE1 CZ   doub Y N 235 
PHE CE1 HE1  sing N N 236 
PHE CE2 CZ   sing Y N 237 
PHE CE2 HE2  sing N N 238 
PHE CZ  HZ   sing N N 239 
PHE OXT HXT  sing N N 240 
PRO N   CA   sing N N 241 
PRO N   CD   sing N N 242 
PRO N   H    sing N N 243 
PRO CA  C    sing N N 244 
PRO CA  CB   sing N N 245 
PRO CA  HA   sing N N 246 
PRO C   O    doub N N 247 
PRO C   OXT  sing N N 248 
PRO CB  CG   sing N N 249 
PRO CB  HB2  sing N N 250 
PRO CB  HB3  sing N N 251 
PRO CG  CD   sing N N 252 
PRO CG  HG2  sing N N 253 
PRO CG  HG3  sing N N 254 
PRO CD  HD2  sing N N 255 
PRO CD  HD3  sing N N 256 
PRO OXT HXT  sing N N 257 
SER N   CA   sing N N 258 
SER N   H    sing N N 259 
SER N   H2   sing N N 260 
SER CA  C    sing N N 261 
SER CA  CB   sing N N 262 
SER CA  HA   sing N N 263 
SER C   O    doub N N 264 
SER C   OXT  sing N N 265 
SER CB  OG   sing N N 266 
SER CB  HB2  sing N N 267 
SER CB  HB3  sing N N 268 
SER OG  HG   sing N N 269 
SER OXT HXT  sing N N 270 
THR N   CA   sing N N 271 
THR N   H    sing N N 272 
THR N   H2   sing N N 273 
THR CA  C    sing N N 274 
THR CA  CB   sing N N 275 
THR CA  HA   sing N N 276 
THR C   O    doub N N 277 
THR C   OXT  sing N N 278 
THR CB  OG1  sing N N 279 
THR CB  CG2  sing N N 280 
THR CB  HB   sing N N 281 
THR OG1 HG1  sing N N 282 
THR CG2 HG21 sing N N 283 
THR CG2 HG22 sing N N 284 
THR CG2 HG23 sing N N 285 
THR OXT HXT  sing N N 286 
TRP N   CA   sing N N 287 
TRP N   H    sing N N 288 
TRP N   H2   sing N N 289 
TRP CA  C    sing N N 290 
TRP CA  CB   sing N N 291 
TRP CA  HA   sing N N 292 
TRP C   O    doub N N 293 
TRP C   OXT  sing N N 294 
TRP CB  CG   sing N N 295 
TRP CB  HB2  sing N N 296 
TRP CB  HB3  sing N N 297 
TRP CG  CD1  doub Y N 298 
TRP CG  CD2  sing Y N 299 
TRP CD1 NE1  sing Y N 300 
TRP CD1 HD1  sing N N 301 
TRP CD2 CE2  doub Y N 302 
TRP CD2 CE3  sing Y N 303 
TRP NE1 CE2  sing Y N 304 
TRP NE1 HE1  sing N N 305 
TRP CE2 CZ2  sing Y N 306 
TRP CE3 CZ3  doub Y N 307 
TRP CE3 HE3  sing N N 308 
TRP CZ2 CH2  doub Y N 309 
TRP CZ2 HZ2  sing N N 310 
TRP CZ3 CH2  sing Y N 311 
TRP CZ3 HZ3  sing N N 312 
TRP CH2 HH2  sing N N 313 
TRP OXT HXT  sing N N 314 
TYR N   CA   sing N N 315 
TYR N   H    sing N N 316 
TYR N   H2   sing N N 317 
TYR CA  C    sing N N 318 
TYR CA  CB   sing N N 319 
TYR CA  HA   sing N N 320 
TYR C   O    doub N N 321 
TYR C   OXT  sing N N 322 
TYR CB  CG   sing N N 323 
TYR CB  HB2  sing N N 324 
TYR CB  HB3  sing N N 325 
TYR CG  CD1  doub Y N 326 
TYR CG  CD2  sing Y N 327 
TYR CD1 CE1  sing Y N 328 
TYR CD1 HD1  sing N N 329 
TYR CD2 CE2  doub Y N 330 
TYR CD2 HD2  sing N N 331 
TYR CE1 CZ   doub Y N 332 
TYR CE1 HE1  sing N N 333 
TYR CE2 CZ   sing Y N 334 
TYR CE2 HE2  sing N N 335 
TYR CZ  OH   sing N N 336 
TYR OH  HH   sing N N 337 
TYR OXT HXT  sing N N 338 
VAL N   CA   sing N N 339 
VAL N   H    sing N N 340 
VAL N   H2   sing N N 341 
VAL CA  C    sing N N 342 
VAL CA  CB   sing N N 343 
VAL CA  HA   sing N N 344 
VAL C   O    doub N N 345 
VAL C   OXT  sing N N 346 
VAL CB  CG1  sing N N 347 
VAL CB  CG2  sing N N 348 
VAL CB  HB   sing N N 349 
VAL CG1 HG11 sing N N 350 
VAL CG1 HG12 sing N N 351 
VAL CG1 HG13 sing N N 352 
VAL CG2 HG21 sing N N 353 
VAL CG2 HG22 sing N N 354 
VAL CG2 HG23 sing N N 355 
VAL OXT HXT  sing N N 356 
# 
_atom_sites.entry_id                    3ZIH 
_atom_sites.fract_transf_matrix[1][1]   0.02072776 
_atom_sites.fract_transf_matrix[1][2]   0.01544480 
_atom_sites.fract_transf_matrix[1][3]   0.01210202 
_atom_sites.fract_transf_matrix[2][1]   0.02621765 
_atom_sites.fract_transf_matrix[2][2]   0.00002736 
_atom_sites.fract_transf_matrix[2][3]   -0.01128184 
_atom_sites.fract_transf_matrix[3][1]   -0.00145278 
_atom_sites.fract_transf_matrix[3][2]   0.00458639 
_atom_sites.fract_transf_matrix[3][3]   -0.00336497 
_atom_sites.fract_transf_vector[1]      -0.633465 
_atom_sites.fract_transf_vector[2]      -0.361868 
_atom_sites.fract_transf_vector[3]      0.083521 
# 
loop_
_atom_type.symbol 
C 
N 
O 
S 
# 
loop_
_atom_site.group_PDB 
_atom_site.id 
_atom_site.type_symbol 
_atom_site.label_atom_id 
_atom_site.label_alt_id 
_atom_site.label_comp_id 
_atom_site.label_asym_id 
_atom_site.label_entity_id 
_atom_site.label_seq_id 
_atom_site.pdbx_PDB_ins_code 
_atom_site.Cartn_x 
_atom_site.Cartn_y 
_atom_site.Cartn_z 
_atom_site.occupancy 
_atom_site.B_iso_or_equiv 
_atom_site.pdbx_formal_charge 
_atom_site.auth_seq_id 
_atom_site.auth_comp_id 
_atom_site.auth_asym_id 
_atom_site.auth_atom_id 
_atom_site.pdbx_PDB_model_num 
ATOM   1    N N   . SER A 1 5  ? -8.185  15.245  -4.672  1.00 47.04 ? 61   SER A N   1 
ATOM   2    C CA  . SER A 1 5  ? -7.765  13.935  -5.202  1.00 47.94 ? 61   SER A CA  1 
ATOM   3    C C   . SER A 1 5  ? -6.278  13.695  -4.827  1.00 46.41 ? 61   SER A C   1 
ATOM   4    O O   . SER A 1 5  ? -5.526  14.666  -4.607  1.00 46.63 ? 61   SER A O   1 
ATOM   5    C CB  . SER A 1 5  ? -8.000  13.877  -6.721  1.00 48.61 ? 61   SER A CB  1 
ATOM   6    O OG  . SER A 1 5  ? -7.898  12.536  -7.257  1.00 51.18 ? 61   SER A OG  1 
ATOM   7    N N   . SER A 1 6  ? -5.893  12.417  -4.686  1.00 43.36 ? 62   SER A N   1 
ATOM   8    C CA  . SER A 1 6  ? -4.473  12.025  -4.477  1.00 41.10 ? 62   SER A CA  1 
ATOM   9    C C   . SER A 1 6  ? -4.082  10.857  -5.405  1.00 38.21 ? 62   SER A C   1 
ATOM   10   O O   . SER A 1 6  ? -4.956  10.215  -5.996  1.00 35.11 ? 62   SER A O   1 
ATOM   11   C CB  . SER A 1 6  ? -4.168  11.743  -2.987  1.00 41.78 ? 62   SER A CB  1 
ATOM   12   O OG  . SER A 1 6  ? -4.802  10.565  -2.468  1.00 42.08 ? 62   SER A OG  1 
ATOM   13   N N   . LYS A 1 7  ? -2.766  10.652  -5.585  1.00 35.07 ? 63   LYS A N   1 
ATOM   14   C CA  . LYS A 1 7  ? -2.255  9.600   -6.432  1.00 34.37 ? 63   LYS A CA  1 
ATOM   15   C C   . LYS A 1 7  ? -1.275  8.708   -5.636  1.00 31.25 ? 63   LYS A C   1 
ATOM   16   O O   . LYS A 1 7  ? -0.379  9.195   -4.930  1.00 30.86 ? 63   LYS A O   1 
ATOM   17   C CB  . LYS A 1 7  ? -1.545  10.131  -7.705  1.00 35.75 ? 63   LYS A CB  1 
ATOM   18   C CG  . LYS A 1 7  ? -2.074  11.469  -8.241  1.00 40.55 ? 63   LYS A CG  1 
ATOM   19   C CD  . LYS A 1 7  ? -1.412  11.888  -9.577  1.00 44.87 ? 63   LYS A CD  1 
ATOM   20   C CE  . LYS A 1 7  ? -2.403  12.662  -10.465 1.00 47.30 ? 63   LYS A CE  1 
ATOM   21   N NZ  . LYS A 1 7  ? -1.830  13.031  -11.800 1.00 48.51 ? 63   LYS A NZ  1 
ATOM   22   N N   . VAL A 1 8  ? -1.472  7.407   -5.762  1.00 27.61 ? 64   VAL A N   1 
ATOM   23   C CA  . VAL A 1 8  ? -0.620  6.407   -5.158  1.00 26.12 ? 64   VAL A CA  1 
ATOM   24   C C   . VAL A 1 8  ? -0.014  5.607   -6.300  1.00 26.01 ? 64   VAL A C   1 
ATOM   25   O O   . VAL A 1 8  ? -0.762  5.192   -7.233  1.00 27.05 ? 64   VAL A O   1 
ATOM   26   C CB  . VAL A 1 8  ? -1.436  5.457   -4.290  1.00 25.72 ? 64   VAL A CB  1 
ATOM   27   C CG1 . VAL A 1 8  ? -0.517  4.373   -3.728  1.00 23.12 ? 64   VAL A CG1 1 
ATOM   28   C CG2 . VAL A 1 8  ? -2.178  6.239   -3.183  1.00 28.04 ? 64   VAL A CG2 1 
ATOM   29   N N   . VAL A 1 9  ? 1.298   5.371   -6.252  1.00 22.80 ? 65   VAL A N   1 
ATOM   30   C CA  . VAL A 1 9  ? 1.958   4.664   -7.313  1.00 22.05 ? 65   VAL A CA  1 
ATOM   31   C C   . VAL A 1 9  ? 2.260   3.254   -6.814  1.00 21.54 ? 65   VAL A C   1 
ATOM   32   O O   . VAL A 1 9  ? 2.562   3.094   -5.632  1.00 20.76 ? 65   VAL A O   1 
ATOM   33   C CB  . VAL A 1 9  ? 3.234   5.414   -7.769  1.00 23.12 ? 65   VAL A CB  1 
ATOM   34   C CG1 . VAL A 1 9  ? 3.994   4.613   -8.888  1.00 22.79 ? 65   VAL A CG1 1 
ATOM   35   C CG2 . VAL A 1 9  ? 2.847   6.828   -8.291  1.00 24.95 ? 65   VAL A CG2 1 
ATOM   36   N N   . LEU A 1 10 ? 2.050   2.252   -7.662  1.00 20.76 ? 66   LEU A N   1 
ATOM   37   C CA  . LEU A 1 10 ? 2.420   0.870   -7.389  1.00 23.15 ? 66   LEU A CA  1 
ATOM   38   C C   . LEU A 1 10 ? 3.686   0.562   -8.223  1.00 24.56 ? 66   LEU A C   1 
ATOM   39   O O   . LEU A 1 10 ? 3.713   0.773   -9.435  1.00 24.79 ? 66   LEU A O   1 
ATOM   40   C CB  . LEU A 1 10 ? 1.353   -0.129  -7.765  1.00 22.89 ? 66   LEU A CB  1 
ATOM   41   C CG  . LEU A 1 10 ? -0.077  0.219   -7.389  1.00 23.91 ? 66   LEU A CG  1 
ATOM   42   C CD1 . LEU A 1 10 ? -0.965  -0.928  -7.894  1.00 26.01 ? 66   LEU A CD1 1 
ATOM   43   C CD2 . LEU A 1 10 ? -0.171  0.413   -5.881  1.00 24.11 ? 66   LEU A CD2 1 
ATOM   44   N N   . SER A 1 11 ? 4.702   0.033   -7.569  1.00 25.73 ? 67   SER A N   1 
ATOM   45   C CA  . SER A 1 11 ? 5.982   -0.246  -8.218  1.00 26.40 ? 67   SER A CA  1 
ATOM   46   C C   . SER A 1 11 ? 6.415   -1.654  -7.839  1.00 26.10 ? 67   SER A C   1 
ATOM   47   O O   . SER A 1 11 ? 6.200   -2.061  -6.714  1.00 24.35 ? 67   SER A O   1 
ATOM   48   C CB  . SER A 1 11 ? 7.000   0.762   -7.685  1.00 27.85 ? 67   SER A CB  1 
ATOM   49   O OG  . SER A 1 11 ? 8.273   0.513   -8.223  1.00 29.78 ? 67   SER A OG  1 
ATOM   50   N N   . GLU A 1 12 ? 6.951   -2.390  -8.811  1.00 26.41 ? 68   GLU A N   1 
ATOM   51   C CA  . GLU A 1 12 ? 7.483   -3.712  -8.625  1.00 28.23 ? 68   GLU A CA  1 
ATOM   52   C C   . GLU A 1 12 ? 8.847   -3.685  -9.306  1.00 28.16 ? 68   GLU A C   1 
ATOM   53   O O   . GLU A 1 12 ? 9.015   -4.156  -10.438 1.00 27.54 ? 68   GLU A O   1 
ATOM   54   C CB  . GLU A 1 12 ? 6.586   -4.761  -9.282  1.00 30.71 ? 68   GLU A CB  1 
ATOM   55   C CG  . GLU A 1 12 ? 6.669   -6.161  -8.709  1.00 34.08 ? 68   GLU A CG  1 
ATOM   56   C CD  . GLU A 1 12 ? 5.711   -7.127  -9.467  1.00 40.51 ? 68   GLU A CD  1 
ATOM   57   O OE1 . GLU A 1 12 ? 5.248   -6.754  -10.591 1.00 42.72 ? 68   GLU A OE1 1 
ATOM   58   O OE2 . GLU A 1 12 ? 5.421   -8.232  -8.937  1.00 44.84 ? 68   GLU A OE2 1 
ATOM   59   N N   . PRO A 1 13 ? 9.844   -3.089  -8.635  1.00 28.29 ? 69   PRO A N   1 
ATOM   60   C CA  . PRO A 1 13 ? 11.090  -2.967  -9.378  1.00 28.77 ? 69   PRO A CA  1 
ATOM   61   C C   . PRO A 1 13 ? 11.796  -4.331  -9.663  1.00 28.76 ? 69   PRO A C   1 
ATOM   62   O O   . PRO A 1 13 ? 11.691  -5.269  -8.877  1.00 26.47 ? 69   PRO A O   1 
ATOM   63   C CB  . PRO A 1 13 ? 11.961  -2.032  -8.492  1.00 29.93 ? 69   PRO A CB  1 
ATOM   64   C CG  . PRO A 1 13 ? 11.313  -1.907  -7.198  1.00 28.87 ? 69   PRO A CG  1 
ATOM   65   C CD  . PRO A 1 13 ? 9.902   -2.475  -7.292  1.00 28.47 ? 69   PRO A CD  1 
ATOM   66   N N   . ARG A 1 14 ? 12.545  -4.365  -10.766 1.00 30.26 ? 70   ARG A N   1 
ATOM   67   C CA  . ARG A 1 14 ? 13.345  -5.527  -11.142 1.00 32.39 ? 70   ARG A CA  1 
ATOM   68   C C   . ARG A 1 14 ? 14.830  -5.342  -11.009 1.00 31.20 ? 70   ARG A C   1 
ATOM   69   O O   . ARG A 1 14 ? 15.518  -6.337  -10.889 1.00 28.54 ? 70   ARG A O   1 
ATOM   70   C CB  . ARG A 1 14 ? 13.063  -5.903  -12.589 1.00 35.79 ? 70   ARG A CB  1 
ATOM   71   C CG  . ARG A 1 14 ? 11.562  -6.080  -12.846 1.00 41.22 ? 70   ARG A CG  1 
ATOM   72   C CD  . ARG A 1 14 ? 11.017  -7.035  -11.814 1.00 46.52 ? 70   ARG A CD  1 
ATOM   73   N NE  . ARG A 1 14 ? 11.707  -8.319  -11.891 1.00 51.65 ? 70   ARG A NE  1 
ATOM   74   C CZ  . ARG A 1 14 ? 11.449  -9.241  -12.838 1.00 55.51 ? 70   ARG A CZ  1 
ATOM   75   N NH1 . ARG A 1 14 ? 10.494  -9.019  -13.775 1.00 56.09 ? 70   ARG A NH1 1 
ATOM   76   N NH2 . ARG A 1 14 ? 12.137  -10.397 -12.841 1.00 55.78 ? 70   ARG A NH2 1 
ATOM   77   N N   . VAL A 1 15 ? 15.291  -4.087  -11.013 1.00 29.57 ? 71   VAL A N   1 
ATOM   78   C CA  . VAL A 1 15 ? 16.694  -3.754  -10.792 1.00 30.57 ? 71   VAL A CA  1 
ATOM   79   C C   . VAL A 1 15 ? 16.839  -2.578  -9.784  1.00 30.72 ? 71   VAL A C   1 
ATOM   80   O O   . VAL A 1 15 ? 15.968  -1.702  -9.659  1.00 27.45 ? 71   VAL A O   1 
ATOM   81   C CB  . VAL A 1 15 ? 17.463  -3.373  -12.128 1.00 30.69 ? 71   VAL A CB  1 
ATOM   82   C CG1 . VAL A 1 15 ? 17.591  -4.570  -13.032 1.00 31.05 ? 71   VAL A CG1 1 
ATOM   83   C CG2 . VAL A 1 15 ? 16.816  -2.192  -12.863 1.00 30.01 ? 71   VAL A CG2 1 
ATOM   84   N N   . TYR A 1 16 ? 17.970  -2.576  -9.085  1.00 29.11 ? 72   TYR A N   1 
ATOM   85   C CA  . TYR A 1 16 ? 18.295  -1.531  -8.134  1.00 28.16 ? 72   TYR A CA  1 
ATOM   86   C C   . TYR A 1 16 ? 18.095  -0.141  -8.675  1.00 27.49 ? 72   TYR A C   1 
ATOM   87   O O   . TYR A 1 16 ? 17.720  0.758   -7.888  1.00 23.67 ? 72   TYR A O   1 
ATOM   88   C CB  . TYR A 1 16 ? 19.757  -1.670  -7.698  1.00 29.34 ? 72   TYR A CB  1 
ATOM   89   C CG  . TYR A 1 16 ? 20.269  -0.648  -6.754  1.00 29.09 ? 72   TYR A CG  1 
ATOM   90   C CD1 . TYR A 1 16 ? 19.713  -0.501  -5.481  1.00 32.93 ? 72   TYR A CD1 1 
ATOM   91   C CD2 . TYR A 1 16 ? 21.327  0.162   -7.095  1.00 31.46 ? 72   TYR A CD2 1 
ATOM   92   C CE1 . TYR A 1 16 ? 20.245  0.437   -4.545  1.00 31.41 ? 72   TYR A CE1 1 
ATOM   93   C CE2 . TYR A 1 16 ? 21.842  1.089   -6.186  1.00 32.69 ? 72   TYR A CE2 1 
ATOM   94   C CZ  . TYR A 1 16 ? 21.296  1.224   -4.921  1.00 30.58 ? 72   TYR A CZ  1 
ATOM   95   O OH  . TYR A 1 16 ? 21.860  2.129   -4.049  1.00 29.16 ? 72   TYR A OH  1 
ATOM   96   N N   . ALA A 1 17 ? 18.397  0.080   -9.961  1.00 27.30 ? 73   ALA A N   1 
ATOM   97   C CA  . ALA A 1 17 ? 18.343  1.458   -10.506 1.00 29.55 ? 73   ALA A CA  1 
ATOM   98   C C   . ALA A 1 17 ? 16.902  2.042   -10.565 1.00 29.76 ? 73   ALA A C   1 
ATOM   99   O O   . ALA A 1 17 ? 16.691  3.288   -10.602 1.00 29.14 ? 73   ALA A O   1 
ATOM   100  C CB  . ALA A 1 17 ? 19.024  1.564   -11.857 1.00 30.28 ? 73   ALA A CB  1 
ATOM   101  N N   . GLU A 1 18 ? 15.914  1.150   -10.499 1.00 29.44 ? 74   GLU A N   1 
ATOM   102  C CA  . GLU A 1 18 ? 14.542  1.595   -10.460 1.00 29.66 ? 74   GLU A CA  1 
ATOM   103  C C   . GLU A 1 18 ? 14.182  2.281   -9.116  1.00 26.96 ? 74   GLU A C   1 
ATOM   104  O O   . GLU A 1 18 ? 13.139  2.955   -9.045  1.00 25.90 ? 74   GLU A O   1 
ATOM   105  C CB  . GLU A 1 18 ? 13.579  0.451   -10.784 1.00 30.65 ? 74   GLU A CB  1 
ATOM   106  C CG  . GLU A 1 18 ? 13.576  0.035   -12.265 1.00 36.08 ? 74   GLU A CG  1 
ATOM   107  C CD  . GLU A 1 18 ? 12.629  -1.144  -12.503 1.00 38.43 ? 74   GLU A CD  1 
ATOM   108  O OE1 . GLU A 1 18 ? 11.381  -0.967  -12.511 1.00 44.35 ? 74   GLU A OE1 1 
ATOM   109  O OE2 . GLU A 1 18 ? 13.119  -2.258  -12.597 1.00 42.96 ? 74   GLU A OE2 1 
ATOM   110  N N   . ALA A 1 19 ? 15.026  2.153   -8.081  1.00 23.23 ? 75   ALA A N   1 
ATOM   111  C CA  . ALA A 1 19 ? 14.776  2.915   -6.850  1.00 23.32 ? 75   ALA A CA  1 
ATOM   112  C C   . ALA A 1 19 ? 14.787  4.422   -7.132  1.00 21.82 ? 75   ALA A C   1 
ATOM   113  O O   . ALA A 1 19 ? 14.109  5.197   -6.459  1.00 20.90 ? 75   ALA A O   1 
ATOM   114  C CB  . ALA A 1 19 ? 15.724  2.515   -5.698  1.00 20.94 ? 75   ALA A CB  1 
ATOM   115  N N   . GLN A 1 20 ? 15.522  4.863   -8.145  1.00 22.27 ? 76   GLN A N   1 
ATOM   116  C CA  . GLN A 1 20 ? 15.525  6.294   -8.533  1.00 23.60 ? 76   GLN A CA  1 
ATOM   117  C C   . GLN A 1 20 ? 14.185  6.766   -9.024  1.00 22.07 ? 76   GLN A C   1 
ATOM   118  O O   . GLN A 1 20 ? 13.790  7.829   -8.712  1.00 20.82 ? 76   GLN A O   1 
ATOM   119  C CB  . GLN A 1 20 ? 16.548  6.557   -9.637  1.00 25.03 ? 76   GLN A CB  1 
ATOM   120  C CG  . GLN A 1 20 ? 17.968  6.433   -9.155  1.00 29.94 ? 76   GLN A CG  1 
ATOM   121  C CD  . GLN A 1 20 ? 18.958  6.517   -10.312 1.00 34.83 ? 76   GLN A CD  1 
ATOM   122  O OE1 . GLN A 1 20 ? 18.987  7.508   -11.041 1.00 39.00 ? 76   GLN A OE1 1 
ATOM   123  N NE2 . GLN A 1 20 ? 19.673  5.423   -10.548 1.00 40.00 ? 76   GLN A NE2 1 
ATOM   124  N N   . GLU A 1 21 ? 13.498  5.950   -9.808  1.00 24.94 ? 77   GLU A N   1 
ATOM   125  C CA  . GLU A 1 21 ? 12.139  6.276   -10.270 1.00 27.18 ? 77   GLU A CA  1 
ATOM   126  C C   . GLU A 1 21 ? 11.126  6.371   -9.087  1.00 25.06 ? 77   GLU A C   1 
ATOM   127  O O   . GLU A 1 21 ? 10.292  7.252   -9.068  1.00 23.19 ? 77   GLU A O   1 
ATOM   128  C CB  . GLU A 1 21 ? 11.695  5.267   -11.346 1.00 30.21 ? 77   GLU A CB  1 
ATOM   129  C CG  . GLU A 1 21 ? 10.313  5.515   -11.910 1.00 38.55 ? 77   GLU A CG  1 
ATOM   130  C CD  . GLU A 1 21 ? 9.938   4.560   -13.094 1.00 44.90 ? 77   GLU A CD  1 
ATOM   131  O OE1 . GLU A 1 21 ? 10.711  3.584   -13.378 1.00 48.93 ? 77   GLU A OE1 1 
ATOM   132  O OE2 . GLU A 1 21 ? 8.854   4.808   -13.700 1.00 49.23 ? 77   GLU A OE2 1 
ATOM   133  N N   . ILE A 1 22 ? 11.258  5.487   -8.075  1.00 22.81 ? 78   ILE A N   1 
ATOM   134  C CA  . ILE A 1 22 ? 10.471  5.582   -6.868  1.00 20.55 ? 78   ILE A CA  1 
ATOM   135  C C   . ILE A 1 22 ? 10.785  6.897   -6.130  1.00 20.15 ? 78   ILE A C   1 
ATOM   136  O O   . ILE A 1 22 ? 9.870   7.591   -5.657  1.00 19.85 ? 78   ILE A O   1 
ATOM   137  C CB  . ILE A 1 22 ? 10.717  4.318   -5.942  1.00 19.89 ? 78   ILE A CB  1 
ATOM   138  C CG1 . ILE A 1 22 ? 10.347  3.056   -6.724  1.00 22.07 ? 78   ILE A CG1 1 
ATOM   139  C CG2 . ILE A 1 22 ? 9.932   4.446   -4.599  1.00 17.88 ? 78   ILE A CG2 1 
ATOM   140  C CD1 . ILE A 1 22 ? 10.818  1.750   -6.124  1.00 19.90 ? 78   ILE A CD1 1 
ATOM   141  N N   . ALA A 1 23 ? 12.069  7.197   -5.937  1.00 17.61 ? 79   ALA A N   1 
ATOM   142  C CA  . ALA A 1 23 ? 12.501  8.430   -5.294  1.00 18.89 ? 79   ALA A CA  1 
ATOM   143  C C   . ALA A 1 23 ? 11.949  9.620   -6.017  1.00 19.15 ? 79   ALA A C   1 
ATOM   144  O O   . ALA A 1 23 ? 11.594  10.572  -5.346  1.00 20.29 ? 79   ALA A O   1 
ATOM   145  C CB  . ALA A 1 23 ? 13.993  8.555   -5.148  1.00 16.66 ? 79   ALA A CB  1 
ATOM   146  N N   . ASP A 1 24 ? 11.845  9.567   -7.349  1.00 19.21 ? 80   ASP A N   1 
ATOM   147  C CA  . ASP A 1 24 ? 11.337  10.746  -8.067  1.00 19.87 ? 80   ASP A CA  1 
ATOM   148  C C   . ASP A 1 24 ? 9.815   10.980  -7.694  1.00 20.29 ? 80   ASP A C   1 
ATOM   149  O O   . ASP A 1 24 ? 9.359   12.150  -7.516  1.00 18.83 ? 80   ASP A O   1 
ATOM   150  C CB  . ASP A 1 24 ? 11.436  10.526  -9.547  1.00 19.67 ? 80   ASP A CB  1 
ATOM   151  C CG  . ASP A 1 24 ? 12.880  10.688  -10.101 1.00 21.82 ? 80   ASP A CG  1 
ATOM   152  O OD1 . ASP A 1 24 ? 13.812  11.096  -9.364  1.00 22.06 ? 80   ASP A OD1 1 
ATOM   153  O OD2 . ASP A 1 24 ? 13.029  10.401  -11.307 1.00 21.37 ? 80   ASP A OD2 1 
ATOM   154  N N   . HIS A 1 25 ? 9.082   9.867   -7.607  1.00 19.08 ? 81   HIS A N   1 
ATOM   155  C CA  . HIS A 1 25 ? 7.673   9.933   -7.228  1.00 20.56 ? 81   HIS A CA  1 
ATOM   156  C C   . HIS A 1 25 ? 7.531   10.590  -5.845  1.00 21.02 ? 81   HIS A C   1 
ATOM   157  O O   . HIS A 1 25 ? 6.624   11.412  -5.618  1.00 19.39 ? 81   HIS A O   1 
ATOM   158  C CB  . HIS A 1 25 ? 7.027   8.554   -7.249  1.00 19.63 ? 81   HIS A CB  1 
ATOM   159  C CG  . HIS A 1 25 ? 6.609   8.112   -8.617  1.00 20.95 ? 81   HIS A CG  1 
ATOM   160  N ND1 . HIS A 1 25 ? 5.745   8.874   -9.397  1.00 21.33 ? 81   HIS A ND1 1 
ATOM   161  C CD2 . HIS A 1 25 ? 6.926   7.015   -9.354  1.00 21.21 ? 81   HIS A CD2 1 
ATOM   162  C CE1 . HIS A 1 25 ? 5.537   8.231   -10.544 1.00 25.31 ? 81   HIS A CE1 1 
ATOM   163  N NE2 . HIS A 1 25 ? 6.261   7.122   -10.548 1.00 22.34 ? 81   HIS A NE2 1 
ATOM   164  N N   . LEU A 1 26 ? 8.417   10.220  -4.922  1.00 20.33 ? 82   LEU A N   1 
ATOM   165  C CA  . LEU A 1 26 ? 8.335   10.720  -3.552  1.00 20.46 ? 82   LEU A CA  1 
ATOM   166  C C   . LEU A 1 26 ? 8.646   12.201  -3.465  1.00 21.13 ? 82   LEU A C   1 
ATOM   167  O O   . LEU A 1 26 ? 8.066   12.927  -2.621  1.00 19.77 ? 82   LEU A O   1 
ATOM   168  C CB  . LEU A 1 26 ? 9.255   9.932   -2.608  1.00 20.01 ? 82   LEU A CB  1 
ATOM   169  C CG  . LEU A 1 26 ? 8.825   8.439   -2.548  1.00 21.01 ? 82   LEU A CG  1 
ATOM   170  C CD1 . LEU A 1 26 ? 9.988   7.583   -2.079  1.00 19.55 ? 82   LEU A CD1 1 
ATOM   171  C CD2 . LEU A 1 26 ? 7.595   8.239   -1.612  1.00 17.05 ? 82   LEU A CD2 1 
ATOM   172  N N   . LYS A 1 27 ? 9.603   12.627  -4.276  1.00 20.76 ? 83   LYS A N   1 
ATOM   173  C CA  . LYS A 1 27 ? 9.994   14.038  -4.347  1.00 23.36 ? 83   LYS A CA  1 
ATOM   174  C C   . LYS A 1 27 ? 8.833   14.840  -4.929  1.00 22.13 ? 83   LYS A C   1 
ATOM   175  O O   . LYS A 1 27 ? 8.632   15.966  -4.582  1.00 22.32 ? 83   LYS A O   1 
ATOM   176  C CB  . LYS A 1 27 ? 11.267  14.231  -5.198  1.00 25.62 ? 83   LYS A CB  1 
ATOM   177  C CG  . LYS A 1 27 ? 11.986  15.593  -5.038  1.00 31.68 ? 83   LYS A CG  1 
ATOM   178  C CD  . LYS A 1 27 ? 13.578  15.359  -5.242  1.00 36.83 ? 83   LYS A CD  1 
ATOM   179  C CE  . LYS A 1 27 ? 14.416  16.614  -4.987  1.00 37.93 ? 83   LYS A CE  1 
ATOM   180  N NZ  . LYS A 1 27 ? 14.025  17.823  -5.871  1.00 42.12 ? 83   LYS A NZ  1 
ATOM   181  N N   . ASN A 1 28 ? 8.046   14.220  -5.779  1.00 22.12 ? 84   ASN A N   1 
ATOM   182  C CA  . ASN A 1 28 ? 6.842   14.778  -6.345  1.00 22.85 ? 84   ASN A CA  1 
ATOM   183  C C   . ASN A 1 28 ? 5.552   14.549  -5.520  1.00 24.15 ? 84   ASN A C   1 
ATOM   184  O O   . ASN A 1 28 ? 4.460   14.560  -6.082  1.00 21.60 ? 84   ASN A O   1 
ATOM   185  C CB  . ASN A 1 28 ? 6.678   14.196  -7.749  1.00 23.38 ? 84   ASN A CB  1 
ATOM   186  C CG  . ASN A 1 28 ? 7.753   14.721  -8.730  1.00 27.02 ? 84   ASN A CG  1 
ATOM   187  O OD1 . ASN A 1 28 ? 8.250   15.793  -8.560  1.00 26.26 ? 84   ASN A OD1 1 
ATOM   188  N ND2 . ASN A 1 28 ? 8.074   13.948  -9.721  1.00 26.77 ? 84   ASN A ND2 1 
ATOM   189  N N   . ARG A 1 29 ? 5.706   14.229  -4.223  1.00 24.62 ? 85   ARG A N   1 
ATOM   190  C CA  . ARG A 1 29 ? 4.611   14.199  -3.267  1.00 27.13 ? 85   ARG A CA  1 
ATOM   191  C C   . ARG A 1 29 ? 3.614   13.060  -3.407  1.00 25.79 ? 85   ARG A C   1 
ATOM   192  O O   . ARG A 1 29 ? 2.496   13.191  -2.922  1.00 24.46 ? 85   ARG A O   1 
ATOM   193  C CB  . ARG A 1 29 ? 3.868   15.582  -3.249  1.00 28.59 ? 85   ARG A CB  1 
ATOM   194  C CG  . ARG A 1 29 ? 4.836   16.669  -2.838  1.00 32.34 ? 85   ARG A CG  1 
ATOM   195  C CD  . ARG A 1 29 ? 4.212   18.012  -2.623  1.00 37.90 ? 85   ARG A CD  1 
ATOM   196  N NE  . ARG A 1 29 ? 5.338   18.896  -2.771  1.00 44.89 ? 85   ARG A NE  1 
ATOM   197  C CZ  . ARG A 1 29 ? 6.155   19.247  -1.781  1.00 48.57 ? 85   ARG A CZ  1 
ATOM   198  N NH1 . ARG A 1 29 ? 5.927   18.836  -0.531  1.00 48.23 ? 85   ARG A NH1 1 
ATOM   199  N NH2 . ARG A 1 29 ? 7.186   20.047  -2.054  1.00 51.38 ? 85   ARG A NH2 1 
ATOM   200  N N   . ARG A 1 30 ? 4.004   11.973  -4.087  1.00 24.22 ? 86   ARG A N   1 
ATOM   201  C CA  . ARG A 1 30 ? 3.185   10.778  -4.176  1.00 24.71 ? 86   ARG A CA  1 
ATOM   202  C C   . ARG A 1 30 ? 3.734   9.632   -3.273  1.00 24.12 ? 86   ARG A C   1 
ATOM   203  O O   . ARG A 1 30 ? 4.936   9.371   -3.227  1.00 21.89 ? 86   ARG A O   1 
ATOM   204  C CB  . ARG A 1 30 ? 3.045   10.290  -5.625  1.00 24.88 ? 86   ARG A CB  1 
ATOM   205  C CG  . ARG A 1 30 ? 2.458   11.365  -6.597  1.00 27.13 ? 86   ARG A CG  1 
ATOM   206  C CD  . ARG A 1 30 ? 2.317   10.920  -8.010  1.00 27.37 ? 86   ARG A CD  1 
ATOM   207  N NE  . ARG A 1 30 ? 3.556   11.032  -8.761  1.00 30.48 ? 86   ARG A NE  1 
ATOM   208  C CZ  . ARG A 1 30 ? 4.039   12.108  -9.397  1.00 30.26 ? 86   ARG A CZ  1 
ATOM   209  N NH1 . ARG A 1 30 ? 3.382   13.257  -9.417  1.00 29.82 ? 86   ARG A NH1 1 
ATOM   210  N NH2 . ARG A 1 30 ? 5.223   12.010  -10.034 1.00 30.38 ? 86   ARG A NH2 1 
ATOM   211  N N   . ALA A 1 31 ? 2.807   8.965   -2.582  1.00 21.11 ? 87   ALA A N   1 
ATOM   212  C CA  . ALA A 1 31 ? 3.066   7.682   -1.924  1.00 20.47 ? 87   ALA A CA  1 
ATOM   213  C C   . ALA A 1 31 ? 3.407   6.640   -2.966  1.00 18.07 ? 87   ALA A C   1 
ATOM   214  O O   . ALA A 1 31 ? 2.871   6.662   -4.076  1.00 18.58 ? 87   ALA A O   1 
ATOM   215  C CB  . ALA A 1 31 ? 1.803   7.250   -1.154  1.00 19.88 ? 87   ALA A CB  1 
ATOM   216  N N   . VAL A 1 32 ? 4.261   5.679   -2.630  1.00 17.68 ? 88   VAL A N   1 
ATOM   217  C CA  . VAL A 1 32 ? 4.535   4.577   -3.542  1.00 16.55 ? 88   VAL A CA  1 
ATOM   218  C C   . VAL A 1 32 ? 4.503   3.276   -2.719  1.00 17.72 ? 88   VAL A C   1 
ATOM   219  O O   . VAL A 1 32 ? 5.160   3.153   -1.644  1.00 15.04 ? 88   VAL A O   1 
ATOM   220  C CB  . VAL A 1 32 ? 5.966   4.693   -4.160  1.00 17.13 ? 88   VAL A CB  1 
ATOM   221  C CG1 . VAL A 1 32 ? 6.190   3.569   -5.132  1.00 14.98 ? 88   VAL A CG1 1 
ATOM   222  C CG2 . VAL A 1 32 ? 6.192   6.101   -4.784  1.00 18.03 ? 88   VAL A CG2 1 
ATOM   223  N N   . VAL A 1 33 ? 3.817   2.301   -3.271  1.00 16.77 ? 89   VAL A N   1 
ATOM   224  C CA  . VAL A 1 33 ? 3.856   0.946   -2.736  1.00 17.63 ? 89   VAL A CA  1 
ATOM   225  C C   . VAL A 1 33 ? 4.958   0.246   -3.483  1.00 16.51 ? 89   VAL A C   1 
ATOM   226  O O   . VAL A 1 33 ? 4.930   0.222   -4.725  1.00 17.73 ? 89   VAL A O   1 
ATOM   227  C CB  . VAL A 1 33 ? 2.491   0.200   -2.976  1.00 17.73 ? 89   VAL A CB  1 
ATOM   228  C CG1 . VAL A 1 33 ? 2.609   -1.304  -2.582  1.00 15.81 ? 89   VAL A CG1 1 
ATOM   229  C CG2 . VAL A 1 33 ? 1.410   0.852   -2.142  1.00 16.13 ? 89   VAL A CG2 1 
ATOM   230  N N   . VAL A 1 34 ? 5.885   -0.384  -2.767  1.00 18.54 ? 90   VAL A N   1 
ATOM   231  C CA  . VAL A 1 34 ? 7.049   -0.993  -3.430  1.00 18.46 ? 90   VAL A CA  1 
ATOM   232  C C   . VAL A 1 34 ? 6.990   -2.457  -3.115  1.00 18.21 ? 90   VAL A C   1 
ATOM   233  O O   . VAL A 1 34 ? 7.133   -2.838  -1.978  1.00 20.99 ? 90   VAL A O   1 
ATOM   234  C CB  . VAL A 1 34 ? 8.417   -0.360  -2.966  1.00 19.62 ? 90   VAL A CB  1 
ATOM   235  C CG1 . VAL A 1 34 ? 9.638   -1.013  -3.806  1.00 19.51 ? 90   VAL A CG1 1 
ATOM   236  C CG2 . VAL A 1 34 ? 8.386   1.193   -3.024  1.00 19.02 ? 90   VAL A CG2 1 
ATOM   237  N N   . ASN A 1 35 ? 6.696   -3.269  -4.108  1.00 19.74 ? 91   ASN A N   1 
ATOM   238  C CA  . ASN A 1 35 ? 6.550   -4.694  -3.925  1.00 20.03 ? 91   ASN A CA  1 
ATOM   239  C C   . ASN A 1 35 ? 7.898   -5.257  -4.394  1.00 19.27 ? 91   ASN A C   1 
ATOM   240  O O   . ASN A 1 35 ? 8.268   -5.048  -5.573  1.00 18.82 ? 91   ASN A O   1 
ATOM   241  C CB  . ASN A 1 35 ? 5.449   -5.229  -4.847  1.00 21.69 ? 91   ASN A CB  1 
ATOM   242  C CG  . ASN A 1 35 ? 5.296   -6.729  -4.724  1.00 25.64 ? 91   ASN A CG  1 
ATOM   243  O OD1 . ASN A 1 35 ? 6.271   -7.455  -4.805  1.00 27.82 ? 91   ASN A OD1 1 
ATOM   244  N ND2 . ASN A 1 35 ? 4.107   -7.186  -4.379  1.00 26.65 ? 91   ASN A ND2 1 
ATOM   245  N N   . LEU A 1 36 ? 8.589   -5.947  -3.526  1.00 21.98 ? 92   LEU A N   1 
ATOM   246  C CA  . LEU A 1 36 ? 9.930   -6.504  -3.873  1.00 26.66 ? 92   LEU A CA  1 
ATOM   247  C C   . LEU A 1 36 ? 9.886   -8.032  -3.927  1.00 29.80 ? 92   LEU A C   1 
ATOM   248  O O   . LEU A 1 36 ? 10.877  -8.731  -3.648  1.00 31.05 ? 92   LEU A O   1 
ATOM   249  C CB  . LEU A 1 36 ? 10.970  -6.036  -2.843  1.00 25.88 ? 92   LEU A CB  1 
ATOM   250  C CG  . LEU A 1 36 ? 11.131  -4.514  -2.764  1.00 27.61 ? 92   LEU A CG  1 
ATOM   251  C CD1 . LEU A 1 36 ? 11.993  -4.008  -1.502  1.00 26.57 ? 92   LEU A CD1 1 
ATOM   252  C CD2 . LEU A 1 36 ? 11.745  -4.046  -4.058  1.00 25.44 ? 92   LEU A CD2 1 
ATOM   253  N N   . GLN A 1 37 ? 8.747   -8.574  -4.370  1.00 32.01 ? 93   GLN A N   1 
ATOM   254  C CA  . GLN A 1 37 ? 8.538   -10.037 -4.380  1.00 33.72 ? 93   GLN A CA  1 
ATOM   255  C C   . GLN A 1 37 ? 9.204   -10.632 -5.560  1.00 34.92 ? 93   GLN A C   1 
ATOM   256  O O   . GLN A 1 37 ? 9.624   -11.768 -5.483  1.00 34.36 ? 93   GLN A O   1 
ATOM   257  C CB  . GLN A 1 37 ? 7.017   -10.430 -4.355  1.00 33.36 ? 93   GLN A CB  1 
ATOM   258  C CG  . GLN A 1 37 ? 6.366   -10.085 -2.969  1.00 35.46 ? 93   GLN A CG  1 
ATOM   259  C CD  . GLN A 1 37 ? 4.784   -10.295 -2.875  1.00 38.36 ? 93   GLN A CD  1 
ATOM   260  O OE1 . GLN A 1 37 ? 4.090   -10.507 -3.877  1.00 41.11 ? 93   GLN A OE1 1 
ATOM   261  N NE2 . GLN A 1 37 ? 4.261   -10.191 -1.658  1.00 37.35 ? 93   GLN A NE2 1 
ATOM   262  N N   . ARG A 1 38 ? 9.337   -9.874  -6.655  1.00 37.54 ? 94   ARG A N   1 
ATOM   263  C CA  . ARG A 1 38 ? 9.943   -10.472 -7.827  1.00 40.10 ? 94   ARG A CA  1 
ATOM   264  C C   . ARG A 1 38 ? 11.447  -10.248 -8.075  1.00 39.10 ? 94   ARG A C   1 
ATOM   265  O O   . ARG A 1 38 ? 12.047  -11.002 -8.847  1.00 38.89 ? 94   ARG A O   1 
ATOM   266  C CB  . ARG A 1 38 ? 9.099   -10.211 -9.068  1.00 42.52 ? 94   ARG A CB  1 
ATOM   267  C CG  . ARG A 1 38 ? 9.219   -8.877  -9.645  1.00 47.36 ? 94   ARG A CG  1 
ATOM   268  C CD  . ARG A 1 38 ? 8.246   -8.780  -10.862 1.00 53.43 ? 94   ARG A CD  1 
ATOM   269  N NE  . ARG A 1 38 ? 8.241   -7.433  -11.481 1.00 57.64 ? 94   ARG A NE  1 
ATOM   270  C CZ  . ARG A 1 38 ? 7.625   -7.106  -12.622 1.00 60.29 ? 94   ARG A CZ  1 
ATOM   271  N NH1 . ARG A 1 38 ? 6.905   -8.019  -13.304 1.00 61.56 ? 94   ARG A NH1 1 
ATOM   272  N NH2 . ARG A 1 38 ? 7.727   -5.849  -13.064 1.00 60.61 ? 94   ARG A NH2 1 
ATOM   273  N N   . ILE A 1 39 ? 12.063  -9.328  -7.335  1.00 37.30 ? 95   ILE A N   1 
ATOM   274  C CA  . ILE A 1 39 ? 13.491  -9.008  -7.482  1.00 35.83 ? 95   ILE A CA  1 
ATOM   275  C C   . ILE A 1 39 ? 14.379  -10.013 -6.665  1.00 35.07 ? 95   ILE A C   1 
ATOM   276  O O   . ILE A 1 39 ? 13.917  -10.570 -5.687  1.00 32.61 ? 95   ILE A O   1 
ATOM   277  C CB  . ILE A 1 39 ? 13.749  -7.530  -6.994  1.00 35.74 ? 95   ILE A CB  1 
ATOM   278  C CG1 . ILE A 1 39 ? 15.051  -6.983  -7.590  1.00 36.83 ? 95   ILE A CG1 1 
ATOM   279  C CG2 . ILE A 1 39 ? 13.661  -7.421  -5.441  1.00 35.25 ? 95   ILE A CG2 1 
ATOM   280  C CD1 . ILE A 1 39 ? 15.281  -5.476  -7.411  1.00 37.12 ? 95   ILE A CD1 1 
ATOM   281  N N   . GLN A 1 40 ? 15.643  -10.224 -7.071  1.00 33.90 ? 96   GLN A N   1 
ATOM   282  C CA  . GLN A 1 40 ? 16.594  -11.036 -6.299  1.00 34.02 ? 96   GLN A CA  1 
ATOM   283  C C   . GLN A 1 40 ? 16.691  -10.514 -4.900  1.00 32.40 ? 96   GLN A C   1 
ATOM   284  O O   . GLN A 1 40 ? 16.780  -9.286  -4.738  1.00 29.22 ? 96   GLN A O   1 
ATOM   285  C CB  . GLN A 1 40 ? 17.994  -10.866 -6.850  1.00 36.64 ? 96   GLN A CB  1 
ATOM   286  C CG  . GLN A 1 40 ? 18.242  -11.472 -8.148  1.00 39.96 ? 96   GLN A CG  1 
ATOM   287  C CD  . GLN A 1 40 ? 19.667  -11.208 -8.645  1.00 43.76 ? 96   GLN A CD  1 
ATOM   288  O OE1 . GLN A 1 40 ? 19.930  -11.485 -9.820  1.00 47.29 ? 96   GLN A OE1 1 
ATOM   289  N NE2 . GLN A 1 40 ? 20.591  -10.654 -7.779  1.00 42.15 ? 96   GLN A NE2 1 
ATOM   290  N N   . HIS A 1 41 ? 16.680  -11.379 -3.877  1.00 30.96 ? 97   HIS A N   1 
ATOM   291  C CA  . HIS A 1 41 ? 16.695  -10.830 -2.483  1.00 30.29 ? 97   HIS A CA  1 
ATOM   292  C C   . HIS A 1 41 ? 17.848  -9.866  -2.114  1.00 30.42 ? 97   HIS A C   1 
ATOM   293  O O   . HIS A 1 41 ? 17.639  -8.802  -1.455  1.00 29.32 ? 97   HIS A O   1 
ATOM   294  C CB  . HIS A 1 41 ? 16.593  -11.913 -1.454  1.00 32.66 ? 97   HIS A CB  1 
ATOM   295  C CG  . HIS A 1 41 ? 16.305  -11.402 -0.073  1.00 35.03 ? 97   HIS A CG  1 
ATOM   296  N ND1 . HIS A 1 41 ? 16.843  -11.968 1.059   1.00 39.44 ? 97   HIS A ND1 1 
ATOM   297  C CD2 . HIS A 1 41 ? 15.566  -10.345 0.357   1.00 38.04 ? 97   HIS A CD2 1 
ATOM   298  C CE1 . HIS A 1 41 ? 16.455  -11.286 2.130   1.00 40.01 ? 97   HIS A CE1 1 
ATOM   299  N NE2 . HIS A 1 41 ? 15.680  -10.293 1.731   1.00 40.86 ? 97   HIS A NE2 1 
ATOM   300  N N   . ASP A 1 42 ? 19.059  -10.184 -2.540  1.00 29.63 ? 98   ASP A N   1 
ATOM   301  C CA  . ASP A 1 42 ? 20.173  -9.283  -2.287  1.00 30.45 ? 98   ASP A CA  1 
ATOM   302  C C   . ASP A 1 42 ? 19.886  -7.853  -2.848  1.00 30.27 ? 98   ASP A C   1 
ATOM   303  O O   . ASP A 1 42 ? 20.182  -6.856  -2.223  1.00 29.50 ? 98   ASP A O   1 
ATOM   304  C CB  . ASP A 1 42 ? 21.484  -9.893  -2.836  1.00 31.29 ? 98   ASP A CB  1 
ATOM   305  C CG  . ASP A 1 42 ? 21.545  -9.953  -4.354  1.00 33.41 ? 98   ASP A CG  1 
ATOM   306  O OD1 . ASP A 1 42 ? 20.617  -10.385 -5.055  1.00 33.86 ? 98   ASP A OD1 1 
ATOM   307  O OD2 . ASP A 1 42 ? 22.593  -9.547  -4.906  1.00 39.91 ? 98   ASP A OD2 1 
ATOM   308  N N   . GLN A 1 43 ? 19.244  -7.758  -3.998  1.00 29.44 ? 99   GLN A N   1 
ATOM   309  C CA  . GLN A 1 43 ? 18.944  -6.451  -4.568  1.00 29.71 ? 99   GLN A CA  1 
ATOM   310  C C   . GLN A 1 43 ? 17.786  -5.700  -3.855  1.00 29.56 ? 99   GLN A C   1 
ATOM   311  O O   . GLN A 1 43 ? 17.754  -4.443  -3.837  1.00 28.39 ? 99   GLN A O   1 
ATOM   312  C CB  . GLN A 1 43 ? 18.678  -6.608  -6.045  1.00 29.58 ? 99   GLN A CB  1 
ATOM   313  C CG  . GLN A 1 43 ? 19.876  -7.195  -6.816  1.00 32.08 ? 99   GLN A CG  1 
ATOM   314  C CD  . GLN A 1 43 ? 21.126  -6.342  -6.638  1.00 34.77 ? 99   GLN A CD  1 
ATOM   315  O OE1 . GLN A 1 43 ? 21.137  -5.185  -7.059  1.00 34.16 ? 99   GLN A OE1 1 
ATOM   316  N NE2 . GLN A 1 43 ? 22.161  -6.894  -5.974  1.00 35.27 ? 99   GLN A NE2 1 
ATOM   317  N N   . ALA A 1 44 ? 16.873  -6.457  -3.239  1.00 28.25 ? 100  ALA A N   1 
ATOM   318  C CA  . ALA A 1 44 ? 15.716  -5.903  -2.525  1.00 28.61 ? 100  ALA A CA  1 
ATOM   319  C C   . ALA A 1 44 ? 16.214  -5.039  -1.402  1.00 27.44 ? 100  ALA A C   1 
ATOM   320  O O   . ALA A 1 44 ? 15.733  -3.951  -1.177  1.00 25.18 ? 100  ALA A O   1 
ATOM   321  C CB  . ALA A 1 44 ? 14.830  -6.987  -1.924  1.00 26.15 ? 100  ALA A CB  1 
ATOM   322  N N   . LYS A 1 45 ? 17.124  -5.623  -0.648  1.00 27.24 ? 101  LYS A N   1 
ATOM   323  C CA  . LYS A 1 45 ? 17.797  -4.977  0.440   1.00 27.94 ? 101  LYS A CA  1 
ATOM   324  C C   . LYS A 1 45 ? 18.378  -3.652  0.063   1.00 24.87 ? 101  LYS A C   1 
ATOM   325  O O   . LYS A 1 45 ? 18.288  -2.688  0.802   1.00 24.65 ? 101  LYS A O   1 
ATOM   326  C CB  . LYS A 1 45 ? 18.977  -5.849  0.886   1.00 30.05 ? 101  LYS A CB  1 
ATOM   327  C CG  . LYS A 1 45 ? 18.631  -6.847  1.936   1.00 35.33 ? 101  LYS A CG  1 
ATOM   328  C CD  . LYS A 1 45 ? 19.929  -7.569  2.521   1.00 40.07 ? 101  LYS A CD  1 
ATOM   329  C CE  . LYS A 1 45 ? 20.357  -8.777  1.646   1.00 42.87 ? 101  LYS A CE  1 
ATOM   330  N NZ  . LYS A 1 45 ? 19.858  -10.079 2.205   1.00 45.99 ? 101  LYS A NZ  1 
ATOM   331  N N   . ARG A 1 46 ? 19.052  -3.642  -1.065  1.00 24.91 ? 102  ARG A N   1 
ATOM   332  C CA  . ARG A 1 46 ? 19.748  -2.455  -1.506  1.00 24.02 ? 102  ARG A CA  1 
ATOM   333  C C   . ARG A 1 46 ? 18.681  -1.383  -1.891  1.00 24.33 ? 102  ARG A C   1 
ATOM   334  O O   . ARG A 1 46 ? 18.837  -0.204  -1.544  1.00 22.73 ? 102  ARG A O   1 
ATOM   335  C CB  . ARG A 1 46 ? 20.621  -2.767  -2.708  1.00 26.23 ? 102  ARG A CB  1 
ATOM   336  C CG  . ARG A 1 46 ? 21.753  -3.814  -2.518  1.00 25.52 ? 102  ARG A CG  1 
ATOM   337  C CD  . ARG A 1 46 ? 22.494  -3.886  -3.770  1.00 28.86 ? 102  ARG A CD  1 
ATOM   338  N NE  . ARG A 1 46 ? 23.260  -2.671  -3.943  1.00 33.12 ? 102  ARG A NE  1 
ATOM   339  C CZ  . ARG A 1 46 ? 23.705  -2.161  -5.072  1.00 36.49 ? 102  ARG A CZ  1 
ATOM   340  N NH1 . ARG A 1 46 ? 23.435  -2.743  -6.222  1.00 39.33 ? 102  ARG A NH1 1 
ATOM   341  N NH2 . ARG A 1 46 ? 24.415  -1.005  -5.035  1.00 40.54 ? 102  ARG A NH2 1 
ATOM   342  N N   . ILE A 1 47 ? 17.594  -1.783  -2.564  1.00 21.10 ? 103  ILE A N   1 
ATOM   343  C CA  . ILE A 1 47 ? 16.468  -0.833  -2.799  1.00 20.64 ? 103  ILE A CA  1 
ATOM   344  C C   . ILE A 1 47 ? 15.891  -0.254  -1.525  1.00 20.19 ? 103  ILE A C   1 
ATOM   345  O O   . ILE A 1 47 ? 15.668  0.972   -1.433  1.00 22.70 ? 103  ILE A O   1 
ATOM   346  C CB  . ILE A 1 47 ? 15.353  -1.465  -3.650  1.00 21.16 ? 103  ILE A CB  1 
ATOM   347  C CG1 . ILE A 1 47 ? 15.907  -1.739  -5.082  1.00 22.71 ? 103  ILE A CG1 1 
ATOM   348  C CG2 . ILE A 1 47 ? 14.044  -0.562  -3.653  1.00 19.46 ? 103  ILE A CG2 1 
ATOM   349  C CD1 . ILE A 1 47 ? 14.929  -2.353  -6.067  1.00 21.23 ? 103  ILE A CD1 1 
ATOM   350  N N   . VAL A 1 48 ? 15.694  -1.071  -0.506  1.00 20.10 ? 104  VAL A N   1 
ATOM   351  C CA  . VAL A 1 48 ? 15.099  -0.612  0.729   1.00 19.75 ? 104  VAL A CA  1 
ATOM   352  C C   . VAL A 1 48 ? 16.034  0.382   1.460   1.00 19.77 ? 104  VAL A C   1 
ATOM   353  O O   . VAL A 1 48 ? 15.611  1.389   2.004   1.00 18.77 ? 104  VAL A O   1 
ATOM   354  C CB  . VAL A 1 48 ? 14.742  -1.760  1.647   1.00 20.42 ? 104  VAL A CB  1 
ATOM   355  C CG1 . VAL A 1 48 ? 14.484  -1.214  3.040   1.00 20.81 ? 104  VAL A CG1 1 
ATOM   356  C CG2 . VAL A 1 48 ? 13.519  -2.557  1.081   1.00 17.45 ? 104  VAL A CG2 1 
ATOM   357  N N   . ASP A 1 49 ? 17.324  0.103   1.412   1.00 21.34 ? 105  ASP A N   1 
ATOM   358  C CA  . ASP A 1 49 ? 18.319  1.022   2.014   1.00 20.13 ? 105  ASP A CA  1 
ATOM   359  C C   . ASP A 1 49 ? 18.379  2.365   1.246   1.00 17.88 ? 105  ASP A C   1 
ATOM   360  O O   . ASP A 1 49 ? 18.352  3.394   1.864   1.00 17.21 ? 105  ASP A O   1 
ATOM   361  C CB  . ASP A 1 49 ? 19.686  0.341   2.131   1.00 20.43 ? 105  ASP A CB  1 
ATOM   362  C CG  . ASP A 1 49 ? 19.705  -0.794  3.212   1.00 22.98 ? 105  ASP A CG  1 
ATOM   363  O OD1 . ASP A 1 49 ? 18.865  -0.804  4.135   1.00 27.88 ? 105  ASP A OD1 1 
ATOM   364  O OD2 . ASP A 1 49 ? 20.539  -1.696  3.080   1.00 26.10 ? 105  ASP A OD2 1 
ATOM   365  N N   . PHE A 1 50 ? 18.462  2.330   -0.079  1.00 17.90 ? 106  PHE A N   1 
ATOM   366  C CA  . PHE A 1 50 ? 18.413  3.526   -0.932  1.00 18.11 ? 106  PHE A CA  1 
ATOM   367  C C   . PHE A 1 50 ? 17.199  4.369   -0.589  1.00 18.85 ? 106  PHE A C   1 
ATOM   368  O O   . PHE A 1 50 ? 17.324  5.526   -0.276  1.00 17.42 ? 106  PHE A O   1 
ATOM   369  C CB  . PHE A 1 50 ? 18.367  3.128   -2.387  1.00 19.48 ? 106  PHE A CB  1 
ATOM   370  C CG  . PHE A 1 50 ? 18.457  4.275   -3.349  1.00 19.84 ? 106  PHE A CG  1 
ATOM   371  C CD1 . PHE A 1 50 ? 17.317  4.932   -3.762  1.00 22.30 ? 106  PHE A CD1 1 
ATOM   372  C CD2 . PHE A 1 50 ? 19.669  4.639   -3.926  1.00 20.10 ? 106  PHE A CD2 1 
ATOM   373  C CE1 . PHE A 1 50 ? 17.367  5.997   -4.655  1.00 22.46 ? 106  PHE A CE1 1 
ATOM   374  C CE2 . PHE A 1 50 ? 19.720  5.702   -4.885  1.00 20.65 ? 106  PHE A CE2 1 
ATOM   375  C CZ  . PHE A 1 50 ? 18.575  6.385   -5.221  1.00 21.50 ? 106  PHE A CZ  1 
ATOM   376  N N   . LEU A 1 51 ? 16.020  3.745   -0.559  1.00 18.35 ? 107  LEU A N   1 
ATOM   377  C CA  . LEU A 1 51 ? 14.783  4.461   -0.215  1.00 17.91 ? 107  LEU A CA  1 
ATOM   378  C C   . LEU A 1 51 ? 14.777  5.005   1.214   1.00 18.91 ? 107  LEU A C   1 
ATOM   379  O O   . LEU A 1 51 ? 14.304  6.125   1.420   1.00 20.50 ? 107  LEU A O   1 
ATOM   380  C CB  . LEU A 1 51 ? 13.600  3.594   -0.575  1.00 18.26 ? 107  LEU A CB  1 
ATOM   381  C CG  . LEU A 1 51 ? 13.437  3.369   -2.078  1.00 19.23 ? 107  LEU A CG  1 
ATOM   382  C CD1 . LEU A 1 51 ? 12.304  2.371   -2.385  1.00 15.97 ? 107  LEU A CD1 1 
ATOM   383  C CD2 . LEU A 1 51 ? 13.163  4.725   -2.787  1.00 20.56 ? 107  LEU A CD2 1 
ATOM   384  N N   . SER A 1 52 ? 15.348  4.311   2.224   1.00 18.88 ? 108  SER A N   1 
ATOM   385  C CA  . SER A 1 52 ? 15.416  4.905   3.534   1.00 19.98 ? 108  SER A CA  1 
ATOM   386  C C   . SER A 1 52 ? 16.207  6.200   3.507   1.00 18.95 ? 108  SER A C   1 
ATOM   387  O O   . SER A 1 52 ? 15.870  7.171   4.220   1.00 19.62 ? 108  SER A O   1 
ATOM   388  C CB  . SER A 1 52 ? 16.058  3.947   4.583   1.00 21.52 ? 108  SER A CB  1 
ATOM   389  O OG  . SER A 1 52 ? 15.375  2.705   4.581   1.00 24.20 ? 108  SER A OG  1 
ATOM   390  N N   . GLY A 1 53 ? 17.284  6.223   2.712   1.00 20.21 ? 109  GLY A N   1 
ATOM   391  C CA  . GLY A 1 53 ? 18.135  7.440   2.604   1.00 20.28 ? 109  GLY A CA  1 
ATOM   392  C C   . GLY A 1 53 ? 17.378  8.553   1.912   1.00 21.03 ? 109  GLY A C   1 
ATOM   393  O O   . GLY A 1 53 ? 17.513  9.718   2.265   1.00 19.38 ? 109  GLY A O   1 
ATOM   394  N N   . THR A 1 54 ? 16.604  8.185   0.894   1.00 20.55 ? 110  THR A N   1 
ATOM   395  C CA  . THR A 1 54 ? 15.783  9.139   0.186   1.00 21.04 ? 110  THR A CA  1 
ATOM   396  C C   . THR A 1 54 ? 14.774  9.787   1.138   1.00 23.04 ? 110  THR A C   1 
ATOM   397  O O   . THR A 1 54 ? 14.678  11.041  1.241   1.00 21.39 ? 110  THR A O   1 
ATOM   398  C CB  . THR A 1 54 ? 15.046  8.476   -0.973  1.00 22.45 ? 110  THR A CB  1 
ATOM   399  O OG1 . THR A 1 54 ? 16.004  8.022   -1.953  1.00 24.99 ? 110  THR A OG1 1 
ATOM   400  C CG2 . THR A 1 54 ? 14.018  9.470   -1.629  1.00 22.03 ? 110  THR A CG2 1 
ATOM   401  N N   . VAL A 1 55 ? 14.024  8.951   1.861   1.00 22.18 ? 111  VAL A N   1 
ATOM   402  C CA  . VAL A 1 55 ? 12.966  9.484   2.695   1.00 22.17 ? 111  VAL A CA  1 
ATOM   403  C C   . VAL A 1 55 ? 13.521  10.277  3.874   1.00 22.67 ? 111  VAL A C   1 
ATOM   404  O O   . VAL A 1 55 ? 12.906  11.292  4.283   1.00 20.82 ? 111  VAL A O   1 
ATOM   405  C CB  . VAL A 1 55 ? 11.941  8.404   3.156   1.00 23.40 ? 111  VAL A CB  1 
ATOM   406  C CG1 . VAL A 1 55 ? 11.229  7.760   1.901   1.00 21.42 ? 111  VAL A CG1 1 
ATOM   407  C CG2 . VAL A 1 55 ? 12.593  7.344   4.038   1.00 23.23 ? 111  VAL A CG2 1 
ATOM   408  N N   . TYR A 1 56 ? 14.687  9.846   4.369   1.00 22.70 ? 112  TYR A N   1 
ATOM   409  C CA  . TYR A 1 56 ? 15.392  10.536  5.448   1.00 23.99 ? 112  TYR A CA  1 
ATOM   410  C C   . TYR A 1 56 ? 15.682  11.963  5.002   1.00 23.86 ? 112  TYR A C   1 
ATOM   411  O O   . TYR A 1 56 ? 15.459  12.912  5.712   1.00 24.73 ? 112  TYR A O   1 
ATOM   412  C CB  . TYR A 1 56 ? 16.691  9.860   5.872   1.00 24.00 ? 112  TYR A CB  1 
ATOM   413  C CG  . TYR A 1 56 ? 17.312  10.596  7.048   1.00 26.93 ? 112  TYR A CG  1 
ATOM   414  C CD1 . TYR A 1 56 ? 16.783  10.448  8.338   1.00 29.12 ? 112  TYR A CD1 1 
ATOM   415  C CD2 . TYR A 1 56 ? 18.390  11.495  6.874   1.00 25.50 ? 112  TYR A CD2 1 
ATOM   416  C CE1 . TYR A 1 56 ? 17.267  11.178  9.395   1.00 30.38 ? 112  TYR A CE1 1 
ATOM   417  C CE2 . TYR A 1 56 ? 18.906  12.209  7.934   1.00 26.41 ? 112  TYR A CE2 1 
ATOM   418  C CZ  . TYR A 1 56 ? 18.334  12.064  9.207   1.00 28.47 ? 112  TYR A CZ  1 
ATOM   419  O OH  . TYR A 1 56 ? 18.815  12.754  10.325  1.00 29.39 ? 112  TYR A OH  1 
ATOM   420  N N   . ALA A 1 57 ? 16.153  12.072  3.785   1.00 24.03 ? 113  ALA A N   1 
ATOM   421  C CA  . ALA A 1 57 ? 16.491  13.353  3.145   1.00 24.26 ? 113  ALA A CA  1 
ATOM   422  C C   . ALA A 1 57 ? 15.342  14.271  2.891   1.00 25.02 ? 113  ALA A C   1 
ATOM   423  O O   . ALA A 1 57 ? 15.546  15.460  3.002   1.00 25.57 ? 113  ALA A O   1 
ATOM   424  C CB  . ALA A 1 57 ? 17.222  13.110  1.794   1.00 23.26 ? 113  ALA A CB  1 
ATOM   425  N N   . ILE A 1 58 ? 14.172  13.754  2.479   1.00 26.03 ? 114  ILE A N   1 
ATOM   426  C CA  . ILE A 1 58 ? 13.027  14.599  2.182   1.00 26.00 ? 114  ILE A CA  1 
ATOM   427  C C   . ILE A 1 58 ? 11.973  14.670  3.279   1.00 26.07 ? 114  ILE A C   1 
ATOM   428  O O   . ILE A 1 58 ? 10.987  15.381  3.136   1.00 26.19 ? 114  ILE A O   1 
ATOM   429  C CB  . ILE A 1 58 ? 12.368  14.216  0.866   1.00 27.03 ? 114  ILE A CB  1 
ATOM   430  C CG1 . ILE A 1 58 ? 11.597  12.885  1.007   1.00 28.09 ? 114  ILE A CG1 1 
ATOM   431  C CG2 . ILE A 1 58 ? 13.415  14.218  -0.251  1.00 27.69 ? 114  ILE A CG2 1 
ATOM   432  C CD1 . ILE A 1 58 ? 11.098  12.315  -0.290  1.00 27.89 ? 114  ILE A CD1 1 
ATOM   433  N N   . GLY A 1 59 ? 12.164  13.973  4.383   1.00 27.07 ? 115  GLY A N   1 
ATOM   434  C CA  . GLY A 1 59 ? 11.217  14.068  5.505   1.00 28.26 ? 115  GLY A CA  1 
ATOM   435  C C   . GLY A 1 59 ? 9.969   13.185  5.364   1.00 28.20 ? 115  GLY A C   1 
ATOM   436  O O   . GLY A 1 59 ? 8.962   13.430  6.038   1.00 29.35 ? 115  GLY A O   1 
ATOM   437  N N   . GLY A 1 60 ? 10.029  12.137  4.537   1.00 26.88 ? 116  GLY A N   1 
ATOM   438  C CA  . GLY A 1 60 ? 8.944   11.150  4.488   1.00 25.34 ? 116  GLY A CA  1 
ATOM   439  C C   . GLY A 1 60 ? 9.197   9.927   5.388   1.00 25.30 ? 116  GLY A C   1 
ATOM   440  O O   . GLY A 1 60 ? 9.857   9.986   6.440   1.00 24.68 ? 116  GLY A O   1 
ATOM   441  N N   . ASP A 1 61 ? 8.634   8.812   4.993   1.00 24.09 ? 117  ASP A N   1 
ATOM   442  C CA  . ASP A 1 61 ? 8.757   7.598   5.797   1.00 25.18 ? 117  ASP A CA  1 
ATOM   443  C C   . ASP A 1 61 ? 8.746   6.356   4.890   1.00 21.93 ? 117  ASP A C   1 
ATOM   444  O O   . ASP A 1 61 ? 8.326   6.422   3.753   1.00 23.38 ? 117  ASP A O   1 
ATOM   445  C CB  . ASP A 1 61 ? 7.620   7.553   6.847   1.00 26.31 ? 117  ASP A CB  1 
ATOM   446  C CG  . ASP A 1 61 ? 7.931   6.614   8.048   1.00 31.89 ? 117  ASP A CG  1 
ATOM   447  O OD1 . ASP A 1 61 ? 9.114   6.250   8.301   1.00 36.60 ? 117  ASP A OD1 1 
ATOM   448  O OD2 . ASP A 1 61 ? 6.956   6.228   8.766   1.00 39.98 ? 117  ASP A OD2 1 
ATOM   449  N N   . ILE A 1 62 ? 9.285   5.257   5.404   1.00 22.15 ? 118  ILE A N   1 
ATOM   450  C CA  . ILE A 1 62 ? 9.235   3.963   4.773   1.00 23.09 ? 118  ILE A CA  1 
ATOM   451  C C   . ILE A 1 62 ? 8.757   2.975   5.845   1.00 24.19 ? 118  ILE A C   1 
ATOM   452  O O   . ILE A 1 62 ? 9.322   2.946   6.960   1.00 23.58 ? 118  ILE A O   1 
ATOM   453  C CB  . ILE A 1 62 ? 10.579  3.566   4.141   1.00 23.44 ? 118  ILE A CB  1 
ATOM   454  C CG1 . ILE A 1 62 ? 10.467  2.184   3.477   1.00 25.17 ? 118  ILE A CG1 1 
ATOM   455  C CG2 . ILE A 1 62 ? 11.813  3.715   5.141   1.00 24.09 ? 118  ILE A CG2 1 
ATOM   456  C CD1 . ILE A 1 62 ? 11.604  1.860   2.470   1.00 26.13 ? 118  ILE A CD1 1 
ATOM   457  N N   . GLN A 1 63 ? 7.764   2.162   5.494   1.00 24.95 ? 119  GLN A N   1 
ATOM   458  C CA  . GLN A 1 63 ? 7.130   1.198   6.427   1.00 26.82 ? 119  GLN A CA  1 
ATOM   459  C C   . GLN A 1 63 ? 6.925   -0.110  5.723   1.00 25.82 ? 119  GLN A C   1 
ATOM   460  O O   . GLN A 1 63 ? 6.473   -0.110  4.568   1.00 22.57 ? 119  GLN A O   1 
ATOM   461  C CB  . GLN A 1 63 ? 5.726   1.628   6.815   1.00 29.10 ? 119  GLN A CB  1 
ATOM   462  C CG  . GLN A 1 63 ? 5.628   2.662   7.817   1.00 35.13 ? 119  GLN A CG  1 
ATOM   463  C CD  . GLN A 1 63 ? 4.442   2.404   8.778   1.00 40.36 ? 119  GLN A CD  1 
ATOM   464  O OE1 . GLN A 1 63 ? 4.209   1.256   9.221   1.00 45.31 ? 119  GLN A OE1 1 
ATOM   465  N NE2 . GLN A 1 63 ? 3.718   3.470   9.117   1.00 42.70 ? 119  GLN A NE2 1 
ATOM   466  N N   . ARG A 1 64 ? 7.287   -1.217  6.384   1.00 24.27 ? 120  ARG A N   1 
ATOM   467  C CA  . ARG A 1 64 ? 7.101   -2.552  5.823   1.00 25.59 ? 120  ARG A CA  1 
ATOM   468  C C   . ARG A 1 64 ? 5.617   -2.830  5.952   1.00 24.21 ? 120  ARG A C   1 
ATOM   469  O O   . ARG A 1 64 ? 5.066   -2.648  7.031   1.00 23.49 ? 120  ARG A O   1 
ATOM   470  C CB  . ARG A 1 64 ? 7.881   -3.585  6.613   1.00 28.62 ? 120  ARG A CB  1 
ATOM   471  C CG  . ARG A 1 64 ? 7.828   -4.968  6.131   1.00 31.71 ? 120  ARG A CG  1 
ATOM   472  C CD  . ARG A 1 64 ? 8.790   -5.907  6.968   1.00 37.82 ? 120  ARG A CD  1 
ATOM   473  N NE  . ARG A 1 64 ? 9.602   -6.698  6.025   1.00 43.40 ? 120  ARG A NE  1 
ATOM   474  C CZ  . ARG A 1 64 ? 9.439   -8.000  5.735   1.00 47.93 ? 120  ARG A CZ  1 
ATOM   475  N NH1 . ARG A 1 64 ? 8.511   -8.747  6.356   1.00 50.68 ? 120  ARG A NH1 1 
ATOM   476  N NH2 . ARG A 1 64 ? 10.207  -8.571  4.810   1.00 49.22 ? 120  ARG A NH2 1 
ATOM   477  N N   . ILE A 1 65 ? 4.962   -3.216  4.870   1.00 23.03 ? 121  ILE A N   1 
ATOM   478  C CA  . ILE A 1 65 ? 3.503   -3.473  4.980   1.00 23.80 ? 121  ILE A CA  1 
ATOM   479  C C   . ILE A 1 65 ? 3.090   -4.951  4.756   1.00 25.91 ? 121  ILE A C   1 
ATOM   480  O O   . ILE A 1 65 ? 1.903   -5.302  4.859   1.00 26.14 ? 121  ILE A O   1 
ATOM   481  C CB  . ILE A 1 65 ? 2.659   -2.484  4.113   1.00 22.89 ? 121  ILE A CB  1 
ATOM   482  C CG1 . ILE A 1 65 ? 3.052   -2.568  2.647   1.00 23.13 ? 121  ILE A CG1 1 
ATOM   483  C CG2 . ILE A 1 65 ? 2.701   -1.081  4.709   1.00 21.47 ? 121  ILE A CG2 1 
ATOM   484  C CD1 . ILE A 1 65 ? 2.114   -1.816  1.649   1.00 22.08 ? 121  ILE A CD1 1 
ATOM   485  N N   . GLY A 1 66 ? 4.082   -5.789  4.495   1.00 27.42 ? 122  GLY A N   1 
ATOM   486  C CA  . GLY A 1 66 ? 3.942   -7.216  4.399   1.00 29.97 ? 122  GLY A CA  1 
ATOM   487  C C   . GLY A 1 66 ? 5.296   -7.776  4.038   1.00 30.94 ? 122  GLY A C   1 
ATOM   488  O O   . GLY A 1 66 ? 6.286   -7.058  4.065   1.00 30.45 ? 122  GLY A O   1 
ATOM   489  N N   . SER A 1 67 ? 5.341   -9.056  3.692   1.00 32.36 ? 123  SER A N   1 
ATOM   490  C CA  . SER A 1 67 ? 6.596   -9.702  3.258   1.00 33.74 ? 123  SER A CA  1 
ATOM   491  C C   . SER A 1 67 ? 7.119   -9.098  2.002   1.00 33.33 ? 123  SER A C   1 
ATOM   492  O O   . SER A 1 67 ? 6.467   -9.186  1.002   1.00 35.43 ? 123  SER A O   1 
ATOM   493  C CB  . SER A 1 67 ? 6.369   -11.195 2.950   1.00 34.27 ? 123  SER A CB  1 
ATOM   494  O OG  . SER A 1 67 ? 6.242   -11.837 4.185   1.00 38.40 ? 123  SER A OG  1 
ATOM   495  N N   . ASP A 1 68 ? 8.308   -8.509  2.036   1.00 32.73 ? 124  ASP A N   1 
ATOM   496  C CA  . ASP A 1 68 ? 8.908   -8.002  0.814   1.00 31.95 ? 124  ASP A CA  1 
ATOM   497  C C   . ASP A 1 68 ? 8.066   -6.836  0.204   1.00 26.66 ? 124  ASP A C   1 
ATOM   498  O O   . ASP A 1 68 ? 8.075   -6.624  -0.977  1.00 25.78 ? 124  ASP A O   1 
ATOM   499  C CB  . ASP A 1 68 ? 9.037   -9.129  -0.233  1.00 34.45 ? 124  ASP A CB  1 
ATOM   500  C CG  . ASP A 1 68 ? 9.583   -10.471 0.357   1.00 40.19 ? 124  ASP A CG  1 
ATOM   501  O OD1 . ASP A 1 68 ? 10.547  -10.399 1.187   1.00 45.43 ? 124  ASP A OD1 1 
ATOM   502  O OD2 . ASP A 1 68 ? 9.037   -11.581 -0.040  1.00 45.88 ? 124  ASP A OD2 1 
ATOM   503  N N   . ILE A 1 69 ? 7.283   -6.165  1.011   1.00 24.56 ? 125  ILE A N   1 
ATOM   504  C CA  . ILE A 1 69 ? 6.469   -5.039  0.544   1.00 23.74 ? 125  ILE A CA  1 
ATOM   505  C C   . ILE A 1 69 ? 6.487   -3.888  1.501   1.00 21.80 ? 125  ILE A C   1 
ATOM   506  O O   . ILE A 1 69 ? 6.269   -4.033  2.731   1.00 21.77 ? 125  ILE A O   1 
ATOM   507  C CB  . ILE A 1 69 ? 5.004   -5.437  0.164   1.00 24.87 ? 125  ILE A CB  1 
ATOM   508  C CG1 . ILE A 1 69 ? 4.263   -4.242  -0.457  1.00 23.63 ? 125  ILE A CG1 1 
ATOM   509  C CG2 . ILE A 1 69 ? 4.300   -6.007  1.345   1.00 28.93 ? 125  ILE A CG2 1 
ATOM   510  C CD1 . ILE A 1 69 ? 3.222   -4.662  -1.468  1.00 28.83 ? 125  ILE A CD1 1 
ATOM   511  N N   . PHE A 1 70 ? 6.706   -2.722  0.890   1.00 19.47 ? 126  PHE A N   1 
ATOM   512  C CA  . PHE A 1 70 ? 6.893   -1.471  1.614   1.00 20.98 ? 126  PHE A CA  1 
ATOM   513  C C   . PHE A 1 70 ? 6.047   -0.327  1.110   1.00 20.85 ? 126  PHE A C   1 
ATOM   514  O O   . PHE A 1 70 ? 5.757   -0.231  -0.108  1.00 21.96 ? 126  PHE A O   1 
ATOM   515  C CB  . PHE A 1 70 ? 8.390   -1.070  1.495   1.00 21.00 ? 126  PHE A CB  1 
ATOM   516  C CG  . PHE A 1 70 ? 9.277   -2.032  2.162   1.00 22.90 ? 126  PHE A CG  1 
ATOM   517  C CD1 . PHE A 1 70 ? 9.688   -3.188  1.499   1.00 21.75 ? 126  PHE A CD1 1 
ATOM   518  C CD2 . PHE A 1 70 ? 9.627   -1.841  3.510   1.00 23.62 ? 126  PHE A CD2 1 
ATOM   519  C CE1 . PHE A 1 70 ? 10.462  -4.141  2.159   1.00 24.79 ? 126  PHE A CE1 1 
ATOM   520  C CE2 . PHE A 1 70 ? 10.421  -2.801  4.144   1.00 25.97 ? 126  PHE A CE2 1 
ATOM   521  C CZ  . PHE A 1 70 ? 10.811  -3.935  3.490   1.00 24.51 ? 126  PHE A CZ  1 
ATOM   522  N N   . LEU A 1 71 ? 5.687   0.560   2.039   1.00 19.74 ? 127  LEU A N   1 
ATOM   523  C CA  . LEU A 1 71 ? 4.970   1.760   1.721   1.00 20.21 ? 127  LEU A CA  1 
ATOM   524  C C   . LEU A 1 71 ? 5.934   2.918   1.963   1.00 20.72 ? 127  LEU A C   1 
ATOM   525  O O   . LEU A 1 71 ? 6.411   3.109   3.083   1.00 21.24 ? 127  LEU A O   1 
ATOM   526  C CB  . LEU A 1 71 ? 3.715   1.912   2.593   1.00 20.60 ? 127  LEU A CB  1 
ATOM   527  C CG  . LEU A 1 71 ? 2.934   3.241   2.320   1.00 20.59 ? 127  LEU A CG  1 
ATOM   528  C CD1 . LEU A 1 71 ? 2.455   3.381   0.822   1.00 18.89 ? 127  LEU A CD1 1 
ATOM   529  C CD2 . LEU A 1 71 ? 1.804   3.395   3.338   1.00 19.14 ? 127  LEU A CD2 1 
ATOM   530  N N   . CYS A 1 72 ? 6.300   3.621   0.900   1.00 21.35 ? 128  CYS A N   1 
ATOM   531  C CA  . CYS A 1 72 ? 7.044   4.865   1.061   1.00 20.27 ? 128  CYS A CA  1 
ATOM   532  C C   . CYS A 1 72 ? 6.127   6.057   0.897   1.00 19.98 ? 128  CYS A C   1 
ATOM   533  O O   . CYS A 1 72 ? 5.312   6.124   -0.004  1.00 19.30 ? 128  CYS A O   1 
ATOM   534  C CB  . CYS A 1 72 ? 8.166   4.960   0.079   1.00 21.14 ? 128  CYS A CB  1 
ATOM   535  S SG  . CYS A 1 72 ? 9.299   3.529   0.026   1.00 26.11 ? 128  CYS A SG  1 
ATOM   536  N N   . THR A 1 73 ? 6.282   7.028   1.788   1.00 20.30 ? 129  THR A N   1 
ATOM   537  C CA  . THR A 1 73 ? 5.460   8.186   1.783   1.00 20.79 ? 129  THR A CA  1 
ATOM   538  C C   . THR A 1 73 ? 6.317   9.447   1.898   1.00 21.11 ? 129  THR A C   1 
ATOM   539  O O   . THR A 1 73 ? 7.309   9.471   2.617   1.00 20.85 ? 129  THR A O   1 
ATOM   540  C CB  . THR A 1 73 ? 4.459   8.174   2.957   1.00 20.17 ? 129  THR A CB  1 
ATOM   541  O OG1 . THR A 1 73 ? 5.129   7.897   4.161   1.00 21.79 ? 129  THR A OG1 1 
ATOM   542  C CG2 . THR A 1 73 ? 3.353   7.117   2.719   1.00 20.47 ? 129  THR A CG2 1 
ATOM   543  N N   . PRO A 1 74 ? 5.935   10.488  1.184   1.00 21.90 ? 130  PRO A N   1 
ATOM   544  C CA  . PRO A 1 74 ? 6.436   11.815  1.470   1.00 22.29 ? 130  PRO A CA  1 
ATOM   545  C C   . PRO A 1 74 ? 5.779   12.421  2.707   1.00 24.41 ? 130  PRO A C   1 
ATOM   546  O O   . PRO A 1 74 ? 4.801   11.852  3.258   1.00 25.49 ? 130  PRO A O   1 
ATOM   547  C CB  . PRO A 1 74 ? 6.045   12.618  0.211   1.00 22.65 ? 130  PRO A CB  1 
ATOM   548  C CG  . PRO A 1 74 ? 4.721   11.937  -0.231  1.00 22.73 ? 130  PRO A CG  1 
ATOM   549  C CD  . PRO A 1 74 ? 4.825   10.468  0.224   1.00 22.42 ? 130  PRO A CD  1 
ATOM   550  N N   . ASP A 1 75 ? 6.234   13.616  3.106   1.00 25.57 ? 131  ASP A N   1 
ATOM   551  C CA  . ASP A 1 75 ? 5.727   14.217  4.336   1.00 28.16 ? 131  ASP A CA  1 
ATOM   552  C C   . ASP A 1 75 ? 4.278   14.613  4.273   1.00 27.95 ? 131  ASP A C   1 
ATOM   553  O O   . ASP A 1 75 ? 3.692   14.816  5.295   1.00 28.14 ? 131  ASP A O   1 
ATOM   554  C CB  . ASP A 1 75 ? 6.598   15.375  4.852   1.00 30.59 ? 131  ASP A CB  1 
ATOM   555  C CG  . ASP A 1 75 ? 6.634   16.592  3.930   1.00 34.16 ? 131  ASP A CG  1 
ATOM   556  O OD1 . ASP A 1 75 ? 5.877   16.707  2.923   1.00 36.55 ? 131  ASP A OD1 1 
ATOM   557  O OD2 . ASP A 1 75 ? 7.495   17.463  4.239   1.00 41.84 ? 131  ASP A OD2 1 
ATOM   558  N N   . ASN A 1 76 ? 3.693   14.711  3.088   1.00 27.61 ? 132  ASN A N   1 
ATOM   559  C CA  . ASN A 1 76 ? 2.300   15.148  2.940   1.00 28.07 ? 132  ASN A CA  1 
ATOM   560  C C   . ASN A 1 76 ? 1.305   13.991  3.005   1.00 28.47 ? 132  ASN A C   1 
ATOM   561  O O   . ASN A 1 76 ? 0.106   14.219  2.837   1.00 28.66 ? 132  ASN A O   1 
ATOM   562  C CB  . ASN A 1 76 ? 2.071   15.923  1.602   1.00 28.04 ? 132  ASN A CB  1 
ATOM   563  C CG  . ASN A 1 76 ? 2.568   15.158  0.400   1.00 25.97 ? 132  ASN A CG  1 
ATOM   564  O OD1 . ASN A 1 76 ? 3.788   15.020  0.206   1.00 26.82 ? 132  ASN A OD1 1 
ATOM   565  N ND2 . ASN A 1 76 ? 1.656   14.593  -0.362  1.00 25.41 ? 132  ASN A ND2 1 
ATOM   566  N N   . VAL A 1 77 ? 1.796   12.754  3.222   1.00 28.57 ? 133  VAL A N   1 
ATOM   567  C CA  . VAL A 1 77 ? 0.914   11.585  3.420   1.00 27.14 ? 133  VAL A CA  1 
ATOM   568  C C   . VAL A 1 77 ? 1.087   11.104  4.850   1.00 28.59 ? 133  VAL A C   1 
ATOM   569  O O   . VAL A 1 77 ? 2.200   10.766  5.294   1.00 28.48 ? 133  VAL A O   1 
ATOM   570  C CB  . VAL A 1 77 ? 1.183   10.465  2.405   1.00 27.22 ? 133  VAL A CB  1 
ATOM   571  C CG1 . VAL A 1 77 ? 0.302   9.309   2.648   1.00 24.36 ? 133  VAL A CG1 1 
ATOM   572  C CG2 . VAL A 1 77 ? 1.015   10.977  0.971   1.00 22.59 ? 133  VAL A CG2 1 
ATOM   573  N N   . ASP A 1 78 ? -0.011  11.116  5.601   1.00 29.63 ? 134  ASP A N   1 
ATOM   574  C CA  . ASP A 1 78 ? 0.016   10.606  6.978   1.00 31.34 ? 134  ASP A CA  1 
ATOM   575  C C   . ASP A 1 78 ? -0.409  9.128   6.968   1.00 30.18 ? 134  ASP A C   1 
ATOM   576  O O   . ASP A 1 78 ? -1.473  8.803   6.414   1.00 32.00 ? 134  ASP A O   1 
ATOM   577  C CB  . ASP A 1 78 ? -0.972  11.427  7.824   1.00 34.09 ? 134  ASP A CB  1 
ATOM   578  C CG  . ASP A 1 78 ? -0.591  12.949  7.836   1.00 39.83 ? 134  ASP A CG  1 
ATOM   579  O OD1 . ASP A 1 78 ? 0.647   13.229  7.941   1.00 44.55 ? 134  ASP A OD1 1 
ATOM   580  O OD2 . ASP A 1 78 ? -1.497  13.821  7.632   1.00 46.42 ? 134  ASP A OD2 1 
ATOM   581  N N   . VAL A 1 79 ? 0.365   8.264   7.587   1.00 27.67 ? 135  VAL A N   1 
ATOM   582  C CA  . VAL A 1 79 ? 0.049   6.835   7.634   1.00 28.20 ? 135  VAL A CA  1 
ATOM   583  C C   . VAL A 1 79 ? -0.399  6.520   9.059   1.00 30.21 ? 135  VAL A C   1 
ATOM   584  O O   . VAL A 1 79 ? 0.260   6.954   10.014  1.00 28.17 ? 135  VAL A O   1 
ATOM   585  C CB  . VAL A 1 79 ? 1.280   5.985   7.251   1.00 27.42 ? 135  VAL A CB  1 
ATOM   586  C CG1 . VAL A 1 79 ? 0.967   4.463   7.269   1.00 25.40 ? 135  VAL A CG1 1 
ATOM   587  C CG2 . VAL A 1 79 ? 1.734   6.343   5.821   1.00 27.10 ? 135  VAL A CG2 1 
ATOM   588  N N   . SER A 1 80 ? -1.509  5.816   9.226   1.00 31.28 ? 136  SER A N   1 
ATOM   589  C CA  . SER A 1 80 ? -1.928  5.397   10.583  1.00 34.34 ? 136  SER A CA  1 
ATOM   590  C C   . SER A 1 80 ? -2.165  3.880   10.618  1.00 36.69 ? 136  SER A C   1 
ATOM   591  O O   . SER A 1 80 ? -2.285  3.236   9.562   1.00 36.30 ? 136  SER A O   1 
ATOM   592  C CB  . SER A 1 80 ? -3.157  6.192   11.060  1.00 34.95 ? 136  SER A CB  1 
ATOM   593  O OG  . SER A 1 80 ? -4.243  5.952   10.186  1.00 35.20 ? 136  SER A OG  1 
ATOM   594  N N   . GLY A 1 81 ? -2.170  3.327   11.831  1.00 40.75 ? 137  GLY A N   1 
ATOM   595  C CA  . GLY A 1 81 ? -2.285  1.890   12.080  1.00 43.46 ? 137  GLY A CA  1 
ATOM   596  C C   . GLY A 1 81 ? -0.913  1.259   11.937  1.00 46.84 ? 137  GLY A C   1 
ATOM   597  O O   . GLY A 1 81 ? 0.059   1.923   11.553  1.00 48.18 ? 137  GLY A O   1 
ATOM   598  N N   . THR A 1 82 ? -0.806  -0.036  12.213  1.00 50.28 ? 138  THR A N   1 
ATOM   599  C CA  . THR A 1 82 ? 0.424   -0.738  11.845  1.00 52.69 ? 138  THR A CA  1 
ATOM   600  C C   . THR A 1 82 ? 0.189   -2.222  11.615  1.00 53.52 ? 138  THR A C   1 
ATOM   601  O O   . THR A 1 82 ? -0.902  -2.750  11.875  1.00 55.17 ? 138  THR A O   1 
ATOM   602  C CB  . THR A 1 82 ? 1.592   -0.505  12.859  1.00 53.69 ? 138  THR A CB  1 
ATOM   603  O OG1 . THR A 1 82 ? 2.829   -0.970  12.267  1.00 53.99 ? 138  THR A OG1 1 
ATOM   604  C CG2 . THR A 1 82 ? 1.299   -1.223  14.235  1.00 53.59 ? 138  THR A CG2 1 
ATOM   605  N N   . ILE A 1 83 ? 1.232   -2.870  11.102  1.00 54.77 ? 139  ILE A N   1 
ATOM   606  C CA  . ILE A 1 83 ? 1.126   -4.193  10.506  1.00 54.81 ? 139  ILE A CA  1 
ATOM   607  C C   . ILE A 1 83 ? 2.143   -5.144  11.170  1.00 55.54 ? 139  ILE A C   1 
ATOM   608  O O   . ILE A 1 83 ? 3.346   -4.980  10.989  1.00 56.26 ? 139  ILE A O   1 
ATOM   609  C CB  . ILE A 1 83 ? 1.246   -4.073  8.908   1.00 54.38 ? 139  ILE A CB  1 
ATOM   610  C CG1 . ILE A 1 83 ? -0.099  -3.530  8.355   1.00 52.84 ? 139  ILE A CG1 1 
ATOM   611  C CG2 . ILE A 1 83 ? 1.685   -5.417  8.271   1.00 54.23 ? 139  ILE A CG2 1 
ATOM   612  C CD1 . ILE A 1 83 ? -0.294  -3.544  6.857   1.00 53.10 ? 139  ILE A CD1 1 
ATOM   613  N N   . SER B 1 5  ? -1.354  15.506  5.101   1.00 48.24 ? 61   SER B N   1 
ATOM   614  C CA  . SER B 1 5  ? -2.472  16.009  4.217   1.00 47.81 ? 61   SER B CA  1 
ATOM   615  C C   . SER B 1 5  ? -3.437  14.896  3.656   1.00 46.13 ? 61   SER B C   1 
ATOM   616  O O   . SER B 1 5  ? -4.607  14.892  4.042   1.00 47.02 ? 61   SER B O   1 
ATOM   617  C CB  . SER B 1 5  ? -1.926  16.885  3.103   1.00 48.92 ? 61   SER B CB  1 
ATOM   618  O OG  . SER B 1 5  ? -2.970  17.395  2.300   1.00 50.15 ? 61   SER B OG  1 
ATOM   619  N N   . SER B 1 6  ? -3.009  13.975  2.781   1.00 42.21 ? 62   SER B N   1 
ATOM   620  C CA  . SER B 1 6  ? -3.843  12.780  2.572   1.00 38.90 ? 62   SER B CA  1 
ATOM   621  C C   . SER B 1 6  ? -3.485  11.729  3.636   1.00 36.69 ? 62   SER B C   1 
ATOM   622  O O   . SER B 1 6  ? -2.455  11.833  4.254   1.00 32.24 ? 62   SER B O   1 
ATOM   623  C CB  . SER B 1 6  ? -3.789  12.245  1.138   1.00 39.63 ? 62   SER B CB  1 
ATOM   624  O OG  . SER B 1 6  ? -2.507  11.794  0.701   1.00 39.77 ? 62   SER B OG  1 
ATOM   625  N N   . LYS B 1 7  ? -4.360  10.739  3.854   1.00 35.58 ? 63   LYS B N   1 
ATOM   626  C CA  . LYS B 1 7  ? -4.185  9.749   4.911   1.00 35.46 ? 63   LYS B CA  1 
ATOM   627  C C   . LYS B 1 7  ? -4.324  8.328   4.342   1.00 33.13 ? 63   LYS B C   1 
ATOM   628  O O   . LYS B 1 7  ? -5.225  8.037   3.548   1.00 33.74 ? 63   LYS B O   1 
ATOM   629  C CB  . LYS B 1 7  ? -5.142  10.012  6.123   1.00 37.83 ? 63   LYS B CB  1 
ATOM   630  C CG  . LYS B 1 7  ? -4.644  11.154  7.126   1.00 40.98 ? 63   LYS B CG  1 
ATOM   631  C CD  . LYS B 1 7  ? -5.789  11.990  7.807   1.00 45.60 ? 63   LYS B CD  1 
ATOM   632  C CE  . LYS B 1 7  ? -5.247  13.204  8.679   1.00 47.57 ? 63   LYS B CE  1 
ATOM   633  N NZ  . LYS B 1 7  ? -4.083  14.018  8.090   1.00 47.45 ? 63   LYS B NZ  1 
ATOM   634  N N   . VAL B 1 8  ? -3.389  7.461   4.729   1.00 29.14 ? 64   VAL B N   1 
ATOM   635  C CA  . VAL B 1 8  ? -3.436  6.047   4.363   1.00 26.96 ? 64   VAL B CA  1 
ATOM   636  C C   . VAL B 1 8  ? -3.477  5.247   5.668   1.00 25.66 ? 64   VAL B C   1 
ATOM   637  O O   . VAL B 1 8  ? -2.696  5.516   6.605   1.00 24.78 ? 64   VAL B O   1 
ATOM   638  C CB  . VAL B 1 8  ? -2.218  5.627   3.508   1.00 27.30 ? 64   VAL B CB  1 
ATOM   639  C CG1 . VAL B 1 8  ? -2.227  4.115   3.280   1.00 27.69 ? 64   VAL B CG1 1 
ATOM   640  C CG2 . VAL B 1 8  ? -2.193  6.407   2.147   1.00 29.42 ? 64   VAL B CG2 1 
ATOM   641  N N   . VAL B 1 9  ? -4.381  4.283   5.740   1.00 22.58 ? 65   VAL B N   1 
ATOM   642  C CA  . VAL B 1 9  ? -4.545  3.424   6.934   1.00 23.26 ? 65   VAL B CA  1 
ATOM   643  C C   . VAL B 1 9  ? -3.952  2.052   6.645   1.00 22.90 ? 65   VAL B C   1 
ATOM   644  O O   . VAL B 1 9  ? -4.175  1.487   5.590   1.00 23.73 ? 65   VAL B O   1 
ATOM   645  C CB  . VAL B 1 9  ? -6.034  3.289   7.371   1.00 23.05 ? 65   VAL B CB  1 
ATOM   646  C CG1 . VAL B 1 9  ? -6.167  2.392   8.625   1.00 25.14 ? 65   VAL B CG1 1 
ATOM   647  C CG2 . VAL B 1 9  ? -6.679  4.660   7.598   1.00 21.89 ? 65   VAL B CG2 1 
ATOM   648  N N   . LEU B 1 10 ? -3.206  1.509   7.590   1.00 23.21 ? 66   LEU B N   1 
ATOM   649  C CA  . LEU B 1 10 ? -2.676  0.199   7.466   1.00 24.21 ? 66   LEU B CA  1 
ATOM   650  C C   . LEU B 1 10 ? -3.506  -0.685  8.332   1.00 26.24 ? 66   LEU B C   1 
ATOM   651  O O   . LEU B 1 10 ? -3.710  -0.374  9.514   1.00 26.05 ? 66   LEU B O   1 
ATOM   652  C CB  . LEU B 1 10 ? -1.250  0.117   7.955   1.00 24.05 ? 66   LEU B CB  1 
ATOM   653  C CG  . LEU B 1 10 ? -0.281  1.135   7.376   1.00 25.52 ? 66   LEU B CG  1 
ATOM   654  C CD1 . LEU B 1 10 ? 1.163   0.913   8.073   1.00 24.71 ? 66   LEU B CD1 1 
ATOM   655  C CD2 . LEU B 1 10 ? -0.241  0.928   5.878   1.00 24.93 ? 66   LEU B CD2 1 
ATOM   656  N N   . SER B 1 11 ? -3.966  -1.791  7.746   1.00 27.29 ? 67   SER B N   1 
ATOM   657  C CA  . SER B 1 11 ? -4.895  -2.708  8.439   1.00 28.49 ? 67   SER B CA  1 
ATOM   658  C C   . SER B 1 11 ? -4.454  -4.161  8.301   1.00 29.04 ? 67   SER B C   1 
ATOM   659  O O   . SER B 1 11 ? -4.006  -4.627  7.230   1.00 27.76 ? 67   SER B O   1 
ATOM   660  C CB  . SER B 1 11 ? -6.287  -2.532  7.879   1.00 28.97 ? 67   SER B CB  1 
ATOM   661  O OG  . SER B 1 11 ? -7.159  -3.386  8.580   1.00 32.75 ? 67   SER B OG  1 
ATOM   662  N N   . GLU B 1 12 ? -4.520  -4.872  9.411   1.00 30.80 ? 68   GLU B N   1 
ATOM   663  C CA  . GLU B 1 12 ? -4.172  -6.260  9.443   1.00 31.97 ? 68   GLU B CA  1 
ATOM   664  C C   . GLU B 1 12 ? -5.277  -6.952  10.232  1.00 31.92 ? 68   GLU B C   1 
ATOM   665  O O   . GLU B 1 12 ? -5.150  -7.228  11.405  1.00 30.73 ? 68   GLU B O   1 
ATOM   666  C CB  . GLU B 1 12 ? -2.816  -6.457  10.078  1.00 34.13 ? 68   GLU B CB  1 
ATOM   667  C CG  . GLU B 1 12 ? -2.265  -7.800  9.648   1.00 36.82 ? 68   GLU B CG  1 
ATOM   668  C CD  . GLU B 1 12 ? -0.940  -8.162  10.295  1.00 41.75 ? 68   GLU B CD  1 
ATOM   669  O OE1 . GLU B 1 12 ? -0.526  -7.477  11.303  1.00 43.38 ? 68   GLU B OE1 1 
ATOM   670  O OE2 . GLU B 1 12 ? -0.354  -9.168  9.776   1.00 45.49 ? 68   GLU B OE2 1 
ATOM   671  N N   . PRO B 1 13 ? -6.405  -7.180  9.586   1.00 32.17 ? 69   PRO B N   1 
ATOM   672  C CA  . PRO B 1 13 ? -7.570  -7.698  10.311  1.00 32.87 ? 69   PRO B CA  1 
ATOM   673  C C   . PRO B 1 13 ? -7.368  -9.148  10.791  1.00 33.49 ? 69   PRO B C   1 
ATOM   674  O O   . PRO B 1 13 ? -6.647  -9.932  10.166  1.00 34.24 ? 69   PRO B O   1 
ATOM   675  C CB  . PRO B 1 13 ? -8.698  -7.571  9.277   1.00 32.56 ? 69   PRO B CB  1 
ATOM   676  C CG  . PRO B 1 13 ? -8.028  -7.552  7.977   1.00 31.67 ? 69   PRO B CG  1 
ATOM   677  C CD  . PRO B 1 13 ? -6.697  -6.929  8.154   1.00 31.78 ? 69   PRO B CD  1 
ATOM   678  N N   . ARG B 1 14 ? -7.953  -9.462  11.938  1.00 35.12 ? 70   ARG B N   1 
ATOM   679  C CA  . ARG B 1 14 ? -7.915  -10.833 12.466  1.00 37.98 ? 70   ARG B CA  1 
ATOM   680  C C   . ARG B 1 14 ? -9.170  -11.672 12.175  1.00 36.00 ? 70   ARG B C   1 
ATOM   681  O O   . ARG B 1 14 ? -9.067  -12.872 11.920  1.00 37.71 ? 70   ARG B O   1 
ATOM   682  C CB  . ARG B 1 14 ? -7.546  -10.818 13.960  1.00 39.23 ? 70   ARG B CB  1 
ATOM   683  C CG  . ARG B 1 14 ? -6.036  -11.049 14.073  1.00 44.44 ? 70   ARG B CG  1 
ATOM   684  C CD  . ARG B 1 14 ? -5.369  -10.142 15.026  1.00 48.68 ? 70   ARG B CD  1 
ATOM   685  N NE  . ARG B 1 14 ? -5.346  -10.758 16.339  1.00 53.28 ? 70   ARG B NE  1 
ATOM   686  C CZ  . ARG B 1 14 ? -4.647  -10.304 17.375  1.00 56.33 ? 70   ARG B CZ  1 
ATOM   687  N NH1 . ARG B 1 14 ? -3.861  -9.211  17.265  1.00 56.46 ? 70   ARG B NH1 1 
ATOM   688  N NH2 . ARG B 1 14 ? -4.745  -10.974 18.530  1.00 57.59 ? 70   ARG B NH2 1 
ATOM   689  N N   . VAL B 1 15 ? -10.313 -11.004 12.136  1.00 35.21 ? 71   VAL B N   1 
ATOM   690  C CA  . VAL B 1 15 ? -11.585 -11.645 11.890  1.00 34.01 ? 71   VAL B CA  1 
ATOM   691  C C   . VAL B 1 15 ? -12.325 -10.869 10.821  1.00 32.84 ? 71   VAL B C   1 
ATOM   692  O O   . VAL B 1 15 ? -12.073 -9.671  10.595  1.00 31.37 ? 71   VAL B O   1 
ATOM   693  C CB  . VAL B 1 15 ? -12.403 -11.708 13.200  1.00 34.03 ? 71   VAL B CB  1 
ATOM   694  C CG1 . VAL B 1 15 ? -11.682 -12.620 14.236  1.00 35.19 ? 71   VAL B CG1 1 
ATOM   695  C CG2 . VAL B 1 15 ? -12.587 -10.322 13.794  1.00 34.65 ? 71   VAL B CG2 1 
ATOM   696  N N   . TYR B 1 16 ? -13.213 -11.587 10.152  1.00 31.75 ? 72   TYR B N   1 
ATOM   697  C CA  . TYR B 1 16 ? -14.118 -11.042 9.162   1.00 30.87 ? 72   TYR B CA  1 
ATOM   698  C C   . TYR B 1 16 ? -14.856 -9.755  9.608   1.00 30.79 ? 72   TYR B C   1 
ATOM   699  O O   . TYR B 1 16 ? -15.022 -8.858  8.822   1.00 29.51 ? 72   TYR B O   1 
ATOM   700  C CB  . TYR B 1 16 ? -15.119 -12.138 8.750   1.00 31.40 ? 72   TYR B CB  1 
ATOM   701  C CG  . TYR B 1 16 ? -16.171 -11.738 7.765   1.00 31.78 ? 72   TYR B CG  1 
ATOM   702  C CD1 . TYR B 1 16 ? -15.818 -11.315 6.485   1.00 34.32 ? 72   TYR B CD1 1 
ATOM   703  C CD2 . TYR B 1 16 ? -17.504 -11.699 8.120   1.00 35.04 ? 72   TYR B CD2 1 
ATOM   704  C CE1 . TYR B 1 16 ? -16.772 -10.964 5.546   1.00 32.10 ? 72   TYR B CE1 1 
ATOM   705  C CE2 . TYR B 1 16 ? -18.496 -11.284 7.188   1.00 35.94 ? 72   TYR B CE2 1 
ATOM   706  C CZ  . TYR B 1 16 ? -18.088 -10.940 5.893   1.00 33.79 ? 72   TYR B CZ  1 
ATOM   707  O OH  . TYR B 1 16 ? -18.994 -10.590 4.969   1.00 32.21 ? 72   TYR B OH  1 
ATOM   708  N N   . ALA B 1 17 ? -15.300 -9.676  10.853  1.00 31.55 ? 73   ALA B N   1 
ATOM   709  C CA  . ALA B 1 17 ? -16.001 -8.493  11.358  1.00 32.54 ? 73   ALA B CA  1 
ATOM   710  C C   . ALA B 1 17 ? -15.204 -7.182  11.209  1.00 31.62 ? 73   ALA B C   1 
ATOM   711  O O   . ALA B 1 17 ? -15.788 -6.133  11.007  1.00 31.55 ? 73   ALA B O   1 
ATOM   712  C CB  . ALA B 1 17 ? -16.401 -8.697  12.846  1.00 33.08 ? 73   ALA B CB  1 
ATOM   713  N N   . GLU B 1 18 ? -13.892 -7.251  11.256  1.00 31.81 ? 74   GLU B N   1 
ATOM   714  C CA  . GLU B 1 18 ? -13.037 -6.063  11.109  1.00 31.68 ? 74   GLU B CA  1 
ATOM   715  C C   . GLU B 1 18 ? -13.120 -5.402  9.720   1.00 30.35 ? 74   GLU B C   1 
ATOM   716  O O   . GLU B 1 18 ? -12.693 -4.245  9.567   1.00 30.18 ? 74   GLU B O   1 
ATOM   717  C CB  . GLU B 1 18 ? -11.580 -6.405  11.424  1.00 32.88 ? 74   GLU B CB  1 
ATOM   718  C CG  . GLU B 1 18 ? -11.303 -6.577  12.971  1.00 37.17 ? 74   GLU B CG  1 
ATOM   719  C CD  . GLU B 1 18 ? -9.879  -6.997  13.238  1.00 36.88 ? 74   GLU B CD  1 
ATOM   720  O OE1 . GLU B 1 18 ? -9.546  -8.194  13.138  1.00 39.14 ? 74   GLU B OE1 1 
ATOM   721  O OE2 . GLU B 1 18 ? -9.036  -6.125  13.514  1.00 44.17 ? 74   GLU B OE2 1 
ATOM   722  N N   . ALA B 1 19 ? -13.654 -6.106  8.716   1.00 27.08 ? 75   ALA B N   1 
ATOM   723  C CA  . ALA B 1 19 ? -13.912 -5.468  7.421   1.00 25.95 ? 75   ALA B CA  1 
ATOM   724  C C   . ALA B 1 19 ? -14.787 -4.244  7.528   1.00 25.63 ? 75   ALA B C   1 
ATOM   725  O O   . ALA B 1 19 ? -14.677 -3.315  6.733   1.00 21.80 ? 75   ALA B O   1 
ATOM   726  C CB  . ALA B 1 19 ? -14.526 -6.483  6.409   1.00 23.39 ? 75   ALA B CB  1 
ATOM   727  N N   . GLN B 1 20 ? -15.711 -4.249  8.490   1.00 25.65 ? 76   GLN B N   1 
ATOM   728  C CA  . GLN B 1 20 ? -16.571 -3.075  8.699   1.00 27.31 ? 76   GLN B CA  1 
ATOM   729  C C   . GLN B 1 20 ? -15.781 -1.781  9.004   1.00 26.60 ? 76   GLN B C   1 
ATOM   730  O O   . GLN B 1 20 ? -16.084 -0.718  8.467   1.00 27.42 ? 76   GLN B O   1 
ATOM   731  C CB  . GLN B 1 20 ? -17.562 -3.360  9.857   1.00 28.51 ? 76   GLN B CB  1 
ATOM   732  C CG  . GLN B 1 20 ? -18.734 -4.296  9.418   1.00 32.87 ? 76   GLN B CG  1 
ATOM   733  C CD  . GLN B 1 20 ? -19.680 -4.715  10.578  1.00 37.66 ? 76   GLN B CD  1 
ATOM   734  O OE1 . GLN B 1 20 ? -20.012 -3.898  11.449  1.00 41.06 ? 76   GLN B OE1 1 
ATOM   735  N NE2 . GLN B 1 20 ? -20.091 -5.996  10.588  1.00 41.19 ? 76   GLN B NE2 1 
ATOM   736  N N   . GLU B 1 21 ? -14.801 -1.879  9.885   1.00 28.17 ? 77   GLU B N   1 
ATOM   737  C CA  . GLU B 1 21 ? -13.846 -0.767  10.201  1.00 29.27 ? 77   GLU B CA  1 
ATOM   738  C C   . GLU B 1 21 ? -13.113 -0.253  8.937   1.00 27.05 ? 77   GLU B C   1 
ATOM   739  O O   . GLU B 1 21 ? -13.016 0.947   8.695   1.00 25.28 ? 77   GLU B O   1 
ATOM   740  C CB  . GLU B 1 21 ? -12.836 -1.310  11.196  1.00 32.44 ? 77   GLU B CB  1 
ATOM   741  C CG  . GLU B 1 21 ? -12.271 -0.361  12.189  1.00 39.54 ? 77   GLU B CG  1 
ATOM   742  C CD  . GLU B 1 21 ? -12.000 -1.080  13.531  1.00 46.77 ? 77   GLU B CD  1 
ATOM   743  O OE1 . GLU B 1 21 ? -11.292 -2.166  13.519  1.00 49.02 ? 77   GLU B OE1 1 
ATOM   744  O OE2 . GLU B 1 21 ? -12.500 -0.544  14.582  1.00 50.81 ? 77   GLU B OE2 1 
ATOM   745  N N   . ILE B 1 22 ? -12.654 -1.187  8.100   1.00 25.77 ? 78   ILE B N   1 
ATOM   746  C CA  . ILE B 1 22 ? -12.029 -0.838  6.832   1.00 22.80 ? 78   ILE B CA  1 
ATOM   747  C C   . ILE B 1 22 ? -13.005 -0.068  5.948   1.00 23.28 ? 78   ILE B C   1 
ATOM   748  O O   . ILE B 1 22 ? -12.660 1.002   5.452   1.00 21.41 ? 78   ILE B O   1 
ATOM   749  C CB  . ILE B 1 22 ? -11.430 -2.092  6.139   1.00 23.53 ? 78   ILE B CB  1 
ATOM   750  C CG1 . ILE B 1 22 ? -10.314 -2.688  7.021   1.00 25.17 ? 78   ILE B CG1 1 
ATOM   751  C CG2 . ILE B 1 22 ? -10.886 -1.720  4.807   1.00 20.96 ? 78   ILE B CG2 1 
ATOM   752  C CD1 . ILE B 1 22 ? -9.981  -4.215  6.731   1.00 24.99 ? 78   ILE B CD1 1 
ATOM   753  N N   . ALA B 1 23 ? -14.237 -0.597  5.761   1.00 21.45 ? 79   ALA B N   1 
ATOM   754  C CA  . ALA B 1 23 ? -15.247 0.060   5.008   1.00 20.80 ? 79   ALA B CA  1 
ATOM   755  C C   . ALA B 1 23 ? -15.558 1.470   5.558   1.00 21.44 ? 79   ALA B C   1 
ATOM   756  O O   . ALA B 1 23 ? -15.740 2.408   4.814   1.00 22.82 ? 79   ALA B O   1 
ATOM   757  C CB  . ALA B 1 23 ? -16.576 -0.843  4.945   1.00 20.16 ? 79   ALA B CB  1 
ATOM   758  N N   . ASP B 1 24 ? -15.581 1.634   6.856   1.00 22.05 ? 80   ASP B N   1 
ATOM   759  C CA  . ASP B 1 24 ? -15.779 2.976   7.435   1.00 24.34 ? 80   ASP B CA  1 
ATOM   760  C C   . ASP B 1 24 ? -14.660 3.961   6.994   1.00 23.83 ? 80   ASP B C   1 
ATOM   761  O O   . ASP B 1 24 ? -14.911 5.120   6.651   1.00 25.92 ? 80   ASP B O   1 
ATOM   762  C CB  . ASP B 1 24 ? -15.782 2.876   8.947   1.00 24.59 ? 80   ASP B CB  1 
ATOM   763  C CG  . ASP B 1 24 ? -17.027 2.246   9.479   1.00 27.97 ? 80   ASP B CG  1 
ATOM   764  O OD1 . ASP B 1 24 ? -18.098 2.273   8.799   1.00 32.69 ? 80   ASP B OD1 1 
ATOM   765  O OD2 . ASP B 1 24 ? -16.923 1.715   10.584  1.00 30.96 ? 80   ASP B OD2 1 
ATOM   766  N N   . HIS B 1 25 ? -13.446 3.484   6.972   1.00 22.50 ? 81   HIS B N   1 
ATOM   767  C CA  . HIS B 1 25 ? -12.350 4.302   6.483   1.00 23.42 ? 81   HIS B CA  1 
ATOM   768  C C   . HIS B 1 25 ? -12.548 4.718   5.039   1.00 23.14 ? 81   HIS B C   1 
ATOM   769  O O   . HIS B 1 25 ? -12.373 5.875   4.703   1.00 23.97 ? 81   HIS B O   1 
ATOM   770  C CB  . HIS B 1 25 ? -11.047 3.584   6.626   1.00 23.58 ? 81   HIS B CB  1 
ATOM   771  C CG  . HIS B 1 25 ? -10.569 3.513   8.033   1.00 24.89 ? 81   HIS B CG  1 
ATOM   772  N ND1 . HIS B 1 25 ? -10.241 4.640   8.747   1.00 28.87 ? 81   HIS B ND1 1 
ATOM   773  C CD2 . HIS B 1 25 ? -10.291 2.458   8.834   1.00 26.53 ? 81   HIS B CD2 1 
ATOM   774  C CE1 . HIS B 1 25 ? -9.760  4.277   9.926   1.00 27.82 ? 81   HIS B CE1 1 
ATOM   775  N NE2 . HIS B 1 25 ? -9.805  2.959   10.012  1.00 27.21 ? 81   HIS B NE2 1 
ATOM   776  N N   . LEU B 1 26 ? -12.921 3.763   4.195   1.00 23.05 ? 82   LEU B N   1 
ATOM   777  C CA  . LEU B 1 26 ? -13.160 4.028   2.805   1.00 22.62 ? 82   LEU B CA  1 
ATOM   778  C C   . LEU B 1 26 ? -14.277 5.034   2.580   1.00 25.38 ? 82   LEU B C   1 
ATOM   779  O O   . LEU B 1 26 ? -14.151 5.957   1.720   1.00 24.56 ? 82   LEU B O   1 
ATOM   780  C CB  . LEU B 1 26 ? -13.442 2.715   2.085   1.00 22.15 ? 82   LEU B CB  1 
ATOM   781  C CG  . LEU B 1 26 ? -12.201 1.777   2.040   1.00 20.61 ? 82   LEU B CG  1 
ATOM   782  C CD1 . LEU B 1 26 ? -12.676 0.334   1.668   1.00 22.39 ? 82   LEU B CD1 1 
ATOM   783  C CD2 . LEU B 1 26 ? -11.084 2.251   1.052   1.00 20.00 ? 82   LEU B CD2 1 
ATOM   784  N N   . LYS B 1 27 ? -15.366 4.854   3.332   1.00 26.49 ? 83   LYS B N   1 
ATOM   785  C CA  . LYS B 1 27 ? -16.502 5.807   3.328   1.00 29.20 ? 83   LYS B CA  1 
ATOM   786  C C   . LYS B 1 27 ? -16.107 7.225   3.772   1.00 29.30 ? 83   LYS B C   1 
ATOM   787  O O   . LYS B 1 27 ? -16.649 8.227   3.305   1.00 31.80 ? 83   LYS B O   1 
ATOM   788  C CB  . LYS B 1 27 ? -17.607 5.269   4.230   1.00 30.25 ? 83   LYS B CB  1 
ATOM   789  C CG  . LYS B 1 27 ? -18.402 4.098   3.601   1.00 33.93 ? 83   LYS B CG  1 
ATOM   790  C CD  . LYS B 1 27 ? -19.196 3.238   4.630   1.00 35.83 ? 83   LYS B CD  1 
ATOM   791  C CE  . LYS B 1 27 ? -20.596 3.838   4.957   1.00 37.75 ? 83   LYS B CE  1 
ATOM   792  N NZ  . LYS B 1 27 ? -21.454 2.850   5.747   1.00 35.66 ? 83   LYS B NZ  1 
ATOM   793  N N   . ASN B 1 28 ? -15.137 7.317   4.650   1.00 30.25 ? 84   ASN B N   1 
ATOM   794  C CA  . ASN B 1 28 ? -14.551 8.580   4.995   1.00 30.22 ? 84   ASN B CA  1 
ATOM   795  C C   . ASN B 1 28 ? -13.353 8.968   4.122   1.00 30.30 ? 84   ASN B C   1 
ATOM   796  O O   . ASN B 1 28 ? -12.458 9.704   4.576   1.00 31.31 ? 84   ASN B O   1 
ATOM   797  C CB  . ASN B 1 28 ? -14.169 8.534   6.470   1.00 31.27 ? 84   ASN B CB  1 
ATOM   798  C CG  . ASN B 1 28 ? -15.395 8.461   7.356   1.00 33.76 ? 84   ASN B CG  1 
ATOM   799  O OD1 . ASN B 1 28 ? -16.213 9.379   7.339   1.00 39.29 ? 84   ASN B OD1 1 
ATOM   800  N ND2 . ASN B 1 28 ? -15.555 7.376   8.096   1.00 35.75 ? 84   ASN B ND2 1 
ATOM   801  N N   . ARG B 1 29 ? -13.327 8.482   2.890   1.00 29.03 ? 85   ARG B N   1 
ATOM   802  C CA  . ARG B 1 29 ? -12.354 8.944   1.905   1.00 30.52 ? 85   ARG B CA  1 
ATOM   803  C C   . ARG B 1 29 ? -10.905 8.654   2.225   1.00 29.34 ? 85   ARG B C   1 
ATOM   804  O O   . ARG B 1 29 ? -10.029 9.338   1.723   1.00 31.43 ? 85   ARG B O   1 
ATOM   805  C CB  . ARG B 1 29 ? -12.544 10.444  1.580   1.00 32.49 ? 85   ARG B CB  1 
ATOM   806  C CG  . ARG B 1 29 ? -13.938 10.660  1.018   1.00 36.78 ? 85   ARG B CG  1 
ATOM   807  C CD  . ARG B 1 29 ? -14.003 11.688  -0.143  1.00 43.57 ? 85   ARG B CD  1 
ATOM   808  N NE  . ARG B 1 29 ? -15.307 11.549  -0.801  1.00 47.48 ? 85   ARG B NE  1 
ATOM   809  C CZ  . ARG B 1 29 ? -15.657 10.541  -1.599  1.00 51.11 ? 85   ARG B CZ  1 
ATOM   810  N NH1 . ARG B 1 29 ? -14.790 9.567   -1.895  1.00 51.45 ? 85   ARG B NH1 1 
ATOM   811  N NH2 . ARG B 1 29 ? -16.900 10.490  -2.084  1.00 52.71 ? 85   ARG B NH2 1 
ATOM   812  N N   . ARG B 1 30 ? -10.606 7.590   2.985   1.00 27.32 ? 86   ARG B N   1 
ATOM   813  C CA  . ARG B 1 30 ? -9.202  7.212   3.154   1.00 26.47 ? 86   ARG B CA  1 
ATOM   814  C C   . ARG B 1 30 ? -8.875  5.900   2.409   1.00 24.26 ? 86   ARG B C   1 
ATOM   815  O O   . ARG B 1 30 ? -9.704  5.025   2.354   1.00 23.14 ? 86   ARG B O   1 
ATOM   816  C CB  . ARG B 1 30 ? -8.895  7.092   4.626   1.00 26.23 ? 86   ARG B CB  1 
ATOM   817  C CG  . ARG B 1 30 ? -9.172  8.403   5.369   1.00 30.28 ? 86   ARG B CG  1 
ATOM   818  C CD  . ARG B 1 30 ? -8.721  8.350   6.805   1.00 32.51 ? 86   ARG B CD  1 
ATOM   819  N NE  . ARG B 1 30 ? -9.721  7.730   7.644   1.00 36.39 ? 86   ARG B NE  1 
ATOM   820  C CZ  . ARG B 1 30 ? -10.822 8.321   8.141   1.00 37.56 ? 86   ARG B CZ  1 
ATOM   821  N NH1 . ARG B 1 30 ? -11.129 9.561   7.830   1.00 39.97 ? 86   ARG B NH1 1 
ATOM   822  N NH2 . ARG B 1 30 ? -11.657 7.636   8.940   1.00 37.81 ? 86   ARG B NH2 1 
ATOM   823  N N   . ALA B 1 31 ? -7.664  5.815   1.858   1.00 22.43 ? 87   ALA B N   1 
ATOM   824  C CA  . ALA B 1 31 ? -7.133  4.558   1.332   1.00 21.53 ? 87   ALA B CA  1 
ATOM   825  C C   . ALA B 1 31 ? -6.695  3.679   2.472   1.00 20.60 ? 87   ALA B C   1 
ATOM   826  O O   . ALA B 1 31 ? -6.263  4.166   3.572   1.00 19.09 ? 87   ALA B O   1 
ATOM   827  C CB  . ALA B 1 31 ? -5.949  4.819   0.384   1.00 21.18 ? 87   ALA B CB  1 
ATOM   828  N N   . VAL B 1 32 ? -6.824  2.367   2.246   1.00 19.39 ? 88   VAL B N   1 
ATOM   829  C CA  . VAL B 1 32 ? -6.496  1.406   3.264   1.00 18.30 ? 88   VAL B CA  1 
ATOM   830  C C   . VAL B 1 32 ? -5.730  0.273   2.665   1.00 19.19 ? 88   VAL B C   1 
ATOM   831  O O   . VAL B 1 32 ? -6.167  -0.348  1.656   1.00 16.82 ? 88   VAL B O   1 
ATOM   832  C CB  . VAL B 1 32 ? -7.748  0.812   3.941   1.00 19.62 ? 88   VAL B CB  1 
ATOM   833  C CG1 . VAL B 1 32 ? -7.297  -0.152  5.107   1.00 18.01 ? 88   VAL B CG1 1 
ATOM   834  C CG2 . VAL B 1 32 ? -8.712  1.918   4.361   1.00 18.71 ? 88   VAL B CG2 1 
ATOM   835  N N   . VAL B 1 33 ? -4.562  0.040   3.245   1.00 18.37 ? 89   VAL B N   1 
ATOM   836  C CA  . VAL B 1 33 ? -3.779  -1.123  2.946   1.00 18.26 ? 89   VAL B CA  1 
ATOM   837  C C   . VAL B 1 33 ? -4.278  -2.254  3.825   1.00 18.39 ? 89   VAL B C   1 
ATOM   838  O O   . VAL B 1 33 ? -4.306  -2.106  5.052   1.00 19.78 ? 89   VAL B O   1 
ATOM   839  C CB  . VAL B 1 33 ? -2.274  -0.884  3.190   1.00 17.59 ? 89   VAL B CB  1 
ATOM   840  C CG1 . VAL B 1 33 ? -1.507  -2.207  3.101   1.00 18.33 ? 89   VAL B CG1 1 
ATOM   841  C CG2 . VAL B 1 33 ? -1.705  0.149   2.167   1.00 17.25 ? 89   VAL B CG2 1 
ATOM   842  N N   . VAL B 1 34 ? -4.634  -3.375  3.195   1.00 17.80 ? 90   VAL B N   1 
ATOM   843  C CA  . VAL B 1 34 ? -5.193  -4.530  3.898   1.00 18.88 ? 90   VAL B CA  1 
ATOM   844  C C   . VAL B 1 34 ? -4.271  -5.714  3.746   1.00 19.76 ? 90   VAL B C   1 
ATOM   845  O O   . VAL B 1 34 ? -4.214  -6.318  2.677   1.00 19.14 ? 90   VAL B O   1 
ATOM   846  C CB  . VAL B 1 34 ? -6.657  -4.866  3.439   1.00 18.51 ? 90   VAL B CB  1 
ATOM   847  C CG1 . VAL B 1 34 ? -7.332  -5.950  4.382   1.00 18.50 ? 90   VAL B CG1 1 
ATOM   848  C CG2 . VAL B 1 34 ? -7.524  -3.587  3.501   1.00 14.35 ? 90   VAL B CG2 1 
ATOM   849  N N   . ASN B 1 35 ? -3.587  -6.064  4.842   1.00 20.16 ? 91   ASN B N   1 
ATOM   850  C CA  . ASN B 1 35 ? -2.639  -7.174  4.836   1.00 22.48 ? 91   ASN B CA  1 
ATOM   851  C C   . ASN B 1 35 ? -3.370  -8.397  5.376   1.00 21.55 ? 91   ASN B C   1 
ATOM   852  O O   . ASN B 1 35 ? -3.830  -8.349  6.494   1.00 21.64 ? 91   ASN B O   1 
ATOM   853  C CB  . ASN B 1 35 ? -1.446  -6.854  5.725   1.00 23.81 ? 91   ASN B CB  1 
ATOM   854  C CG  . ASN B 1 35 ? -0.442  -7.977  5.763   1.00 27.89 ? 91   ASN B CG  1 
ATOM   855  O OD1 . ASN B 1 35 ? -0.816  -9.130  5.735   1.00 31.83 ? 91   ASN B OD1 1 
ATOM   856  N ND2 . ASN B 1 35 ? 0.826   -7.651  5.754   1.00 29.71 ? 91   ASN B ND2 1 
ATOM   857  N N   . LEU B 1 36 ? -3.478  -9.443  4.586   1.00 23.24 ? 92   LEU B N   1 
ATOM   858  C CA  . LEU B 1 36 ? -4.201  -10.666 4.985   1.00 26.54 ? 92   LEU B CA  1 
ATOM   859  C C   . LEU B 1 36 ? -3.263  -11.875 4.933   1.00 29.71 ? 92   LEU B C   1 
ATOM   860  O O   . LEU B 1 36 ? -3.710  -13.046 4.756   1.00 30.04 ? 92   LEU B O   1 
ATOM   861  C CB  . LEU B 1 36 ? -5.390  -10.926 4.031   1.00 25.29 ? 92   LEU B CB  1 
ATOM   862  C CG  . LEU B 1 36 ? -6.423  -9.790  3.925   1.00 25.06 ? 92   LEU B CG  1 
ATOM   863  C CD1 . LEU B 1 36 ? -7.478  -10.063 2.810   1.00 23.43 ? 92   LEU B CD1 1 
ATOM   864  C CD2 . LEU B 1 36 ? -7.075  -9.559  5.254   1.00 20.34 ? 92   LEU B CD2 1 
ATOM   865  N N   . GLN B 1 37 ? -1.968  -11.617 5.109   1.00 30.83 ? 93   GLN B N   1 
ATOM   866  C CA  . GLN B 1 37 ? -0.941  -12.687 4.988   1.00 33.12 ? 93   GLN B CA  1 
ATOM   867  C C   . GLN B 1 37 ? -0.937  -13.639 6.196   1.00 34.53 ? 93   GLN B C   1 
ATOM   868  O O   . GLN B 1 37 ? -0.480  -14.812 6.058   1.00 34.51 ? 93   GLN B O   1 
ATOM   869  C CB  . GLN B 1 37 ? 0.476   -12.065 4.756   1.00 32.67 ? 93   GLN B CB  1 
ATOM   870  C CG  . GLN B 1 37 ? 0.534   -11.323 3.454   1.00 32.74 ? 93   GLN B CG  1 
ATOM   871  C CD  . GLN B 1 37 ? 1.897   -10.685 3.160   1.00 33.87 ? 93   GLN B CD  1 
ATOM   872  O OE1 . GLN B 1 37 ? 2.629   -10.248 4.100   1.00 32.97 ? 93   GLN B OE1 1 
ATOM   873  N NE2 . GLN B 1 37 ? 2.241   -10.617 1.868   1.00 27.46 ? 93   GLN B NE2 1 
ATOM   874  N N   . ARG B 1 38 ? -1.463  -13.171 7.335   1.00 35.44 ? 94   ARG B N   1 
ATOM   875  C CA  . ARG B 1 38 ? -1.432  -13.900 8.592   1.00 38.70 ? 94   ARG B CA  1 
ATOM   876  C C   . ARG B 1 38 ? -2.809  -14.165 9.217   1.00 38.77 ? 94   ARG B C   1 
ATOM   877  O O   . ARG B 1 38 ? -2.959  -14.413 10.454  1.00 39.21 ? 94   ARG B O   1 
ATOM   878  C CB  . ARG B 1 38 ? -0.542  -13.137 9.594   1.00 41.59 ? 94   ARG B CB  1 
ATOM   879  C CG  . ARG B 1 38 ? 0.917   -12.859 9.046   1.00 44.39 ? 94   ARG B CG  1 
ATOM   880  C CD  . ARG B 1 38 ? 1.919   -12.320 10.109  1.00 50.65 ? 94   ARG B CD  1 
ATOM   881  N NE  . ARG B 1 38 ? 1.647   -12.912 11.431  1.00 55.12 ? 94   ARG B NE  1 
ATOM   882  C CZ  . ARG B 1 38 ? 1.642   -12.247 12.591  1.00 59.51 ? 94   ARG B CZ  1 
ATOM   883  N NH1 . ARG B 1 38 ? 1.925   -10.934 12.648  1.00 61.05 ? 94   ARG B NH1 1 
ATOM   884  N NH2 . ARG B 1 38 ? 1.353   -12.900 13.720  1.00 60.37 ? 94   ARG B NH2 1 
ATOM   885  N N   . ILE B 1 39 ? -3.838  -14.127 8.374   1.00 37.08 ? 95   ILE B N   1 
ATOM   886  C CA  . ILE B 1 39 ? -5.216  -14.448 8.789   1.00 35.87 ? 95   ILE B CA  1 
ATOM   887  C C   . ILE B 1 39 ? -5.476  -15.862 8.239   1.00 33.87 ? 95   ILE B C   1 
ATOM   888  O O   . ILE B 1 39 ? -4.834  -16.286 7.240   1.00 31.67 ? 95   ILE B O   1 
ATOM   889  C CB  . ILE B 1 39 ? -6.270  -13.396 8.186   1.00 35.79 ? 95   ILE B CB  1 
ATOM   890  C CG1 . ILE B 1 39 ? -7.618  -13.405 8.947   1.00 36.50 ? 95   ILE B CG1 1 
ATOM   891  C CG2 . ILE B 1 39 ? -6.528  -13.701 6.757   1.00 35.09 ? 95   ILE B CG2 1 
ATOM   892  C CD1 . ILE B 1 39 ? -8.594  -12.319 8.508   1.00 35.23 ? 95   ILE B CD1 1 
ATOM   893  N N   . GLN B 1 40 ? -6.434  -16.568 8.838   1.00 35.13 ? 96   GLN B N   1 
ATOM   894  C CA  . GLN B 1 40 ? -6.953  -17.845 8.245   1.00 35.23 ? 96   GLN B CA  1 
ATOM   895  C C   . GLN B 1 40 ? -7.356  -17.521 6.829   1.00 35.32 ? 96   GLN B C   1 
ATOM   896  O O   . GLN B 1 40 ? -8.082  -16.517 6.630   1.00 32.52 ? 96   GLN B O   1 
ATOM   897  C CB  . GLN B 1 40 ? -8.218  -18.283 8.911   1.00 37.97 ? 96   GLN B CB  1 
ATOM   898  C CG  . GLN B 1 40 ? -8.166  -19.033 10.185  1.00 41.63 ? 96   GLN B CG  1 
ATOM   899  C CD  . GLN B 1 40 ? -9.614  -19.557 10.607  1.00 45.36 ? 96   GLN B CD  1 
ATOM   900  O OE1 . GLN B 1 40 ? -9.990  -19.475 11.793  1.00 48.84 ? 96   GLN B OE1 1 
ATOM   901  N NE2 . GLN B 1 40 ? -10.411 -20.094 9.619   1.00 46.58 ? 96   GLN B NE2 1 
ATOM   902  N N   . HIS B 1 41 ? -6.926  -18.337 5.868   1.00 33.33 ? 97   HIS B N   1 
ATOM   903  C CA  . HIS B 1 41 ? -7.202  -18.087 4.459   1.00 34.14 ? 97   HIS B CA  1 
ATOM   904  C C   . HIS B 1 41 ? -8.686  -18.015 4.130   1.00 34.60 ? 97   HIS B C   1 
ATOM   905  O O   . HIS B 1 41 ? -9.091  -17.190 3.240   1.00 31.79 ? 97   HIS B O   1 
ATOM   906  C CB  . HIS B 1 41 ? -6.536  -19.137 3.595   1.00 35.46 ? 97   HIS B CB  1 
ATOM   907  C CG  . HIS B 1 41 ? -6.602  -18.889 2.126   1.00 36.40 ? 97   HIS B CG  1 
ATOM   908  N ND1 . HIS B 1 41 ? -6.373  -19.894 1.210   1.00 41.19 ? 97   HIS B ND1 1 
ATOM   909  C CD2 . HIS B 1 41 ? -6.835  -17.771 1.402   1.00 40.56 ? 97   HIS B CD2 1 
ATOM   910  C CE1 . HIS B 1 41 ? -6.478  -19.410 -0.017  1.00 42.38 ? 97   HIS B CE1 1 
ATOM   911  N NE2 . HIS B 1 41 ? -6.771  -18.124 0.073   1.00 41.35 ? 97   HIS B NE2 1 
ATOM   912  N N   . ASP B 1 42 ? -9.509  -18.823 4.829   1.00 34.26 ? 98   ASP B N   1 
ATOM   913  C CA  . ASP B 1 42 ? -10.973 -18.780 4.511   1.00 34.58 ? 98   ASP B CA  1 
ATOM   914  C C   . ASP B 1 42 ? -11.582 -17.456 4.943   1.00 32.28 ? 98   ASP B C   1 
ATOM   915  O O   . ASP B 1 42 ? -12.464 -16.922 4.276   1.00 32.88 ? 98   ASP B O   1 
ATOM   916  C CB  . ASP B 1 42 ? -11.766 -20.039 4.956   1.00 35.99 ? 98   ASP B CB  1 
ATOM   917  C CG  . ASP B 1 42 ? -11.628 -20.407 6.447   1.00 39.09 ? 98   ASP B CG  1 
ATOM   918  O OD1 . ASP B 1 42 ? -11.196 -19.600 7.322   1.00 40.25 ? 98   ASP B OD1 1 
ATOM   919  O OD2 . ASP B 1 42 ? -12.037 -21.587 6.756   1.00 44.97 ? 98   ASP B OD2 1 
ATOM   920  N N   . GLN B 1 43 ? -11.055 -16.890 6.021   1.00 29.48 ? 99   GLN B N   1 
ATOM   921  C CA  . GLN B 1 43 ? -11.465 -15.591 6.449   1.00 29.24 ? 99   GLN B CA  1 
ATOM   922  C C   . GLN B 1 43 ? -10.980 -14.442 5.514   1.00 28.12 ? 99   GLN B C   1 
ATOM   923  O O   . GLN B 1 43 ? -11.754 -13.485 5.263   1.00 26.84 ? 99   GLN B O   1 
ATOM   924  C CB  . GLN B 1 43 ? -11.129 -15.355 7.905   1.00 30.10 ? 99   GLN B CB  1 
ATOM   925  C CG  . GLN B 1 43 ? -11.809 -16.419 8.837   1.00 32.67 ? 99   GLN B CG  1 
ATOM   926  C CD  . GLN B 1 43 ? -13.342 -16.632 8.532   1.00 34.43 ? 99   GLN B CD  1 
ATOM   927  O OE1 . GLN B 1 43 ? -14.135 -15.767 8.805   1.00 37.25 ? 99   GLN B OE1 1 
ATOM   928  N NE2 . GLN B 1 43 ? -13.704 -17.777 7.911   1.00 35.93 ? 99   GLN B NE2 1 
ATOM   929  N N   . ALA B 1 44 ? -9.752  -14.545 5.011   1.00 26.45 ? 100  ALA B N   1 
ATOM   930  C CA  . ALA B 1 44 ? -9.203  -13.591 4.048   1.00 26.35 ? 100  ALA B CA  1 
ATOM   931  C C   . ALA B 1 44 ? -10.150 -13.436 2.873   1.00 26.28 ? 100  ALA B C   1 
ATOM   932  O O   . ALA B 1 44 ? -10.443 -12.313 2.451   1.00 25.03 ? 100  ALA B O   1 
ATOM   933  C CB  . ALA B 1 44 ? -7.826  -14.066 3.501   1.00 25.12 ? 100  ALA B CB  1 
ATOM   934  N N   . LYS B 1 45 ? -10.559 -14.574 2.278   1.00 26.62 ? 101  LYS B N   1 
ATOM   935  C CA  . LYS B 1 45 ? -11.455 -14.565 1.121   1.00 27.65 ? 101  LYS B CA  1 
ATOM   936  C C   . LYS B 1 45 ? -12.702 -13.783 1.438   1.00 25.35 ? 101  LYS B C   1 
ATOM   937  O O   . LYS B 1 45 ? -13.147 -12.912 0.646   1.00 24.91 ? 101  LYS B O   1 
ATOM   938  C CB  . LYS B 1 45 ? -11.808 -15.981 0.655   1.00 29.69 ? 101  LYS B CB  1 
ATOM   939  C CG  . LYS B 1 45 ? -10.583 -16.809 0.208   1.00 35.72 ? 101  LYS B CG  1 
ATOM   940  C CD  . LYS B 1 45 ? -10.978 -18.208 -0.466  1.00 40.26 ? 101  LYS B CD  1 
ATOM   941  C CE  . LYS B 1 45 ? -11.305 -19.343 0.574   1.00 43.64 ? 101  LYS B CE  1 
ATOM   942  N NZ  . LYS B 1 45 ? -10.158 -20.324 0.942   1.00 46.40 ? 101  LYS B NZ  1 
ATOM   943  N N   . ARG B 1 46 ? -13.206 -13.984 2.634   1.00 23.94 ? 102  ARG B N   1 
ATOM   944  C CA  . ARG B 1 46 ? -14.436 -13.327 3.025   1.00 24.36 ? 102  ARG B CA  1 
ATOM   945  C C   . ARG B 1 46 ? -14.257 -11.814 3.125   1.00 23.15 ? 102  ARG B C   1 
ATOM   946  O O   . ARG B 1 46 ? -15.094 -11.019 2.683   1.00 21.70 ? 102  ARG B O   1 
ATOM   947  C CB  . ARG B 1 46 ? -14.952 -13.874 4.341   1.00 24.61 ? 102  ARG B CB  1 
ATOM   948  C CG  . ARG B 1 46 ? -15.298 -15.398 4.306   1.00 26.03 ? 102  ARG B CG  1 
ATOM   949  C CD  . ARG B 1 46 ? -15.973 -15.805 5.605   1.00 26.52 ? 102  ARG B CD  1 
ATOM   950  N NE  . ARG B 1 46 ? -17.324 -15.277 5.515   1.00 33.08 ? 102  ARG B NE  1 
ATOM   951  C CZ  . ARG B 1 46 ? -18.173 -15.077 6.501   1.00 35.94 ? 102  ARG B CZ  1 
ATOM   952  N NH1 . ARG B 1 46 ? -17.833 -15.266 7.775   1.00 37.51 ? 102  ARG B NH1 1 
ATOM   953  N NH2 . ARG B 1 46 ? -19.389 -14.639 6.163   1.00 38.87 ? 102  ARG B NH2 1 
ATOM   954  N N   . ILE B 1 47 ? -13.143 -11.415 3.714   1.00 21.09 ? 103  ILE B N   1 
ATOM   955  C CA  . ILE B 1 47 ? -12.816 -10.015 3.753   1.00 19.52 ? 103  ILE B CA  1 
ATOM   956  C C   . ILE B 1 47 ? -12.737 -9.368  2.403   1.00 17.30 ? 103  ILE B C   1 
ATOM   957  O O   . ILE B 1 47 ? -13.304 -8.298  2.222   1.00 17.23 ? 103  ILE B O   1 
ATOM   958  C CB  . ILE B 1 47 ? -11.543 -9.740  4.605   1.00 19.18 ? 103  ILE B CB  1 
ATOM   959  C CG1 . ILE B 1 47 ? -11.839 -10.128 6.030   1.00 21.63 ? 103  ILE B CG1 1 
ATOM   960  C CG2 . ILE B 1 47 ? -11.155 -8.250  4.581   1.00 16.55 ? 103  ILE B CG2 1 
ATOM   961  C CD1 . ILE B 1 47 ? -10.631 -9.965  7.022   1.00 22.66 ? 103  ILE B CD1 1 
ATOM   962  N N   . VAL B 1 48 ? -11.997 -9.982  1.479   1.00 18.21 ? 104  VAL B N   1 
ATOM   963  C CA  . VAL B 1 48 ? -11.818 -9.436  0.169   1.00 19.72 ? 104  VAL B CA  1 
ATOM   964  C C   . VAL B 1 48 ? -13.165 -9.307  -0.548  1.00 20.18 ? 104  VAL B C   1 
ATOM   965  O O   . VAL B 1 48 ? -13.459 -8.316  -1.256  1.00 19.02 ? 104  VAL B O   1 
ATOM   966  C CB  . VAL B 1 48 ? -10.891 -10.281 -0.673  1.00 20.08 ? 104  VAL B CB  1 
ATOM   967  C CG1 . VAL B 1 48 ? -10.914 -9.754  -2.105  1.00 20.84 ? 104  VAL B CG1 1 
ATOM   968  C CG2 . VAL B 1 48 ? -9.357  -10.223 -0.135  1.00 20.19 ? 104  VAL B CG2 1 
ATOM   969  N N   . ASP B 1 49 ? -14.009 -10.312 -0.361  1.00 21.48 ? 105  ASP B N   1 
ATOM   970  C CA  . ASP B 1 49 ? -15.327 -10.258 -1.056  1.00 21.04 ? 105  ASP B CA  1 
ATOM   971  C C   . ASP B 1 49 ? -16.165 -9.144  -0.453  1.00 19.50 ? 105  ASP B C   1 
ATOM   972  O O   . ASP B 1 49 ? -16.754 -8.364  -1.189  1.00 19.21 ? 105  ASP B O   1 
ATOM   973  C CB  . ASP B 1 49 ? -15.996 -11.641 -1.055  1.00 20.42 ? 105  ASP B CB  1 
ATOM   974  C CG  . ASP B 1 49 ? -15.301 -12.597 -2.030  1.00 24.18 ? 105  ASP B CG  1 
ATOM   975  O OD1 . ASP B 1 49 ? -14.525 -12.130 -2.949  1.00 27.17 ? 105  ASP B OD1 1 
ATOM   976  O OD2 . ASP B 1 49 ? -15.484 -13.816 -1.854  1.00 25.93 ? 105  ASP B OD2 1 
ATOM   977  N N   . PHE B 1 50 ? -16.191 -9.035  0.858   1.00 17.99 ? 106  PHE B N   1 
ATOM   978  C CA  . PHE B 1 50 ? -16.921 -7.971  1.499   1.00 19.71 ? 106  PHE B CA  1 
ATOM   979  C C   . PHE B 1 50 ? -16.463 -6.569  1.009   1.00 19.41 ? 106  PHE B C   1 
ATOM   980  O O   . PHE B 1 50 ? -17.244 -5.709  0.650   1.00 18.30 ? 106  PHE B O   1 
ATOM   981  C CB  . PHE B 1 50 ? -16.796 -8.128  3.023   1.00 20.18 ? 106  PHE B CB  1 
ATOM   982  C CG  . PHE B 1 50 ? -17.527 -7.066  3.847   1.00 20.56 ? 106  PHE B CG  1 
ATOM   983  C CD1 . PHE B 1 50 ? -16.932 -5.833  4.113   1.00 21.31 ? 106  PHE B CD1 1 
ATOM   984  C CD2 . PHE B 1 50 ? -18.750 -7.348  4.452   1.00 20.77 ? 106  PHE B CD2 1 
ATOM   985  C CE1 . PHE B 1 50 ? -17.554 -4.847  4.869   1.00 23.70 ? 106  PHE B CE1 1 
ATOM   986  C CE2 . PHE B 1 50 ? -19.408 -6.390  5.219   1.00 23.77 ? 106  PHE B CE2 1 
ATOM   987  C CZ  . PHE B 1 50 ? -18.805 -5.098  5.441   1.00 24.23 ? 106  PHE B CZ  1 
ATOM   988  N N   . LEU B 1 51 ? -15.155 -6.392  0.968   1.00 19.19 ? 107  LEU B N   1 
ATOM   989  C CA  . LEU B 1 51 ? -14.549 -5.142  0.562   1.00 18.77 ? 107  LEU B CA  1 
ATOM   990  C C   . LEU B 1 51 ? -14.769 -4.881  -0.891  1.00 16.47 ? 107  LEU B C   1 
ATOM   991  O O   . LEU B 1 51 ? -14.950 -3.736  -1.269  1.00 16.96 ? 107  LEU B O   1 
ATOM   992  C CB  . LEU B 1 51 ? -13.052 -5.094  1.027   1.00 17.54 ? 107  LEU B CB  1 
ATOM   993  C CG  . LEU B 1 51 ? -12.911 -4.968  2.551   1.00 19.79 ? 107  LEU B CG  1 
ATOM   994  C CD1 . LEU B 1 51 ? -11.409 -5.096  2.916   1.00 20.69 ? 107  LEU B CD1 1 
ATOM   995  C CD2 . LEU B 1 51 ? -13.491 -3.693  3.162   1.00 21.19 ? 107  LEU B CD2 1 
ATOM   996  N N   . SER B 1 52 ? -14.782 -5.898  -1.747  1.00 18.30 ? 108  SER B N   1 
ATOM   997  C CA  . SER B 1 52 ? -15.172 -5.694  -3.137  1.00 18.27 ? 108  SER B CA  1 
ATOM   998  C C   . SER B 1 52 ? -16.590 -5.089  -3.246  1.00 17.93 ? 108  SER B C   1 
ATOM   999  O O   . SER B 1 52 ? -16.861 -4.160  -4.046  1.00 16.74 ? 108  SER B O   1 
ATOM   1000 C CB  . SER B 1 52 ? -15.088 -7.024  -3.917  1.00 18.86 ? 108  SER B CB  1 
ATOM   1001 O OG  . SER B 1 52 ? -13.734 -7.485  -3.960  1.00 20.00 ? 108  SER B OG  1 
ATOM   1002 N N   . GLY B 1 53 ? -17.488 -5.578  -2.433  1.00 18.31 ? 109  GLY B N   1 
ATOM   1003 C CA  . GLY B 1 53 ? -18.880 -5.057  -2.444  1.00 19.95 ? 109  GLY B CA  1 
ATOM   1004 C C   . GLY B 1 53 ? -18.919 -3.625  -1.922  1.00 20.37 ? 109  GLY B C   1 
ATOM   1005 O O   . GLY B 1 53 ? -19.586 -2.745  -2.508  1.00 21.72 ? 109  GLY B O   1 
ATOM   1006 N N   . THR B 1 54 ? -18.166 -3.367  -0.865  1.00 21.31 ? 110  THR B N   1 
ATOM   1007 C CA  . THR B 1 54 ? -18.046 -2.020  -0.377  1.00 21.45 ? 110  THR B CA  1 
ATOM   1008 C C   . THR B 1 54 ? -17.554 -1.095  -1.458  1.00 20.90 ? 110  THR B C   1 
ATOM   1009 O O   . THR B 1 54 ? -18.223 -0.076  -1.762  1.00 20.66 ? 110  THR B O   1 
ATOM   1010 C CB  . THR B 1 54 ? -17.156 -1.955  0.841   1.00 23.05 ? 110  THR B CB  1 
ATOM   1011 O OG1 . THR B 1 54 ? -17.678 -2.847  1.814   1.00 23.44 ? 110  THR B OG1 1 
ATOM   1012 C CG2 . THR B 1 54 ? -17.076 -0.521  1.441   1.00 22.43 ? 110  THR B CG2 1 
ATOM   1013 N N   . VAL B 1 55 ? -16.401 -1.397  -2.045  1.00 21.61 ? 111  VAL B N   1 
ATOM   1014 C CA  . VAL B 1 55 ? -15.830 -0.459  -3.018  1.00 21.39 ? 111  VAL B CA  1 
ATOM   1015 C C   . VAL B 1 55 ? -16.695 -0.314  -4.257  1.00 21.42 ? 111  VAL B C   1 
ATOM   1016 O O   . VAL B 1 55 ? -16.788 0.793   -4.791  1.00 21.72 ? 111  VAL B O   1 
ATOM   1017 C CB  . VAL B 1 55 ? -14.349 -0.701  -3.386  1.00 21.48 ? 111  VAL B CB  1 
ATOM   1018 C CG1 . VAL B 1 55 ? -13.453 -0.673  -2.084  1.00 20.96 ? 111  VAL B CG1 1 
ATOM   1019 C CG2 . VAL B 1 55 ? -14.194 -1.949  -4.231  1.00 21.00 ? 111  VAL B CG2 1 
ATOM   1020 N N   . TYR B 1 56 ? -17.343 -1.401  -4.690  1.00 21.66 ? 112  TYR B N   1 
ATOM   1021 C CA  . TYR B 1 56 ? -18.267 -1.351  -5.808  1.00 21.04 ? 112  TYR B CA  1 
ATOM   1022 C C   . TYR B 1 56 ? -19.354 -0.325  -5.465  1.00 21.96 ? 112  TYR B C   1 
ATOM   1023 O O   . TYR B 1 56 ? -19.729 0.489   -6.289  1.00 19.51 ? 112  TYR B O   1 
ATOM   1024 C CB  . TYR B 1 56 ? -18.918 -2.728  -6.149  1.00 21.39 ? 112  TYR B CB  1 
ATOM   1025 C CG  . TYR B 1 56 ? -19.829 -2.626  -7.367  1.00 22.17 ? 112  TYR B CG  1 
ATOM   1026 C CD1 . TYR B 1 56 ? -19.292 -2.462  -8.646  1.00 23.71 ? 112  TYR B CD1 1 
ATOM   1027 C CD2 . TYR B 1 56 ? -21.232 -2.649  -7.250  1.00 21.61 ? 112  TYR B CD2 1 
ATOM   1028 C CE1 . TYR B 1 56 ? -20.115 -2.316  -9.749  1.00 25.00 ? 112  TYR B CE1 1 
ATOM   1029 C CE2 . TYR B 1 56 ? -22.051 -2.479  -8.357  1.00 21.64 ? 112  TYR B CE2 1 
ATOM   1030 C CZ  . TYR B 1 56 ? -21.507 -2.329  -9.589  1.00 24.64 ? 112  TYR B CZ  1 
ATOM   1031 O OH  . TYR B 1 56 ? -22.302 -2.174  -10.665 1.00 25.16 ? 112  TYR B OH  1 
ATOM   1032 N N   . ALA B 1 57 ? -19.869 -0.378  -4.253  1.00 20.04 ? 113  ALA B N   1 
ATOM   1033 C CA  . ALA B 1 57 ? -20.964 0.522   -3.888  1.00 22.33 ? 113  ALA B CA  1 
ATOM   1034 C C   . ALA B 1 57 ? -20.567 1.991   -3.834  1.00 23.78 ? 113  ALA B C   1 
ATOM   1035 O O   . ALA B 1 57 ? -21.392 2.830   -4.085  1.00 25.09 ? 113  ALA B O   1 
ATOM   1036 C CB  . ALA B 1 57 ? -21.536 0.123   -2.512  1.00 20.67 ? 113  ALA B CB  1 
ATOM   1037 N N   . ILE B 1 58 ? -19.330 2.301   -3.450  1.00 23.79 ? 114  ILE B N   1 
ATOM   1038 C CA  . ILE B 1 58 ? -18.935 3.688   -3.207  1.00 24.93 ? 114  ILE B CA  1 
ATOM   1039 C C   . ILE B 1 58 ? -18.105 4.234   -4.369  1.00 22.94 ? 114  ILE B C   1 
ATOM   1040 O O   . ILE B 1 58 ? -17.648 5.366   -4.299  1.00 22.37 ? 114  ILE B O   1 
ATOM   1041 C CB  . ILE B 1 58 ? -18.196 3.893   -1.825  1.00 24.81 ? 114  ILE B CB  1 
ATOM   1042 C CG1 . ILE B 1 58 ? -16.809 3.228   -1.831  1.00 27.59 ? 114  ILE B CG1 1 
ATOM   1043 C CG2 . ILE B 1 58 ? -19.082 3.401   -0.700  1.00 26.57 ? 114  ILE B CG2 1 
ATOM   1044 C CD1 . ILE B 1 58 ? -16.074 3.331   -0.542  1.00 27.54 ? 114  ILE B CD1 1 
ATOM   1045 N N   . GLY B 1 59 ? -17.924 3.433   -5.406  1.00 22.17 ? 115  GLY B N   1 
ATOM   1046 C CA  . GLY B 1 59 ? -17.192 3.876   -6.565  1.00 22.70 ? 115  GLY B CA  1 
ATOM   1047 C C   . GLY B 1 59 ? -15.689 3.900   -6.302  1.00 23.20 ? 115  GLY B C   1 
ATOM   1048 O O   . GLY B 1 59 ? -14.976 4.687   -6.889  1.00 24.55 ? 115  GLY B O   1 
ATOM   1049 N N   . GLY B 1 60 ? -15.188 3.037   -5.435  1.00 22.39 ? 116  GLY B N   1 
ATOM   1050 C CA  . GLY B 1 60 ? -13.749 2.983   -5.210  1.00 23.47 ? 116  GLY B CA  1 
ATOM   1051 C C   . GLY B 1 60 ? -13.095 1.844   -5.942  1.00 23.02 ? 116  GLY B C   1 
ATOM   1052 O O   . GLY B 1 60 ? -13.597 1.411   -6.962  1.00 21.70 ? 116  GLY B O   1 
ATOM   1053 N N   . ASP B 1 61 ? -11.948 1.358   -5.464  1.00 22.39 ? 117  ASP B N   1 
ATOM   1054 C CA  . ASP B 1 61 ? -11.336 0.209   -6.111  1.00 22.53 ? 117  ASP B CA  1 
ATOM   1055 C C   . ASP B 1 61 ? -10.639 -0.637  -5.084  1.00 21.41 ? 117  ASP B C   1 
ATOM   1056 O O   . ASP B 1 61 ? -10.323 -0.179  -3.944  1.00 20.38 ? 117  ASP B O   1 
ATOM   1057 C CB  . ASP B 1 61 ? -10.378 0.678   -7.201  1.00 25.94 ? 117  ASP B CB  1 
ATOM   1058 C CG  . ASP B 1 61 ? -10.128 -0.387  -8.296  1.00 32.02 ? 117  ASP B CG  1 
ATOM   1059 O OD1 . ASP B 1 61 ? -10.807 -1.489  -8.351  1.00 39.65 ? 117  ASP B OD1 1 
ATOM   1060 O OD2 . ASP B 1 61 ? -9.229  -0.136  -9.126  1.00 40.97 ? 117  ASP B OD2 1 
ATOM   1061 N N   . ILE B 1 62 ? -10.419 -1.880  -5.456  1.00 19.99 ? 118  ILE B N   1 
ATOM   1062 C CA  . ILE B 1 62 ? -9.644  -2.808  -4.641  1.00 21.79 ? 118  ILE B CA  1 
ATOM   1063 C C   . ILE B 1 62 ? -8.662  -3.511  -5.583  1.00 22.95 ? 118  ILE B C   1 
ATOM   1064 O O   . ILE B 1 62 ? -9.019  -3.934  -6.687  1.00 21.36 ? 118  ILE B O   1 
ATOM   1065 C CB  . ILE B 1 62 ? -10.490 -3.810  -3.797  1.00 21.24 ? 118  ILE B CB  1 
ATOM   1066 C CG1 . ILE B 1 62 ? -9.557  -4.750  -3.016  1.00 21.39 ? 118  ILE B CG1 1 
ATOM   1067 C CG2 . ILE B 1 62 ? -11.492 -4.615  -4.693  1.00 21.07 ? 118  ILE B CG2 1 
ATOM   1068 C CD1 . ILE B 1 62 ? -10.269 -5.493  -1.893  1.00 22.89 ? 118  ILE B CD1 1 
ATOM   1069 N N   . GLN B 1 63 ? -7.401  -3.562  -5.176  1.00 23.12 ? 119  GLN B N   1 
ATOM   1070 C CA  . GLN B 1 63 ? -6.373  -4.069  -6.104  1.00 25.38 ? 119  GLN B CA  1 
ATOM   1071 C C   . GLN B 1 63 ? -5.357  -4.880  -5.298  1.00 24.06 ? 119  GLN B C   1 
ATOM   1072 O O   . GLN B 1 63 ? -4.958  -4.446  -4.223  1.00 20.20 ? 119  GLN B O   1 
ATOM   1073 C CB  . GLN B 1 63 ? -5.777  -2.839  -6.778  1.00 27.37 ? 119  GLN B CB  1 
ATOM   1074 C CG  . GLN B 1 63 ? -4.851  -3.090  -7.822  1.00 32.80 ? 119  GLN B CG  1 
ATOM   1075 C CD  . GLN B 1 63 ? -4.465  -1.794  -8.597  1.00 36.66 ? 119  GLN B CD  1 
ATOM   1076 O OE1 . GLN B 1 63 ? -5.051  -0.716  -8.443  1.00 41.58 ? 119  GLN B OE1 1 
ATOM   1077 N NE2 . GLN B 1 63 ? -3.485  -1.941  -9.443  1.00 41.97 ? 119  GLN B NE2 1 
ATOM   1078 N N   . ARG B 1 64 ? -5.000  -6.075  -5.783  1.00 22.73 ? 120  ARG B N   1 
ATOM   1079 C CA  . ARG B 1 64 ? -3.961  -6.888  -5.171  1.00 24.39 ? 120  ARG B CA  1 
ATOM   1080 C C   . ARG B 1 64 ? -2.616  -6.178  -5.313  1.00 22.54 ? 120  ARG B C   1 
ATOM   1081 O O   . ARG B 1 64 ? -2.278  -5.733  -6.410  1.00 22.25 ? 120  ARG B O   1 
ATOM   1082 C CB  . ARG B 1 64 ? -3.853  -8.247  -5.847  1.00 26.53 ? 120  ARG B CB  1 
ATOM   1083 C CG  . ARG B 1 64 ? -3.039  -9.252  -5.077  1.00 31.92 ? 120  ARG B CG  1 
ATOM   1084 C CD  . ARG B 1 64 ? -3.249  -10.636 -5.701  1.00 37.28 ? 120  ARG B CD  1 
ATOM   1085 N NE  . ARG B 1 64 ? -2.208  -11.603 -5.337  1.00 43.19 ? 120  ARG B NE  1 
ATOM   1086 C CZ  . ARG B 1 64 ? -0.911  -11.564 -5.726  1.00 46.98 ? 120  ARG B CZ  1 
ATOM   1087 N NH1 . ARG B 1 64 ? -0.422  -10.578 -6.498  1.00 47.20 ? 120  ARG B NH1 1 
ATOM   1088 N NH2 . ARG B 1 64 ? -0.080  -12.551 -5.330  1.00 49.93 ? 120  ARG B NH2 1 
ATOM   1089 N N   . ILE B 1 65 ? -1.915  -5.981  -4.197  1.00 21.32 ? 121  ILE B N   1 
ATOM   1090 C CA  . ILE B 1 65 ? -0.554  -5.326  -4.271  1.00 22.80 ? 121  ILE B CA  1 
ATOM   1091 C C   . ILE B 1 65 ? 0.598   -6.282  -3.930  1.00 24.88 ? 121  ILE B C   1 
ATOM   1092 O O   . ILE B 1 65 ? 1.783   -5.903  -3.916  1.00 26.22 ? 121  ILE B O   1 
ATOM   1093 C CB  . ILE B 1 65 ? -0.469  -4.009  -3.519  1.00 21.62 ? 121  ILE B CB  1 
ATOM   1094 C CG1 . ILE B 1 65 ? -0.677  -4.201  -2.040  1.00 21.21 ? 121  ILE B CG1 1 
ATOM   1095 C CG2 . ILE B 1 65 ? -1.351  -2.947  -4.245  1.00 20.06 ? 121  ILE B CG2 1 
ATOM   1096 C CD1 . ILE B 1 65 ? -0.455  -2.843  -1.165  1.00 20.57 ? 121  ILE B CD1 1 
ATOM   1097 N N   . GLY B 1 66 ? 0.245   -7.524  -3.662  1.00 25.92 ? 122  GLY B N   1 
ATOM   1098 C CA  . GLY B 1 66 ? 1.235   -8.558  -3.387  1.00 27.53 ? 122  GLY B CA  1 
ATOM   1099 C C   . GLY B 1 66 ? 0.457   -9.765  -2.870  1.00 28.46 ? 122  GLY B C   1 
ATOM   1100 O O   . GLY B 1 66 ? -0.796  -9.792  -2.937  1.00 26.78 ? 122  GLY B O   1 
ATOM   1101 N N   . SER B 1 67 ? 1.184   -10.730 -2.313  1.00 29.17 ? 123  SER B N   1 
ATOM   1102 C CA  . SER B 1 67 ? 0.620   -11.992 -1.895  1.00 31.22 ? 123  SER B CA  1 
ATOM   1103 C C   . SER B 1 67 ? -0.278  -11.741 -0.734  1.00 30.48 ? 123  SER B C   1 
ATOM   1104 O O   . SER B 1 67 ? 0.202   -11.375 0.310   1.00 31.38 ? 123  SER B O   1 
ATOM   1105 C CB  . SER B 1 67 ? 1.752   -12.978 -1.485  1.00 32.42 ? 123  SER B CB  1 
ATOM   1106 O OG  . SER B 1 67 ? 2.417   -13.375 -2.691  1.00 36.03 ? 123  SER B OG  1 
ATOM   1107 N N   . ASP B 1 68 ? -1.600  -11.894 -0.910  1.00 30.83 ? 124  ASP B N   1 
ATOM   1108 C CA  . ASP B 1 68 ? -2.561  -11.714 0.223   1.00 30.24 ? 124  ASP B CA  1 
ATOM   1109 C C   . ASP B 1 68 ? -2.487  -10.309 0.838   1.00 25.99 ? 124  ASP B C   1 
ATOM   1110 O O   . ASP B 1 68 ? -2.794  -10.063 1.993   1.00 24.96 ? 124  ASP B O   1 
ATOM   1111 C CB  . ASP B 1 68 ? -2.418  -12.842 1.261   1.00 32.69 ? 124  ASP B CB  1 
ATOM   1112 C CG  . ASP B 1 68 ? -2.438  -14.285 0.580   1.00 35.90 ? 124  ASP B CG  1 
ATOM   1113 O OD1 . ASP B 1 68 ? -3.314  -14.542 -0.282  1.00 39.30 ? 124  ASP B OD1 1 
ATOM   1114 O OD2 . ASP B 1 68 ? -1.504  -15.081 0.837   1.00 41.43 ? 124  ASP B OD2 1 
ATOM   1115 N N   . ILE B 1 69 ? -2.149  -9.356  -0.004  1.00 24.11 ? 125  ILE B N   1 
ATOM   1116 C CA  . ILE B 1 69 ? -2.264  -7.961  0.406   1.00 22.84 ? 125  ILE B CA  1 
ATOM   1117 C C   . ILE B 1 69 ? -2.894  -7.085  -0.706  1.00 20.73 ? 125  ILE B C   1 
ATOM   1118 O O   . ILE B 1 69 ? -2.572  -7.209  -1.902  1.00 20.11 ? 125  ILE B O   1 
ATOM   1119 C CB  . ILE B 1 69 ? -0.883  -7.456  0.894   1.00 24.09 ? 125  ILE B CB  1 
ATOM   1120 C CG1 . ILE B 1 69 ? -0.947  -5.972  1.254   1.00 21.94 ? 125  ILE B CG1 1 
ATOM   1121 C CG2 . ILE B 1 69 ? 0.195   -7.794  -0.150  1.00 26.51 ? 125  ILE B CG2 1 
ATOM   1122 C CD1 . ILE B 1 69 ? 0.258   -5.514  2.011   1.00 25.79 ? 125  ILE B CD1 1 
ATOM   1123 N N   . PHE B 1 70 ? -3.773  -6.190  -0.263  1.00 19.54 ? 126  PHE B N   1 
ATOM   1124 C CA  . PHE B 1 70 ? -4.594  -5.357  -1.151  1.00 19.94 ? 126  PHE B CA  1 
ATOM   1125 C C   . PHE B 1 70 ? -4.564  -3.916  -0.752  1.00 19.74 ? 126  PHE B C   1 
ATOM   1126 O O   . PHE B 1 70 ? -4.429  -3.592  0.406   1.00 20.12 ? 126  PHE B O   1 
ATOM   1127 C CB  . PHE B 1 70 ? -6.053  -5.846  -1.067  1.00 20.36 ? 126  PHE B CB  1 
ATOM   1128 C CG  . PHE B 1 70 ? -6.188  -7.286  -1.442  1.00 21.08 ? 126  PHE B CG  1 
ATOM   1129 C CD1 . PHE B 1 70 ? -5.858  -8.287  -0.520  1.00 23.40 ? 126  PHE B CD1 1 
ATOM   1130 C CD2 . PHE B 1 70 ? -6.540  -7.639  -2.723  1.00 21.56 ? 126  PHE B CD2 1 
ATOM   1131 C CE1 . PHE B 1 70 ? -5.895  -9.646  -0.885  1.00 24.66 ? 126  PHE B CE1 1 
ATOM   1132 C CE2 . PHE B 1 70 ? -6.608  -8.988  -3.083  1.00 23.74 ? 126  PHE B CE2 1 
ATOM   1133 C CZ  . PHE B 1 70 ? -6.269  -9.986  -2.167  1.00 22.70 ? 126  PHE B CZ  1 
ATOM   1134 N N   . LEU B 1 71 ? -4.771  -3.066  -1.720  1.00 19.63 ? 127  LEU B N   1 
ATOM   1135 C CA  . LEU B 1 71 ? -4.994  -1.660  -1.507  1.00 19.69 ? 127  LEU B CA  1 
ATOM   1136 C C   . LEU B 1 71 ? -6.460  -1.369  -1.900  1.00 20.34 ? 127  LEU B C   1 
ATOM   1137 O O   . LEU B 1 71 ? -6.854  -1.640  -3.059  1.00 22.43 ? 127  LEU B O   1 
ATOM   1138 C CB  . LEU B 1 71 ? -4.057  -0.848  -2.387  1.00 19.72 ? 127  LEU B CB  1 
ATOM   1139 C CG  . LEU B 1 71 ? -4.291  0.690   -2.398  1.00 17.94 ? 127  LEU B CG  1 
ATOM   1140 C CD1 . LEU B 1 71 ? -3.990  1.243   -1.012  1.00 17.57 ? 127  LEU B CD1 1 
ATOM   1141 C CD2 . LEU B 1 71 ? -3.362  1.306   -3.487  1.00 20.16 ? 127  LEU B CD2 1 
ATOM   1142 N N   . CYS B 1 72 ? -7.236  -0.903  -0.932  1.00 19.68 ? 128  CYS B N   1 
ATOM   1143 C CA  . CYS B 1 72 ? -8.582  -0.386  -1.149  1.00 20.93 ? 128  CYS B CA  1 
ATOM   1144 C C   . CYS B 1 72 ? -8.533  1.126   -1.218  1.00 19.63 ? 128  CYS B C   1 
ATOM   1145 O O   . CYS B 1 72 ? -7.943  1.752   -0.357  1.00 18.45 ? 128  CYS B O   1 
ATOM   1146 C CB  . CYS B 1 72 ? -9.520  -0.851  -0.050  1.00 20.64 ? 128  CYS B CB  1 
ATOM   1147 S SG  . CYS B 1 72 ? -9.563  -2.617  0.135   1.00 26.77 ? 128  CYS B SG  1 
ATOM   1148 N N   . THR B 1 73 ? -9.124  1.706   -2.258  1.00 19.74 ? 129  THR B N   1 
ATOM   1149 C CA  . THR B 1 73 ? -9.173  3.134   -2.397  1.00 20.39 ? 129  THR B CA  1 
ATOM   1150 C C   . THR B 1 73 ? -10.600 3.645   -2.574  1.00 22.04 ? 129  THR B C   1 
ATOM   1151 O O   . THR B 1 73 ? -11.420 2.962   -3.174  1.00 22.56 ? 129  THR B O   1 
ATOM   1152 C CB  . THR B 1 73 ? -8.369  3.583   -3.595  1.00 21.68 ? 129  THR B CB  1 
ATOM   1153 O OG1 . THR B 1 73 ? -8.622  2.710   -4.707  1.00 21.31 ? 129  THR B OG1 1 
ATOM   1154 C CG2 . THR B 1 73 ? -6.884  3.495   -3.240  1.00 19.60 ? 129  THR B CG2 1 
ATOM   1155 N N   . PRO B 1 74 ? -10.903 4.811   -2.003  1.00 22.06 ? 130  PRO B N   1 
ATOM   1156 C CA  . PRO B 1 74 ? -12.132 5.514   -2.324  1.00 24.08 ? 130  PRO B CA  1 
ATOM   1157 C C   . PRO B 1 74 ? -11.985 6.163   -3.702  1.00 24.58 ? 130  PRO B C   1 
ATOM   1158 O O   . PRO B 1 74 ? -10.867 6.119   -4.297  1.00 23.39 ? 130  PRO B O   1 
ATOM   1159 C CB  . PRO B 1 74 ? -12.194 6.600   -1.242  1.00 23.34 ? 130  PRO B CB  1 
ATOM   1160 C CG  . PRO B 1 74 ? -10.752 6.935   -0.982  1.00 24.78 ? 130  PRO B CG  1 
ATOM   1161 C CD  . PRO B 1 74 ? -9.957  5.676   -1.242  1.00 23.00 ? 130  PRO B CD  1 
ATOM   1162 N N   . ASP B 1 75 ? -13.060 6.813   -4.191  1.00 26.52 ? 131  ASP B N   1 
ATOM   1163 C CA  . ASP B 1 75 ? -13.018 7.432   -5.545  1.00 28.83 ? 131  ASP B CA  1 
ATOM   1164 C C   . ASP B 1 75 ? -12.086 8.644   -5.664  1.00 28.68 ? 131  ASP B C   1 
ATOM   1165 O O   . ASP B 1 75 ? -11.717 9.046   -6.751  1.00 30.32 ? 131  ASP B O   1 
ATOM   1166 C CB  . ASP B 1 75 ? -14.429 7.731   -6.135  1.00 31.05 ? 131  ASP B CB  1 
ATOM   1167 C CG  . ASP B 1 75 ? -15.182 8.868   -5.408  1.00 32.93 ? 131  ASP B CG  1 
ATOM   1168 O OD1 . ASP B 1 75 ? -14.688 9.454   -4.431  1.00 33.27 ? 131  ASP B OD1 1 
ATOM   1169 O OD2 . ASP B 1 75 ? -16.302 9.194   -5.860  1.00 39.35 ? 131  ASP B OD2 1 
ATOM   1170 N N   . ASN B 1 76 ? -11.680 9.208   -4.552  1.00 28.89 ? 132  ASN B N   1 
ATOM   1171 C CA  . ASN B 1 76 ? -10.797 10.363  -4.566  1.00 29.47 ? 132  ASN B CA  1 
ATOM   1172 C C   . ASN B 1 76 ? -9.275  9.984   -4.550  1.00 29.67 ? 132  ASN B C   1 
ATOM   1173 O O   . ASN B 1 76 ? -8.411  10.882  -4.354  1.00 28.81 ? 132  ASN B O   1 
ATOM   1174 C CB  . ASN B 1 76 ? -11.100 11.272  -3.365  1.00 29.33 ? 132  ASN B CB  1 
ATOM   1175 C CG  . ASN B 1 76 ? -11.029 10.545  -2.012  1.00 31.12 ? 132  ASN B CG  1 
ATOM   1176 O OD1 . ASN B 1 76 ? -11.937 9.821   -1.690  1.00 32.58 ? 132  ASN B OD1 1 
ATOM   1177 N ND2 . ASN B 1 76 ? -9.980  10.796  -1.187  1.00 32.02 ? 132  ASN B ND2 1 
ATOM   1178 N N   . VAL B 1 77 ? -8.954  8.690   -4.712  1.00 29.47 ? 133  VAL B N   1 
ATOM   1179 C CA  . VAL B 1 77 ? -7.549  8.254   -4.794  1.00 29.21 ? 133  VAL B CA  1 
ATOM   1180 C C   . VAL B 1 77 ? -7.316  7.554   -6.099  1.00 30.93 ? 133  VAL B C   1 
ATOM   1181 O O   . VAL B 1 77 ? -7.827  6.466   -6.293  1.00 31.04 ? 133  VAL B O   1 
ATOM   1182 C CB  . VAL B 1 77 ? -7.106  7.353   -3.606  1.00 29.47 ? 133  VAL B CB  1 
ATOM   1183 C CG1 . VAL B 1 77 ? -5.668  6.724   -3.871  1.00 27.55 ? 133  VAL B CG1 1 
ATOM   1184 C CG2 . VAL B 1 77 ? -7.108  8.185   -2.247  1.00 27.37 ? 133  VAL B CG2 1 
ATOM   1185 N N   . ASP B 1 78 ? -6.527  8.154   -7.007  1.00 32.69 ? 134  ASP B N   1 
ATOM   1186 C CA  . ASP B 1 78 ? -6.124  7.429   -8.227  1.00 34.20 ? 134  ASP B CA  1 
ATOM   1187 C C   . ASP B 1 78 ? -4.872  6.593   -8.035  1.00 33.34 ? 134  ASP B C   1 
ATOM   1188 O O   . ASP B 1 78 ? -3.851  7.114   -7.549  1.00 32.70 ? 134  ASP B O   1 
ATOM   1189 C CB  . ASP B 1 78 ? -5.818  8.385   -9.348  1.00 36.61 ? 134  ASP B CB  1 
ATOM   1190 C CG  . ASP B 1 78 ? -7.007  9.251   -9.706  1.00 41.28 ? 134  ASP B CG  1 
ATOM   1191 O OD1 . ASP B 1 78 ? -8.139  8.692   -9.733  1.00 47.12 ? 134  ASP B OD1 1 
ATOM   1192 O OD2 . ASP B 1 78 ? -6.786  10.480  -9.929  1.00 47.36 ? 134  ASP B OD2 1 
ATOM   1193 N N   . VAL B 1 79 ? -4.919  5.331   -8.469  1.00 32.71 ? 135  VAL B N   1 
ATOM   1194 C CA  . VAL B 1 79 ? -3.797  4.422   -8.344  1.00 32.06 ? 135  VAL B CA  1 
ATOM   1195 C C   . VAL B 1 79 ? -3.192  4.243   -9.719  1.00 35.39 ? 135  VAL B C   1 
ATOM   1196 O O   . VAL B 1 79 ? -3.933  3.952   -10.682 1.00 34.77 ? 135  VAL B O   1 
ATOM   1197 C CB  . VAL B 1 79 ? -4.261  3.054   -7.830  1.00 32.75 ? 135  VAL B CB  1 
ATOM   1198 C CG1 . VAL B 1 79 ? -3.024  2.061   -7.648  1.00 27.96 ? 135  VAL B CG1 1 
ATOM   1199 C CG2 . VAL B 1 79 ? -5.016  3.257   -6.551  1.00 27.06 ? 135  VAL B CG2 1 
ATOM   1200 N N   . SER B 1 80 ? -1.877  4.409   -9.854  1.00 35.68 ? 136  SER B N   1 
ATOM   1201 C CA  . SER B 1 80 ? -1.212  4.109   -11.124 1.00 37.48 ? 136  SER B CA  1 
ATOM   1202 C C   . SER B 1 80 ? -0.102  3.080   -10.959 1.00 39.13 ? 136  SER B C   1 
ATOM   1203 O O   . SER B 1 80 ? 0.573   3.017   -9.918  1.00 38.37 ? 136  SER B O   1 
ATOM   1204 C CB  . SER B 1 80 ? -0.640  5.385   -11.731 1.00 38.27 ? 136  SER B CB  1 
ATOM   1205 O OG  . SER B 1 80 ? 0.307   5.928   -10.860 1.00 38.37 ? 136  SER B OG  1 
ATOM   1206 N N   . GLY B 1 81 ? 0.092   2.286   -12.002 1.00 40.32 ? 137  GLY B N   1 
ATOM   1207 C CA  . GLY B 1 81 ? 1.087   1.237   -12.024 1.00 42.13 ? 137  GLY B CA  1 
ATOM   1208 C C   . GLY B 1 81 ? 0.424   -0.102  -11.775 1.00 44.46 ? 137  GLY B C   1 
ATOM   1209 O O   . GLY B 1 81 ? -0.760  -0.174  -11.427 1.00 44.16 ? 137  GLY B O   1 
ATOM   1210 N N   . THR B 1 82 ? 1.179   -1.190  -11.957 1.00 47.11 ? 138  THR B N   1 
ATOM   1211 C CA  . THR B 1 82 ? 0.636   -2.508  -11.666 1.00 48.75 ? 138  THR B CA  1 
ATOM   1212 C C   . THR B 1 82 ? 1.677   -3.414  -10.988 1.00 49.01 ? 138  THR B C   1 
ATOM   1213 O O   . THR B 1 82 ? 2.879   -3.138  -11.007 1.00 48.48 ? 138  THR B O   1 
ATOM   1214 C CB  . THR B 1 82 ? -0.066  -3.187  -12.943 1.00 49.62 ? 138  THR B CB  1 
ATOM   1215 O OG1 . THR B 1 82 ? -1.218  -3.927  -12.507 1.00 51.51 ? 138  THR B OG1 1 
ATOM   1216 C CG2 . THR B 1 82 ? 0.898   -4.125  -13.729 1.00 50.55 ? 138  THR B CG2 1 
ATOM   1217 N N   . ILE B 1 83 ? 1.144   -4.449  -10.344 1.00 49.67 ? 139  ILE B N   1 
ATOM   1218 C CA  . ILE B 1 83 ? 1.875   -5.465  -9.643  1.00 50.38 ? 139  ILE B CA  1 
ATOM   1219 C C   . ILE B 1 83 ? 1.361   -6.808  -10.165 1.00 51.31 ? 139  ILE B C   1 
ATOM   1220 O O   . ILE B 1 83 ? 0.173   -7.116  -10.057 1.00 52.13 ? 139  ILE B O   1 
ATOM   1221 C CB  . ILE B 1 83 ? 1.672   -5.336  -8.113  1.00 50.54 ? 139  ILE B CB  1 
ATOM   1222 C CG1 . ILE B 1 83 ? 2.621   -4.258  -7.555  1.00 49.68 ? 139  ILE B CG1 1 
ATOM   1223 C CG2 . ILE B 1 83 ? 1.860   -6.685  -7.430  1.00 49.93 ? 139  ILE B CG2 1 
ATOM   1224 C CD1 . ILE B 1 83 ? 2.336   -3.831  -6.106  1.00 51.05 ? 139  ILE B CD1 1 
ATOM   1225 N N   . SER B 1 84 ? 2.277   -7.562  -10.772 1.00 51.95 ? 140  SER B N   1 
ATOM   1226 C CA  . SER B 1 84 ? 2.058   -8.937  -11.255 1.00 52.45 ? 140  SER B CA  1 
ATOM   1227 C C   . SER B 1 84 ? 1.333   -9.873  -10.276 1.00 52.26 ? 140  SER B C   1 
ATOM   1228 O O   . SER B 1 84 ? 1.754   -10.052 -9.122  1.00 52.82 ? 140  SER B O   1 
ATOM   1229 C CB  . SER B 1 84 ? 3.422   -9.540  -11.623 1.00 52.63 ? 140  SER B CB  1 
ATOM   1230 O OG  . SER B 1 84 ? 4.126   -8.677  -12.504 1.00 52.39 ? 140  SER B OG  1 
HETATM 1231 O O   . HOH C 2 .  ? -2.259  9.301   -0.887  1.00 41.15 ? 2001 HOH A O   1 
HETATM 1232 O O   . HOH C 2 .  ? -0.906  12.968  -5.278  1.00 43.52 ? 2002 HOH A O   1 
HETATM 1233 O O   . HOH C 2 .  ? 0.006   9.745   -2.580  1.00 26.12 ? 2003 HOH A O   1 
HETATM 1234 O O   . HOH C 2 .  ? 5.406   2.239   -11.244 1.00 42.74 ? 2004 HOH A O   1 
HETATM 1235 O O   . HOH C 2 .  ? 7.116   -1.188  -11.486 1.00 38.22 ? 2005 HOH A O   1 
HETATM 1236 O O   . HOH C 2 .  ? 4.517   -9.538  -6.812  1.00 56.88 ? 2006 HOH A O   1 
HETATM 1237 O O   . HOH C 2 .  ? 10.003  -6.627  -7.396  1.00 27.35 ? 2007 HOH A O   1 
HETATM 1238 O O   . HOH C 2 .  ? 19.718  -5.054  -9.361  1.00 32.41 ? 2008 HOH A O   1 
HETATM 1239 O O   . HOH C 2 .  ? 20.554  -1.453  -11.172 1.00 34.88 ? 2009 HOH A O   1 
HETATM 1240 O O   . HOH C 2 .  ? 19.005  3.274   -7.248  1.00 34.84 ? 2010 HOH A O   1 
HETATM 1241 O O   . HOH C 2 .  ? 24.390  2.704   -4.102  1.00 42.48 ? 2011 HOH A O   1 
HETATM 1242 O O   . HOH C 2 .  ? 20.915  4.200   -8.426  1.00 43.60 ? 2012 HOH A O   1 
HETATM 1243 O O   . HOH C 2 .  ? 9.129   8.487   -11.329 1.00 27.94 ? 2013 HOH A O   1 
HETATM 1244 O O   . HOH C 2 .  ? 11.486  9.011   -12.722 1.00 31.59 ? 2014 HOH A O   1 
HETATM 1245 O O   . HOH C 2 .  ? 7.892   11.184  -11.015 1.00 34.31 ? 2015 HOH A O   1 
HETATM 1246 O O   . HOH C 2 .  ? 8.333   15.046  -1.107  1.00 25.91 ? 2016 HOH A O   1 
HETATM 1247 O O   . HOH C 2 .  ? 2.416   15.869  -7.308  1.00 30.12 ? 2017 HOH A O   1 
HETATM 1248 O O   . HOH C 2 .  ? -0.107  12.281  -2.734  1.00 36.23 ? 2018 HOH A O   1 
HETATM 1249 O O   . HOH C 2 .  ? 0.917   13.961  -7.938  1.00 40.77 ? 2019 HOH A O   1 
HETATM 1250 O O   . HOH C 2 .  ? -1.596  17.290  -7.137  1.00 42.30 ? 2020 HOH A O   1 
HETATM 1251 O O   . HOH C 2 .  ? 12.595  -9.624  -1.288  1.00 49.31 ? 2021 HOH A O   1 
HETATM 1252 O O   . HOH C 2 .  ? 22.799  -5.094  1.437   1.00 34.01 ? 2022 HOH A O   1 
HETATM 1253 O O   . HOH C 2 .  ? 7.626   -11.359 -13.162 1.00 50.57 ? 2023 HOH A O   1 
HETATM 1254 O O   . HOH C 2 .  ? 13.159  8.033   7.928   1.00 40.94 ? 2024 HOH A O   1 
HETATM 1255 O O   . HOH C 2 .  ? 20.512  -11.969 0.178   1.00 57.55 ? 2025 HOH A O   1 
HETATM 1256 O O   . HOH C 2 .  ? 22.351  -6.971  -0.537  1.00 30.52 ? 2026 HOH A O   1 
HETATM 1257 O O   . HOH C 2 .  ? 16.799  1.017   5.785   1.00 34.62 ? 2027 HOH A O   1 
HETATM 1258 O O   . HOH C 2 .  ? 22.152  -2.477  1.204   1.00 27.09 ? 2028 HOH A O   1 
HETATM 1259 O O   . HOH C 2 .  ? 14.937  6.716   6.866   1.00 33.33 ? 2029 HOH A O   1 
HETATM 1260 O O   . HOH C 2 .  ? 13.928  13.128  7.711   1.00 32.71 ? 2030 HOH A O   1 
HETATM 1261 O O   . HOH C 2 .  ? 8.585   14.593  1.667   1.00 30.20 ? 2031 HOH A O   1 
HETATM 1262 O O   . HOH C 2 .  ? 5.312   5.159   4.912   1.00 24.32 ? 2032 HOH A O   1 
HETATM 1263 O O   . HOH C 2 .  ? 9.320   3.810   10.047  1.00 55.43 ? 2033 HOH A O   1 
HETATM 1264 O O   . HOH C 2 .  ? 8.561   -0.840  9.010   1.00 30.54 ? 2034 HOH A O   1 
HETATM 1265 O O   . HOH C 2 .  ? 4.704   10.054  5.772   1.00 25.02 ? 2035 HOH A O   1 
HETATM 1266 O O   . HOH C 2 .  ? -1.399  13.701  -0.524  1.00 35.22 ? 2036 HOH A O   1 
HETATM 1267 O O   . HOH C 2 .  ? -3.943  8.154   8.486   1.00 38.53 ? 2037 HOH A O   1 
HETATM 1268 O O   . HOH C 2 .  ? -0.859  4.697   14.185  1.00 47.25 ? 2038 HOH A O   1 
HETATM 1269 O O   . HOH D 2 .  ? -7.003  10.435  1.639   1.00 44.55 ? 2001 HOH B O   1 
HETATM 1270 O O   . HOH D 2 .  ? -5.629  -0.486  11.204  1.00 46.36 ? 2002 HOH B O   1 
HETATM 1271 O O   . HOH D 2 .  ? -5.490  -3.510  11.965  1.00 49.66 ? 2003 HOH B O   1 
HETATM 1272 O O   . HOH D 2 .  ? -2.560  -10.903 8.166   1.00 41.22 ? 2004 HOH B O   1 
HETATM 1273 O O   . HOH D 2 .  ? -13.120 -14.288 10.758  1.00 44.11 ? 2005 HOH B O   1 
HETATM 1274 O O   . HOH D 2 .  ? -16.088 -11.985 12.370  1.00 34.84 ? 2006 HOH B O   1 
HETATM 1275 O O   . HOH D 2 .  ? -13.233 5.404   10.473  1.00 40.95 ? 2007 HOH B O   1 
HETATM 1276 O O   . HOH D 2 .  ? -15.618 7.131   0.011   1.00 32.49 ? 2008 HOH B O   1 
HETATM 1277 O O   . HOH D 2 .  ? -15.462 6.286   -2.993  1.00 27.94 ? 2009 HOH B O   1 
HETATM 1278 O O   . HOH D 2 .  ? -18.302 7.590   -0.017  1.00 51.39 ? 2010 HOH B O   1 
HETATM 1279 O O   . HOH D 2 .  ? 2.593   -9.718  7.071   1.00 50.11 ? 2011 HOH B O   1 
HETATM 1280 O O   . HOH D 2 .  ? -8.680  -21.171 5.829   1.00 48.61 ? 2012 HOH B O   1 
HETATM 1281 O O   . HOH D 2 .  ? -5.168  -20.620 6.348   1.00 33.35 ? 2013 HOH B O   1 
HETATM 1282 O O   . HOH D 2 .  ? -14.050 -18.454 2.756   1.00 32.60 ? 2014 HOH B O   1 
HETATM 1283 O O   . HOH D 2 .  ? -9.261  -8.152  -5.870  1.00 49.17 ? 2015 HOH B O   1 
HETATM 1284 O O   . HOH D 2 .  ? -21.244 -3.968  -13.108 1.00 45.88 ? 2016 HOH B O   1 
HETATM 1285 O O   . HOH D 2 .  ? -7.230  0.411   -5.130  1.00 20.24 ? 2017 HOH B O   1 
HETATM 1286 O O   . HOH D 2 .  ? -3.864  0.675   -11.283 1.00 50.14 ? 2018 HOH B O   1 
HETATM 1287 O O   . HOH D 2 .  ? -5.994  -6.926  -8.356  1.00 33.03 ? 2019 HOH B O   1 
HETATM 1288 O O   . HOH D 2 .  ? -2.947  -13.009 -3.382  1.00 57.26 ? 2020 HOH B O   1 
HETATM 1289 O O   . HOH D 2 .  ? -9.612  4.407   -6.646  1.00 27.52 ? 2021 HOH B O   1 
# 
